data_2LSO
#
_entry.id   2LSO
#
_entity_poly.entity_id   1
_entity_poly.type   'polypeptide(L)'
_entity_poly.pdbx_seq_one_letter_code
;SHMQPGKYSQLVVETIRRLGERNGSSLAKIYTEAKKVPWFDQQNGRTYLKYSIKALVQNDTLLQVKGTGANGSFKLNRKK
LEG
;
_entity_poly.pdbx_strand_id   A
#
# COMPACT_ATOMS: atom_id res chain seq x y z
N SER A 1 -13.59 -9.39 -15.59
CA SER A 1 -12.40 -9.60 -14.72
C SER A 1 -12.27 -11.10 -14.36
N HIS A 2 -11.45 -11.87 -15.13
CA HIS A 2 -11.19 -13.31 -14.83
C HIS A 2 -9.87 -13.49 -14.03
N MET A 3 -9.01 -12.46 -14.01
CA MET A 3 -7.71 -12.51 -13.31
C MET A 3 -7.24 -11.08 -12.90
N GLN A 4 -7.45 -10.75 -11.61
CA GLN A 4 -6.88 -9.53 -10.98
C GLN A 4 -5.93 -9.93 -9.83
N PRO A 5 -4.79 -9.20 -9.62
CA PRO A 5 -3.85 -9.48 -8.48
C PRO A 5 -4.30 -8.84 -7.13
N GLY A 6 -5.63 -8.69 -6.95
CA GLY A 6 -6.19 -8.01 -5.78
C GLY A 6 -6.38 -6.51 -6.03
N LYS A 7 -7.63 -6.06 -6.17
CA LYS A 7 -7.97 -4.63 -6.39
C LYS A 7 -7.54 -3.73 -5.20
N TYR A 8 -7.36 -4.33 -4.01
CA TYR A 8 -6.81 -3.64 -2.82
C TYR A 8 -5.31 -3.34 -2.98
N SER A 9 -4.54 -4.26 -3.60
CA SER A 9 -3.07 -4.04 -3.84
C SER A 9 -2.83 -2.96 -4.91
N GLN A 10 -3.69 -2.97 -5.95
CA GLN A 10 -3.67 -1.96 -7.03
C GLN A 10 -4.06 -0.56 -6.47
N LEU A 11 -5.02 -0.58 -5.53
CA LEU A 11 -5.43 0.62 -4.78
C LEU A 11 -4.27 1.18 -3.93
N VAL A 12 -3.53 0.30 -3.22
CA VAL A 12 -2.34 0.70 -2.39
C VAL A 12 -1.26 1.41 -3.24
N VAL A 13 -0.88 0.79 -4.36
CA VAL A 13 0.11 1.34 -5.31
C VAL A 13 -0.26 2.79 -5.72
N GLU A 14 -1.51 2.94 -6.18
CA GLU A 14 -2.01 4.23 -6.65
C GLU A 14 -2.22 5.23 -5.48
N THR A 15 -2.55 4.73 -4.28
CA THR A 15 -2.75 5.57 -3.05
C THR A 15 -1.46 6.30 -2.66
N ILE A 16 -0.35 5.54 -2.60
CA ILE A 16 0.99 6.10 -2.30
C ILE A 16 1.46 7.02 -3.45
N ARG A 17 1.02 6.71 -4.68
CA ARG A 17 1.25 7.54 -5.89
C ARG A 17 0.51 8.90 -5.79
N ARG A 18 -0.73 8.89 -5.21
CA ARG A 18 -1.55 10.12 -4.99
C ARG A 18 -0.83 11.09 -4.03
N LEU A 19 -0.31 10.53 -2.92
CA LEU A 19 0.40 11.28 -1.87
C LEU A 19 1.87 11.59 -2.26
N GLY A 20 2.47 10.71 -3.07
CA GLY A 20 3.93 10.74 -3.36
C GLY A 20 4.74 9.99 -2.29
N GLU A 21 4.82 10.62 -1.10
CA GLU A 21 5.48 10.06 0.11
C GLU A 21 6.92 9.52 -0.13
N ARG A 22 7.88 10.45 -0.28
CA ARG A 22 9.31 10.13 -0.50
C ARG A 22 9.95 9.47 0.75
N ASN A 23 9.38 9.77 1.94
CA ASN A 23 9.89 9.25 3.22
C ASN A 23 9.14 7.96 3.63
N GLY A 24 7.90 7.78 3.11
CA GLY A 24 7.04 6.62 3.44
C GLY A 24 5.76 7.02 4.19
N SER A 25 4.65 6.32 3.90
CA SER A 25 3.30 6.61 4.47
C SER A 25 2.86 5.47 5.41
N SER A 26 2.42 5.81 6.65
CA SER A 26 1.90 4.80 7.61
C SER A 26 0.72 4.00 7.03
N LEU A 27 0.58 2.73 7.47
CA LEU A 27 -0.59 1.87 7.13
C LEU A 27 -1.92 2.56 7.49
N ALA A 28 -1.90 3.38 8.57
CA ALA A 28 -3.05 4.19 9.02
C ALA A 28 -3.39 5.33 8.00
N LYS A 29 -2.34 5.98 7.46
CA LYS A 29 -2.50 7.08 6.46
C LYS A 29 -3.03 6.52 5.12
N ILE A 30 -2.36 5.44 4.64
CA ILE A 30 -2.76 4.68 3.42
C ILE A 30 -4.22 4.18 3.52
N TYR A 31 -4.59 3.70 4.73
CA TYR A 31 -5.96 3.25 5.05
C TYR A 31 -7.00 4.38 4.89
N THR A 32 -6.68 5.56 5.43
CA THR A 32 -7.58 6.74 5.39
C THR A 32 -7.83 7.20 3.92
N GLU A 33 -6.82 7.08 3.06
CA GLU A 33 -6.95 7.39 1.62
C GLU A 33 -7.70 6.27 0.86
N ALA A 34 -7.46 5.01 1.29
CA ALA A 34 -8.03 3.82 0.64
C ALA A 34 -9.53 3.63 0.95
N LYS A 35 -9.99 4.10 2.13
CA LYS A 35 -11.41 3.96 2.55
C LYS A 35 -12.34 5.00 1.86
N LYS A 36 -11.74 5.93 1.08
CA LYS A 36 -12.47 6.98 0.33
C LYS A 36 -13.23 6.43 -0.92
N VAL A 37 -12.97 5.17 -1.33
CA VAL A 37 -13.72 4.51 -2.43
C VAL A 37 -14.98 3.76 -1.90
N PRO A 38 -16.15 3.85 -2.63
CA PRO A 38 -17.41 3.18 -2.21
C PRO A 38 -17.36 1.64 -2.32
N TRP A 39 -16.46 1.09 -3.17
CA TRP A 39 -16.30 -0.39 -3.31
C TRP A 39 -15.44 -0.98 -2.16
N PHE A 40 -14.60 -0.13 -1.53
CA PHE A 40 -13.73 -0.54 -0.41
C PHE A 40 -14.55 -1.06 0.80
N ASP A 41 -14.15 -2.23 1.33
CA ASP A 41 -14.77 -2.81 2.53
C ASP A 41 -14.27 -2.04 3.79
N GLN A 42 -15.18 -1.23 4.39
CA GLN A 42 -14.85 -0.41 5.58
C GLN A 42 -14.57 -1.27 6.85
N GLN A 43 -14.96 -2.56 6.80
CA GLN A 43 -14.90 -3.49 7.97
C GLN A 43 -13.53 -4.22 8.06
N ASN A 44 -13.29 -5.15 7.13
CA ASN A 44 -12.08 -6.02 7.11
C ASN A 44 -11.03 -5.50 6.10
N GLY A 45 -11.37 -4.38 5.41
CA GLY A 45 -10.50 -3.78 4.38
C GLY A 45 -9.11 -3.36 4.88
N ARG A 46 -9.01 -3.04 6.18
CA ARG A 46 -7.73 -2.70 6.83
C ARG A 46 -6.76 -3.90 6.86
N THR A 47 -7.32 -5.12 7.12
CA THR A 47 -6.56 -6.40 7.04
C THR A 47 -6.18 -6.71 5.57
N TYR A 48 -7.09 -6.41 4.63
CA TYR A 48 -6.85 -6.63 3.19
C TYR A 48 -5.69 -5.72 2.68
N LEU A 49 -5.64 -4.46 3.15
CA LEU A 49 -4.51 -3.54 2.86
C LEU A 49 -3.21 -4.04 3.52
N LYS A 50 -3.31 -4.48 4.79
CA LYS A 50 -2.17 -4.99 5.59
C LYS A 50 -1.45 -6.14 4.82
N TYR A 51 -2.25 -7.06 4.28
CA TYR A 51 -1.75 -8.23 3.52
C TYR A 51 -1.32 -7.87 2.08
N SER A 52 -2.07 -6.96 1.42
CA SER A 52 -1.76 -6.49 0.04
C SER A 52 -0.39 -5.79 0.00
N ILE A 53 -0.20 -4.83 0.91
CA ILE A 53 1.07 -4.11 1.15
C ILE A 53 2.24 -5.10 1.38
N LYS A 54 2.04 -6.02 2.35
CA LYS A 54 3.09 -6.98 2.78
C LYS A 54 3.56 -7.88 1.61
N ALA A 55 2.59 -8.33 0.80
CA ALA A 55 2.86 -9.11 -0.42
C ALA A 55 3.61 -8.26 -1.48
N LEU A 56 3.25 -6.97 -1.62
CA LEU A 56 3.92 -6.02 -2.55
C LEU A 56 5.37 -5.69 -2.09
N VAL A 57 5.62 -5.70 -0.76
CA VAL A 57 7.00 -5.52 -0.21
C VAL A 57 7.86 -6.78 -0.55
N GLN A 58 7.22 -7.96 -0.49
CA GLN A 58 7.80 -9.24 -0.91
C GLN A 58 8.09 -9.26 -2.44
N ASN A 59 7.22 -8.59 -3.24
CA ASN A 59 7.42 -8.42 -4.70
C ASN A 59 8.34 -7.22 -5.05
N ASP A 60 8.96 -6.58 -4.02
CA ASP A 60 9.88 -5.42 -4.18
C ASP A 60 9.20 -4.22 -4.91
N THR A 61 7.86 -4.19 -4.85
CA THR A 61 7.04 -3.10 -5.42
C THR A 61 6.94 -1.94 -4.40
N LEU A 62 6.90 -2.31 -3.10
CA LEU A 62 6.93 -1.35 -1.98
C LEU A 62 8.21 -1.52 -1.14
N LEU A 63 8.67 -0.40 -0.56
CA LEU A 63 9.80 -0.34 0.38
C LEU A 63 9.28 -0.18 1.82
N GLN A 64 9.63 -1.13 2.71
CA GLN A 64 9.22 -1.11 4.12
C GLN A 64 10.04 -0.05 4.92
N VAL A 65 9.34 0.99 5.37
CA VAL A 65 9.91 2.09 6.18
C VAL A 65 9.47 1.94 7.66
N LYS A 66 10.41 2.09 8.59
CA LYS A 66 10.13 1.98 10.04
C LYS A 66 10.98 2.98 10.85
N GLY A 67 10.35 3.62 11.86
CA GLY A 67 11.05 4.54 12.77
C GLY A 67 10.77 6.02 12.52
N THR A 68 11.02 6.50 11.29
CA THR A 68 11.00 7.95 10.96
C THR A 68 9.61 8.62 11.12
N GLY A 69 8.57 7.99 10.56
CA GLY A 69 7.20 8.53 10.58
C GLY A 69 6.27 7.74 11.48
N ALA A 70 6.25 6.42 11.27
CA ALA A 70 5.47 5.47 12.09
C ALA A 70 6.20 4.11 12.18
N ASN A 71 5.58 3.15 12.91
CA ASN A 71 6.11 1.77 13.04
C ASN A 71 6.07 1.04 11.67
N GLY A 72 4.89 1.03 11.05
CA GLY A 72 4.69 0.44 9.72
C GLY A 72 4.39 1.48 8.65
N SER A 73 5.43 2.14 8.14
CA SER A 73 5.32 3.10 7.01
C SER A 73 5.76 2.41 5.70
N PHE A 74 5.18 2.79 4.56
CA PHE A 74 5.40 2.10 3.26
C PHE A 74 5.32 3.09 2.09
N LYS A 75 6.16 2.88 1.05
CA LYS A 75 6.20 3.75 -0.15
C LYS A 75 6.50 2.93 -1.41
N LEU A 76 6.36 3.56 -2.60
CA LEU A 76 6.63 2.90 -3.90
C LEU A 76 8.13 2.66 -4.14
N ASN A 77 8.47 1.60 -4.89
CA ASN A 77 9.85 1.31 -5.34
C ASN A 77 9.96 1.61 -6.85
N ARG A 78 9.24 0.79 -7.66
CA ARG A 78 9.28 0.83 -9.15
C ARG A 78 8.25 -0.19 -9.72
N LYS A 79 8.19 -0.35 -11.07
CA LYS A 79 7.35 -1.38 -11.73
C LYS A 79 8.07 -2.77 -11.75
N LYS A 80 8.91 -3.03 -10.72
CA LYS A 80 9.71 -4.25 -10.56
C LYS A 80 8.81 -5.49 -10.21
N LEU A 81 7.50 -5.22 -9.96
CA LEU A 81 6.47 -6.24 -9.62
C LEU A 81 6.46 -7.38 -10.67
N GLU A 82 6.37 -6.99 -11.95
CA GLU A 82 6.30 -7.92 -13.09
C GLU A 82 7.62 -7.95 -13.89
N GLY A 83 8.56 -7.04 -13.56
CA GLY A 83 9.86 -6.95 -14.27
C GLY A 83 11.05 -7.14 -13.34
N SER A 1 -7.16 -14.41 -23.73
CA SER A 1 -7.82 -14.55 -22.40
C SER A 1 -7.28 -13.51 -21.39
N HIS A 2 -8.13 -12.53 -21.02
CA HIS A 2 -7.80 -11.49 -20.01
C HIS A 2 -8.44 -11.84 -18.63
N MET A 3 -7.62 -12.30 -17.67
CA MET A 3 -8.07 -12.56 -16.28
C MET A 3 -6.94 -12.26 -15.25
N GLN A 4 -6.74 -10.96 -14.97
CA GLN A 4 -5.73 -10.47 -14.01
C GLN A 4 -6.41 -9.84 -12.76
N PRO A 5 -6.27 -10.46 -11.54
CA PRO A 5 -6.88 -9.92 -10.30
C PRO A 5 -6.04 -8.78 -9.64
N GLY A 6 -6.62 -8.13 -8.61
CA GLY A 6 -5.94 -7.06 -7.86
C GLY A 6 -6.69 -5.72 -7.90
N LYS A 7 -7.26 -5.31 -6.75
CA LYS A 7 -7.99 -4.04 -6.61
C LYS A 7 -7.51 -3.26 -5.36
N TYR A 8 -7.38 -3.93 -4.19
CA TYR A 8 -6.84 -3.31 -2.96
C TYR A 8 -5.31 -3.11 -3.08
N SER A 9 -4.63 -4.03 -3.81
CA SER A 9 -3.20 -3.89 -4.18
C SER A 9 -2.96 -2.63 -5.03
N GLN A 10 -3.82 -2.44 -6.05
CA GLN A 10 -3.84 -1.23 -6.89
C GLN A 10 -4.11 0.03 -6.03
N LEU A 11 -5.09 -0.09 -5.11
CA LEU A 11 -5.54 1.00 -4.20
C LEU A 11 -4.39 1.53 -3.29
N VAL A 12 -3.52 0.63 -2.80
CA VAL A 12 -2.32 1.01 -2.01
C VAL A 12 -1.30 1.80 -2.90
N VAL A 13 -1.05 1.27 -4.10
CA VAL A 13 -0.17 1.91 -5.11
C VAL A 13 -0.70 3.33 -5.51
N GLU A 14 -2.02 3.46 -5.61
CA GLU A 14 -2.72 4.72 -5.89
C GLU A 14 -2.53 5.72 -4.72
N THR A 15 -2.75 5.23 -3.48
CA THR A 15 -2.62 6.06 -2.25
C THR A 15 -1.22 6.69 -2.11
N ILE A 16 -0.18 5.87 -2.27
CA ILE A 16 1.23 6.33 -2.19
C ILE A 16 1.56 7.32 -3.36
N ARG A 17 0.96 7.06 -4.53
CA ARG A 17 1.09 7.94 -5.73
C ARG A 17 0.42 9.33 -5.51
N ARG A 18 -0.73 9.35 -4.81
CA ARG A 18 -1.52 10.58 -4.53
C ARG A 18 -0.82 11.46 -3.47
N LEU A 19 -0.39 10.82 -2.38
CA LEU A 19 0.34 11.48 -1.28
C LEU A 19 1.78 11.86 -1.70
N GLY A 20 2.37 11.02 -2.58
CA GLY A 20 3.79 11.18 -2.96
C GLY A 20 4.73 10.66 -1.87
N GLU A 21 4.83 11.44 -0.77
CA GLU A 21 5.59 11.09 0.46
C GLU A 21 7.05 10.62 0.19
N ARG A 22 8.01 11.56 0.32
CA ARG A 22 9.45 11.31 0.04
C ARG A 22 10.08 10.24 0.99
N ASN A 23 9.41 9.93 2.11
CA ASN A 23 9.84 8.89 3.08
C ASN A 23 8.73 7.84 3.32
N GLY A 24 7.76 7.76 2.38
CA GLY A 24 6.71 6.72 2.42
C GLY A 24 5.48 7.07 3.28
N SER A 25 4.34 6.44 2.95
CA SER A 25 3.06 6.61 3.69
C SER A 25 2.88 5.44 4.68
N SER A 26 2.71 5.75 5.99
CA SER A 26 2.49 4.71 7.04
C SER A 26 1.16 3.95 6.84
N LEU A 27 0.98 2.80 7.53
CA LEU A 27 -0.20 1.91 7.34
C LEU A 27 -1.55 2.65 7.58
N ALA A 28 -1.64 3.41 8.69
CA ALA A 28 -2.86 4.21 9.02
C ALA A 28 -3.02 5.42 8.04
N LYS A 29 -1.88 6.01 7.62
CA LYS A 29 -1.82 7.09 6.60
C LYS A 29 -2.37 6.60 5.22
N ILE A 30 -2.08 5.33 4.89
CA ILE A 30 -2.59 4.67 3.66
C ILE A 30 -4.10 4.38 3.78
N TYR A 31 -4.51 3.82 4.93
CA TYR A 31 -5.92 3.47 5.24
C TYR A 31 -6.88 4.68 5.04
N THR A 32 -6.45 5.85 5.53
CA THR A 32 -7.22 7.12 5.44
C THR A 32 -7.61 7.50 3.98
N GLU A 33 -6.65 7.37 3.05
CA GLU A 33 -6.86 7.71 1.62
C GLU A 33 -7.48 6.53 0.83
N ALA A 34 -7.34 5.31 1.38
CA ALA A 34 -7.83 4.08 0.72
C ALA A 34 -9.33 3.82 0.96
N LYS A 35 -9.86 4.27 2.11
CA LYS A 35 -11.29 4.05 2.49
C LYS A 35 -12.30 4.95 1.71
N LYS A 36 -11.80 5.70 0.70
CA LYS A 36 -12.62 6.64 -0.12
C LYS A 36 -13.45 5.92 -1.24
N VAL A 37 -13.14 4.65 -1.52
CA VAL A 37 -13.83 3.86 -2.59
C VAL A 37 -15.11 3.15 -2.07
N PRO A 38 -16.19 3.02 -2.94
CA PRO A 38 -17.44 2.33 -2.56
C PRO A 38 -17.28 0.77 -2.47
N TRP A 39 -16.28 0.22 -3.19
CA TRP A 39 -15.97 -1.23 -3.14
C TRP A 39 -15.05 -1.58 -1.93
N PHE A 40 -14.49 -0.53 -1.28
CA PHE A 40 -13.72 -0.72 -0.03
C PHE A 40 -14.65 -1.21 1.10
N ASP A 41 -14.36 -2.41 1.63
CA ASP A 41 -15.09 -2.98 2.76
C ASP A 41 -14.67 -2.26 4.07
N GLN A 42 -15.61 -1.54 4.69
CA GLN A 42 -15.37 -0.78 5.94
C GLN A 42 -15.02 -1.73 7.13
N GLN A 43 -15.32 -3.03 6.98
CA GLN A 43 -15.06 -4.08 8.00
C GLN A 43 -13.64 -4.71 7.82
N ASN A 44 -13.47 -5.50 6.76
CA ASN A 44 -12.23 -6.31 6.52
C ASN A 44 -11.27 -5.63 5.51
N GLY A 45 -11.62 -4.41 5.07
CA GLY A 45 -10.81 -3.68 4.08
C GLY A 45 -9.42 -3.31 4.55
N ARG A 46 -9.27 -3.01 5.87
CA ARG A 46 -7.95 -2.74 6.49
C ARG A 46 -7.03 -3.98 6.38
N THR A 47 -7.62 -5.19 6.59
CA THR A 47 -6.92 -6.49 6.44
C THR A 47 -6.43 -6.70 4.99
N TYR A 48 -7.32 -6.35 4.03
CA TYR A 48 -7.01 -6.46 2.58
C TYR A 48 -5.86 -5.51 2.18
N LEU A 49 -5.83 -4.27 2.74
CA LEU A 49 -4.72 -3.31 2.54
C LEU A 49 -3.41 -3.86 3.14
N LYS A 50 -3.50 -4.27 4.41
CA LYS A 50 -2.35 -4.75 5.22
C LYS A 50 -1.66 -5.98 4.57
N TYR A 51 -2.48 -6.87 3.98
CA TYR A 51 -2.00 -8.05 3.24
C TYR A 51 -1.48 -7.68 1.83
N SER A 52 -2.12 -6.70 1.16
CA SER A 52 -1.64 -6.19 -0.16
C SER A 52 -0.25 -5.55 -0.02
N ILE A 53 -0.07 -4.77 1.05
CA ILE A 53 1.20 -4.10 1.37
C ILE A 53 2.32 -5.15 1.63
N LYS A 54 2.07 -6.08 2.58
CA LYS A 54 3.05 -7.11 2.97
C LYS A 54 3.47 -7.98 1.75
N ALA A 55 2.46 -8.38 0.96
CA ALA A 55 2.67 -9.22 -0.24
C ALA A 55 3.53 -8.49 -1.30
N LEU A 56 3.29 -7.19 -1.50
CA LEU A 56 4.07 -6.35 -2.45
C LEU A 56 5.46 -5.98 -1.89
N VAL A 57 5.61 -5.89 -0.56
CA VAL A 57 6.93 -5.66 0.10
C VAL A 57 7.83 -6.92 -0.07
N GLN A 58 7.19 -8.11 0.08
CA GLN A 58 7.82 -9.43 -0.12
C GLN A 58 8.29 -9.58 -1.59
N ASN A 59 7.49 -9.05 -2.53
CA ASN A 59 7.80 -9.09 -3.98
C ASN A 59 8.68 -7.89 -4.43
N ASP A 60 9.08 -7.02 -3.48
CA ASP A 60 9.90 -5.80 -3.76
C ASP A 60 9.22 -4.84 -4.77
N THR A 61 7.88 -4.82 -4.77
CA THR A 61 7.06 -3.77 -5.42
C THR A 61 6.92 -2.55 -4.47
N LEU A 62 6.95 -2.81 -3.14
CA LEU A 62 6.94 -1.75 -2.11
C LEU A 62 8.21 -1.85 -1.21
N LEU A 63 8.62 -0.69 -0.67
CA LEU A 63 9.72 -0.57 0.32
C LEU A 63 9.15 -0.32 1.74
N GLN A 64 9.59 -1.11 2.73
CA GLN A 64 9.24 -0.90 4.15
C GLN A 64 10.20 0.15 4.81
N VAL A 65 9.74 1.40 4.89
CA VAL A 65 10.49 2.51 5.51
C VAL A 65 10.25 2.51 7.04
N LYS A 66 11.17 1.90 7.78
CA LYS A 66 11.05 1.67 9.24
C LYS A 66 11.90 2.69 10.05
N GLY A 67 11.58 2.84 11.34
CA GLY A 67 12.32 3.74 12.24
C GLY A 67 12.09 5.25 11.98
N THR A 68 11.20 5.57 11.02
CA THR A 68 10.93 6.98 10.62
C THR A 68 9.94 7.67 11.58
N GLY A 69 8.79 7.00 11.87
CA GLY A 69 7.72 7.63 12.68
C GLY A 69 6.73 6.62 13.27
N ALA A 70 7.27 5.64 14.04
CA ALA A 70 6.49 4.67 14.87
C ALA A 70 5.67 3.65 14.05
N ASN A 71 4.57 4.13 13.42
CA ASN A 71 3.57 3.29 12.70
C ASN A 71 4.20 2.37 11.60
N GLY A 72 5.27 2.86 10.95
CA GLY A 72 5.96 2.12 9.86
C GLY A 72 5.46 2.55 8.48
N SER A 73 6.33 3.26 7.73
CA SER A 73 5.97 3.83 6.40
C SER A 73 6.22 2.85 5.24
N PHE A 74 5.48 3.03 4.13
CA PHE A 74 5.55 2.16 2.94
C PHE A 74 5.47 3.02 1.66
N LYS A 75 6.32 2.71 0.66
CA LYS A 75 6.40 3.48 -0.60
C LYS A 75 6.61 2.56 -1.82
N LEU A 76 6.52 3.14 -3.03
CA LEU A 76 6.75 2.40 -4.28
C LEU A 76 8.27 2.17 -4.50
N ASN A 77 8.65 0.91 -4.76
CA ASN A 77 10.05 0.54 -5.10
C ASN A 77 10.37 0.97 -6.56
N ARG A 78 11.55 0.60 -7.07
CA ARG A 78 12.01 0.95 -8.42
C ARG A 78 11.60 -0.13 -9.46
N LYS A 79 12.16 -0.06 -10.68
CA LYS A 79 11.74 -0.87 -11.85
C LYS A 79 12.45 -2.26 -11.87
N LYS A 80 12.41 -2.97 -10.70
CA LYS A 80 12.90 -4.37 -10.56
C LYS A 80 12.12 -5.37 -11.45
N LEU A 81 10.95 -4.92 -11.93
CA LEU A 81 10.07 -5.69 -12.85
C LEU A 81 10.83 -6.36 -14.02
N GLU A 82 11.50 -5.54 -14.84
CA GLU A 82 12.29 -5.99 -16.02
C GLU A 82 13.48 -5.03 -16.32
N GLY A 83 13.53 -3.87 -15.63
CA GLY A 83 14.59 -2.87 -15.83
C GLY A 83 14.34 -1.98 -17.05
N SER A 1 -1.18 -21.19 -8.77
CA SER A 1 -1.77 -21.23 -7.40
C SER A 1 -3.03 -20.31 -7.31
N HIS A 2 -2.81 -18.98 -7.23
CA HIS A 2 -3.91 -17.99 -7.12
C HIS A 2 -3.43 -16.62 -7.65
N MET A 3 -3.52 -16.43 -8.97
CA MET A 3 -3.31 -15.12 -9.61
C MET A 3 -4.66 -14.40 -9.77
N GLN A 4 -4.76 -13.18 -9.23
CA GLN A 4 -5.97 -12.34 -9.32
C GLN A 4 -5.60 -10.87 -9.59
N PRO A 5 -6.52 -10.05 -10.19
CA PRO A 5 -6.35 -8.58 -10.24
C PRO A 5 -6.63 -7.97 -8.84
N GLY A 6 -5.58 -7.96 -7.99
CA GLY A 6 -5.66 -7.43 -6.62
C GLY A 6 -5.94 -5.93 -6.61
N LYS A 7 -7.24 -5.57 -6.59
CA LYS A 7 -7.68 -4.16 -6.70
C LYS A 7 -7.30 -3.34 -5.43
N TYR A 8 -7.26 -4.02 -4.26
CA TYR A 8 -6.73 -3.43 -2.99
C TYR A 8 -5.22 -3.12 -3.10
N SER A 9 -4.48 -4.02 -3.80
CA SER A 9 -3.03 -3.83 -4.08
C SER A 9 -2.78 -2.60 -4.97
N GLN A 10 -3.60 -2.46 -6.02
CA GLN A 10 -3.52 -1.34 -6.97
C GLN A 10 -3.96 -0.01 -6.31
N LEU A 11 -4.92 -0.12 -5.37
CA LEU A 11 -5.41 1.01 -4.54
C LEU A 11 -4.29 1.62 -3.65
N VAL A 12 -3.42 0.75 -3.10
CA VAL A 12 -2.23 1.18 -2.32
C VAL A 12 -1.22 1.95 -3.22
N VAL A 13 -1.01 1.43 -4.45
CA VAL A 13 -0.14 2.07 -5.47
C VAL A 13 -0.65 3.48 -5.84
N GLU A 14 -2.00 3.63 -5.92
CA GLU A 14 -2.67 4.95 -6.10
C GLU A 14 -2.34 5.88 -4.92
N THR A 15 -2.60 5.40 -3.70
CA THR A 15 -2.51 6.19 -2.45
C THR A 15 -1.11 6.84 -2.25
N ILE A 16 -0.05 6.01 -2.29
CA ILE A 16 1.35 6.48 -2.09
C ILE A 16 1.77 7.49 -3.19
N ARG A 17 1.20 7.31 -4.40
CA ARG A 17 1.38 8.25 -5.54
C ARG A 17 0.63 9.60 -5.30
N ARG A 18 -0.61 9.53 -4.73
CA ARG A 18 -1.43 10.74 -4.42
C ARG A 18 -0.72 11.65 -3.39
N LEU A 19 -0.26 11.01 -2.31
CA LEU A 19 0.37 11.68 -1.16
C LEU A 19 1.79 12.15 -1.50
N GLY A 20 2.61 11.23 -2.08
CA GLY A 20 4.01 11.51 -2.41
C GLY A 20 4.87 11.83 -1.18
N GLU A 21 4.58 11.15 -0.06
CA GLU A 21 5.29 11.37 1.22
C GLU A 21 6.77 10.89 1.17
N ARG A 22 7.67 11.88 1.30
CA ARG A 22 9.13 11.70 1.50
C ARG A 22 9.51 10.56 2.49
N ASN A 23 8.83 10.53 3.66
CA ASN A 23 9.12 9.55 4.74
C ASN A 23 8.39 8.21 4.54
N GLY A 24 7.48 8.16 3.54
CA GLY A 24 6.56 7.06 3.35
C GLY A 24 5.17 7.29 3.93
N SER A 25 4.27 6.34 3.66
CA SER A 25 2.88 6.36 4.10
C SER A 25 2.60 5.10 4.92
N SER A 26 2.27 5.28 6.22
CA SER A 26 1.96 4.16 7.15
C SER A 26 0.64 3.44 6.77
N LEU A 27 0.33 2.31 7.43
CA LEU A 27 -0.94 1.55 7.20
C LEU A 27 -2.19 2.44 7.46
N ALA A 28 -2.09 3.34 8.46
CA ALA A 28 -3.16 4.32 8.79
C ALA A 28 -3.25 5.45 7.74
N LYS A 29 -2.08 5.93 7.27
CA LYS A 29 -1.98 7.00 6.24
C LYS A 29 -2.54 6.51 4.88
N ILE A 30 -2.26 5.24 4.56
CA ILE A 30 -2.75 4.57 3.34
C ILE A 30 -4.27 4.31 3.42
N TYR A 31 -4.74 3.93 4.62
CA TYR A 31 -6.18 3.69 4.90
C TYR A 31 -7.05 4.93 4.58
N THR A 32 -6.51 6.14 4.86
CA THR A 32 -7.22 7.44 4.67
C THR A 32 -7.71 7.65 3.21
N GLU A 33 -6.84 7.34 2.23
CA GLU A 33 -7.19 7.41 0.79
C GLU A 33 -7.93 6.15 0.31
N ALA A 34 -7.58 5.01 0.92
CA ALA A 34 -8.11 3.69 0.53
C ALA A 34 -9.63 3.56 0.84
N LYS A 35 -10.06 4.12 1.97
CA LYS A 35 -11.48 4.03 2.44
C LYS A 35 -12.47 4.84 1.55
N LYS A 36 -11.96 5.69 0.65
CA LYS A 36 -12.79 6.61 -0.17
C LYS A 36 -13.54 5.91 -1.32
N VAL A 37 -13.41 4.58 -1.45
CA VAL A 37 -14.14 3.76 -2.47
C VAL A 37 -15.26 2.90 -1.83
N PRO A 38 -16.44 2.72 -2.52
CA PRO A 38 -17.56 1.91 -2.00
C PRO A 38 -17.30 0.38 -2.04
N TRP A 39 -16.39 -0.08 -2.94
CA TRP A 39 -15.99 -1.51 -3.01
C TRP A 39 -15.05 -1.88 -1.85
N PHE A 40 -14.40 -0.85 -1.26
CA PHE A 40 -13.58 -1.01 -0.05
C PHE A 40 -14.44 -1.44 1.17
N ASP A 41 -14.01 -2.52 1.86
CA ASP A 41 -14.65 -2.97 3.11
C ASP A 41 -14.08 -2.10 4.27
N GLN A 42 -14.94 -1.36 4.98
CA GLN A 42 -14.49 -0.37 6.01
C GLN A 42 -13.95 -1.02 7.31
N GLN A 43 -13.94 -2.36 7.38
CA GLN A 43 -13.41 -3.13 8.54
C GLN A 43 -12.31 -4.12 8.06
N ASN A 44 -12.73 -5.08 7.23
CA ASN A 44 -11.85 -6.15 6.70
C ASN A 44 -10.92 -5.64 5.58
N GLY A 45 -11.30 -4.50 4.95
CA GLY A 45 -10.50 -3.90 3.86
C GLY A 45 -9.16 -3.34 4.33
N ARG A 46 -9.08 -2.91 5.60
CA ARG A 46 -7.81 -2.49 6.23
C ARG A 46 -6.86 -3.70 6.44
N THR A 47 -7.45 -4.89 6.70
CA THR A 47 -6.70 -6.17 6.74
C THR A 47 -6.27 -6.58 5.31
N TYR A 48 -7.12 -6.25 4.30
CA TYR A 48 -6.77 -6.45 2.87
C TYR A 48 -5.70 -5.44 2.39
N LEU A 49 -5.59 -4.27 3.07
CA LEU A 49 -4.46 -3.33 2.88
C LEU A 49 -3.18 -3.91 3.51
N LYS A 50 -3.30 -4.34 4.77
CA LYS A 50 -2.21 -5.00 5.53
C LYS A 50 -1.61 -6.20 4.75
N TYR A 51 -2.50 -6.93 4.05
CA TYR A 51 -2.14 -8.08 3.20
C TYR A 51 -1.58 -7.66 1.83
N SER A 52 -2.21 -6.66 1.18
CA SER A 52 -1.78 -6.20 -0.16
C SER A 52 -0.37 -5.58 -0.09
N ILE A 53 -0.17 -4.73 0.92
CA ILE A 53 1.13 -4.15 1.29
C ILE A 53 2.19 -5.24 1.56
N LYS A 54 1.87 -6.23 2.44
CA LYS A 54 2.80 -7.32 2.81
C LYS A 54 3.20 -8.16 1.56
N ALA A 55 2.21 -8.46 0.72
CA ALA A 55 2.39 -9.24 -0.52
C ALA A 55 3.18 -8.44 -1.58
N LEU A 56 3.06 -7.10 -1.59
CA LEU A 56 3.87 -6.23 -2.47
C LEU A 56 5.31 -6.07 -1.93
N VAL A 57 5.51 -6.12 -0.60
CA VAL A 57 6.87 -6.13 0.00
C VAL A 57 7.55 -7.50 -0.27
N GLN A 58 6.73 -8.56 -0.40
CA GLN A 58 7.15 -9.91 -0.83
C GLN A 58 7.67 -9.87 -2.29
N ASN A 59 6.93 -9.18 -3.19
CA ASN A 59 7.36 -8.98 -4.61
C ASN A 59 8.34 -7.78 -4.75
N ASP A 60 8.67 -7.14 -3.62
CA ASP A 60 9.59 -5.97 -3.53
C ASP A 60 9.09 -4.75 -4.34
N THR A 61 7.77 -4.72 -4.62
CA THR A 61 7.06 -3.58 -5.25
C THR A 61 6.94 -2.41 -4.25
N LEU A 62 6.74 -2.75 -2.96
CA LEU A 62 6.76 -1.78 -1.84
C LEU A 62 8.00 -1.97 -0.95
N LEU A 63 8.46 -0.85 -0.37
CA LEU A 63 9.61 -0.78 0.55
C LEU A 63 9.11 -0.40 1.96
N GLN A 64 9.37 -1.28 2.95
CA GLN A 64 8.94 -1.07 4.35
C GLN A 64 9.92 -0.13 5.10
N VAL A 65 9.56 1.15 5.14
CA VAL A 65 10.41 2.24 5.71
C VAL A 65 10.29 2.27 7.26
N LYS A 66 11.19 1.51 7.93
CA LYS A 66 11.22 1.38 9.42
C LYS A 66 12.67 1.57 9.93
N GLY A 67 12.80 2.23 11.11
CA GLY A 67 14.12 2.55 11.70
C GLY A 67 14.76 3.81 11.10
N THR A 68 14.72 3.92 9.76
CA THR A 68 15.29 5.05 8.99
C THR A 68 14.35 6.31 9.04
N GLY A 69 14.26 6.92 10.24
CA GLY A 69 13.41 8.11 10.46
C GLY A 69 11.90 7.88 10.31
N ALA A 70 11.47 6.61 10.46
CA ALA A 70 10.04 6.21 10.38
C ALA A 70 9.80 4.93 11.22
N ASN A 71 8.61 4.83 11.83
CA ASN A 71 8.26 3.68 12.71
C ASN A 71 7.57 2.53 11.95
N GLY A 72 6.83 2.88 10.86
CA GLY A 72 6.12 1.88 10.05
C GLY A 72 5.52 2.46 8.78
N SER A 73 6.36 3.15 7.99
CA SER A 73 5.92 3.80 6.72
C SER A 73 6.17 2.88 5.51
N PHE A 74 5.55 3.20 4.35
CA PHE A 74 5.69 2.39 3.10
C PHE A 74 5.78 3.32 1.84
N LYS A 75 6.73 3.02 0.94
CA LYS A 75 6.91 3.75 -0.36
C LYS A 75 6.98 2.77 -1.54
N LEU A 76 6.80 3.32 -2.76
CA LEU A 76 6.92 2.55 -4.02
C LEU A 76 8.43 2.30 -4.35
N ASN A 77 8.74 1.11 -4.89
CA ASN A 77 10.10 0.79 -5.39
C ASN A 77 10.27 1.35 -6.83
N ARG A 78 11.53 1.65 -7.21
CA ARG A 78 11.88 2.45 -8.42
C ARG A 78 11.17 1.98 -9.72
N LYS A 79 11.14 0.65 -9.98
CA LYS A 79 10.31 0.05 -11.06
C LYS A 79 10.09 -1.47 -10.88
N LYS A 80 10.04 -1.93 -9.61
CA LYS A 80 9.70 -3.35 -9.30
C LYS A 80 8.17 -3.61 -9.27
N LEU A 81 7.40 -2.78 -10.02
CA LEU A 81 5.95 -3.00 -10.26
C LEU A 81 5.76 -4.31 -11.07
N GLU A 82 6.39 -4.35 -12.28
CA GLU A 82 6.55 -5.58 -13.12
C GLU A 82 5.19 -6.25 -13.56
N GLY A 83 4.08 -5.53 -13.36
CA GLY A 83 2.74 -6.11 -13.57
C GLY A 83 2.33 -7.07 -12.45
N SER A 1 -1.28 -16.52 -5.70
CA SER A 1 -1.15 -17.21 -7.00
C SER A 1 -0.11 -16.51 -7.90
N HIS A 2 0.33 -17.20 -8.97
CA HIS A 2 1.26 -16.63 -9.96
C HIS A 2 0.51 -15.69 -10.94
N MET A 3 0.55 -14.37 -10.62
CA MET A 3 -0.13 -13.28 -11.37
C MET A 3 -1.67 -13.39 -11.29
N GLN A 4 -2.27 -12.64 -10.34
CA GLN A 4 -3.75 -12.55 -10.19
C GLN A 4 -4.18 -11.05 -10.05
N PRO A 5 -5.39 -10.65 -10.56
CA PRO A 5 -5.87 -9.24 -10.47
C PRO A 5 -6.26 -8.80 -9.02
N GLY A 6 -5.28 -8.24 -8.27
CA GLY A 6 -5.50 -7.77 -6.90
C GLY A 6 -5.97 -6.30 -6.86
N LYS A 7 -7.28 -6.09 -6.62
CA LYS A 7 -7.89 -4.73 -6.61
C LYS A 7 -7.39 -3.86 -5.41
N TYR A 8 -7.23 -4.47 -4.22
CA TYR A 8 -6.71 -3.77 -3.02
C TYR A 8 -5.21 -3.43 -3.16
N SER A 9 -4.42 -4.33 -3.78
CA SER A 9 -2.96 -4.12 -3.98
C SER A 9 -2.68 -2.96 -4.98
N GLN A 10 -3.53 -2.84 -6.04
CA GLN A 10 -3.50 -1.68 -6.97
C GLN A 10 -3.82 -0.38 -6.21
N LEU A 11 -4.87 -0.45 -5.36
CA LEU A 11 -5.36 0.68 -4.55
C LEU A 11 -4.26 1.27 -3.63
N VAL A 12 -3.44 0.39 -3.02
CA VAL A 12 -2.29 0.82 -2.17
C VAL A 12 -1.25 1.62 -3.00
N VAL A 13 -0.92 1.09 -4.19
CA VAL A 13 0.03 1.73 -5.14
C VAL A 13 -0.44 3.14 -5.56
N GLU A 14 -1.75 3.26 -5.83
CA GLU A 14 -2.41 4.54 -6.18
C GLU A 14 -2.37 5.52 -4.98
N THR A 15 -2.73 5.00 -3.79
CA THR A 15 -2.84 5.78 -2.53
C THR A 15 -1.52 6.48 -2.14
N ILE A 16 -0.42 5.70 -2.13
CA ILE A 16 0.92 6.21 -1.75
C ILE A 16 1.40 7.30 -2.74
N ARG A 17 1.01 7.16 -4.03
CA ARG A 17 1.30 8.16 -5.06
C ARG A 17 0.40 9.44 -4.92
N ARG A 18 -0.86 9.27 -4.45
CA ARG A 18 -1.79 10.40 -4.17
C ARG A 18 -1.17 11.38 -3.14
N LEU A 19 -0.63 10.80 -2.06
CA LEU A 19 -0.01 11.56 -0.96
C LEU A 19 1.40 12.04 -1.35
N GLY A 20 2.26 11.07 -1.74
CA GLY A 20 3.68 11.33 -1.99
C GLY A 20 4.44 11.68 -0.71
N GLU A 21 4.08 11.00 0.39
CA GLU A 21 4.65 11.24 1.74
C GLU A 21 6.16 10.88 1.82
N ARG A 22 6.92 11.72 2.57
CA ARG A 22 8.37 11.51 2.81
C ARG A 22 8.57 10.25 3.67
N ASN A 23 9.52 9.39 3.23
CA ASN A 23 9.81 8.07 3.87
C ASN A 23 8.59 7.11 3.84
N GLY A 24 7.68 7.36 2.87
CA GLY A 24 6.47 6.55 2.69
C GLY A 24 5.29 6.97 3.56
N SER A 25 4.17 6.28 3.36
CA SER A 25 2.92 6.49 4.12
C SER A 25 2.66 5.28 5.06
N SER A 26 2.42 5.55 6.36
CA SER A 26 2.06 4.51 7.36
C SER A 26 0.72 3.83 7.00
N LEU A 27 0.45 2.63 7.56
CA LEU A 27 -0.79 1.85 7.29
C LEU A 27 -2.09 2.68 7.57
N ALA A 28 -2.05 3.49 8.65
CA ALA A 28 -3.14 4.44 9.00
C ALA A 28 -3.30 5.58 7.96
N LYS A 29 -2.16 6.11 7.49
CA LYS A 29 -2.12 7.20 6.47
C LYS A 29 -2.63 6.69 5.09
N ILE A 30 -2.26 5.43 4.75
CA ILE A 30 -2.72 4.74 3.52
C ILE A 30 -4.24 4.51 3.55
N TYR A 31 -4.74 4.08 4.72
CA TYR A 31 -6.17 3.83 4.97
C TYR A 31 -7.03 5.08 4.66
N THR A 32 -6.49 6.28 4.95
CA THR A 32 -7.18 7.59 4.74
C THR A 32 -7.65 7.77 3.27
N GLU A 33 -6.78 7.45 2.29
CA GLU A 33 -7.12 7.55 0.85
C GLU A 33 -7.81 6.25 0.34
N ALA A 34 -7.43 5.11 0.94
CA ALA A 34 -7.94 3.78 0.56
C ALA A 34 -9.43 3.60 0.89
N LYS A 35 -9.93 4.32 1.92
CA LYS A 35 -11.37 4.27 2.32
C LYS A 35 -12.26 5.13 1.40
N LYS A 36 -11.65 5.96 0.53
CA LYS A 36 -12.38 6.92 -0.36
C LYS A 36 -12.89 6.26 -1.68
N VAL A 37 -12.95 4.91 -1.73
CA VAL A 37 -13.44 4.15 -2.91
C VAL A 37 -14.77 3.43 -2.53
N PRO A 38 -15.82 3.46 -3.41
CA PRO A 38 -17.18 2.90 -3.09
C PRO A 38 -17.20 1.37 -2.84
N TRP A 39 -16.22 0.64 -3.40
CA TRP A 39 -16.14 -0.84 -3.27
C TRP A 39 -15.34 -1.29 -2.03
N PHE A 40 -14.52 -0.38 -1.47
CA PHE A 40 -13.67 -0.67 -0.28
C PHE A 40 -14.53 -1.02 0.97
N ASP A 41 -14.07 -2.00 1.77
CA ASP A 41 -14.72 -2.38 3.04
C ASP A 41 -13.89 -1.82 4.23
N GLN A 42 -14.55 -1.18 5.20
CA GLN A 42 -13.84 -0.49 6.32
C GLN A 42 -13.22 -1.47 7.35
N GLN A 43 -13.86 -2.64 7.54
CA GLN A 43 -13.45 -3.63 8.56
C GLN A 43 -12.42 -4.64 7.99
N ASN A 44 -12.90 -5.43 7.02
CA ASN A 44 -12.10 -6.51 6.38
C ASN A 44 -11.07 -5.93 5.40
N GLY A 45 -11.45 -4.84 4.71
CA GLY A 45 -10.55 -4.12 3.79
C GLY A 45 -9.32 -3.51 4.46
N ARG A 46 -9.46 -3.19 5.77
CA ARG A 46 -8.32 -2.78 6.63
C ARG A 46 -7.24 -3.89 6.71
N THR A 47 -7.72 -5.15 6.92
CA THR A 47 -6.86 -6.36 6.92
C THR A 47 -6.30 -6.65 5.51
N TYR A 48 -7.14 -6.41 4.48
CA TYR A 48 -6.75 -6.60 3.05
C TYR A 48 -5.66 -5.59 2.61
N LEU A 49 -5.66 -4.37 3.20
CA LEU A 49 -4.54 -3.40 3.02
C LEU A 49 -3.27 -3.96 3.65
N LYS A 50 -3.37 -4.32 4.95
CA LYS A 50 -2.25 -4.83 5.76
C LYS A 50 -1.58 -6.10 5.12
N TYR A 51 -2.41 -6.96 4.50
CA TYR A 51 -1.96 -8.20 3.83
C TYR A 51 -1.37 -7.92 2.43
N SER A 52 -2.08 -7.09 1.61
CA SER A 52 -1.65 -6.74 0.22
C SER A 52 -0.29 -6.03 0.23
N ILE A 53 -0.12 -5.09 1.17
CA ILE A 53 1.14 -4.35 1.41
C ILE A 53 2.32 -5.33 1.68
N LYS A 54 2.09 -6.35 2.53
CA LYS A 54 3.09 -7.37 2.87
C LYS A 54 3.50 -8.14 1.58
N ALA A 55 2.50 -8.54 0.78
CA ALA A 55 2.70 -9.27 -0.49
C ALA A 55 3.45 -8.41 -1.54
N LEU A 56 3.21 -7.08 -1.51
CA LEU A 56 3.88 -6.12 -2.42
C LEU A 56 5.34 -5.84 -1.96
N VAL A 57 5.59 -5.84 -0.65
CA VAL A 57 6.97 -5.73 -0.07
C VAL A 57 7.77 -7.02 -0.38
N GLN A 58 7.04 -8.15 -0.42
CA GLN A 58 7.59 -9.48 -0.76
C GLN A 58 8.06 -9.55 -2.24
N ASN A 59 7.24 -9.02 -3.18
CA ASN A 59 7.58 -9.01 -4.63
C ASN A 59 8.26 -7.68 -5.05
N ASP A 60 8.65 -6.85 -4.05
CA ASP A 60 9.47 -5.62 -4.21
C ASP A 60 8.74 -4.45 -4.92
N THR A 61 7.40 -4.51 -5.00
CA THR A 61 6.57 -3.38 -5.49
C THR A 61 6.59 -2.20 -4.49
N LEU A 62 6.50 -2.53 -3.18
CA LEU A 62 6.62 -1.54 -2.09
C LEU A 62 7.95 -1.71 -1.32
N LEU A 63 8.41 -0.59 -0.75
CA LEU A 63 9.57 -0.55 0.15
C LEU A 63 9.10 -0.17 1.56
N GLN A 64 9.45 -1.00 2.56
CA GLN A 64 9.05 -0.79 3.96
C GLN A 64 10.09 0.08 4.70
N VAL A 65 9.71 1.33 5.00
CA VAL A 65 10.58 2.28 5.71
C VAL A 65 10.21 2.33 7.21
N LYS A 66 10.95 1.56 8.02
CA LYS A 66 10.81 1.54 9.49
C LYS A 66 11.84 2.47 10.18
N GLY A 67 12.12 3.63 9.54
CA GLY A 67 13.05 4.64 10.08
C GLY A 67 12.47 6.05 10.00
N THR A 68 11.24 6.23 10.52
CA THR A 68 10.49 7.51 10.43
C THR A 68 9.76 7.88 11.76
N GLY A 69 9.99 7.12 12.85
CA GLY A 69 9.42 7.43 14.17
C GLY A 69 8.89 6.20 14.92
N ALA A 70 7.65 6.27 15.41
CA ALA A 70 6.97 5.14 16.12
C ALA A 70 6.05 4.32 15.18
N ASN A 71 6.13 4.59 13.86
CA ASN A 71 5.28 3.95 12.84
C ASN A 71 6.13 3.29 11.71
N GLY A 72 5.61 2.16 11.17
CA GLY A 72 6.20 1.50 10.00
C GLY A 72 5.55 1.97 8.70
N SER A 73 6.24 2.82 7.93
CA SER A 73 5.69 3.41 6.69
C SER A 73 6.04 2.59 5.44
N PHE A 74 5.28 2.81 4.36
CA PHE A 74 5.38 2.02 3.10
C PHE A 74 5.34 2.97 1.88
N LYS A 75 6.25 2.77 0.92
CA LYS A 75 6.35 3.64 -0.27
C LYS A 75 6.46 2.82 -1.57
N LEU A 76 6.35 3.51 -2.72
CA LEU A 76 6.54 2.90 -4.05
C LEU A 76 8.06 2.75 -4.33
N ASN A 77 8.46 1.57 -4.82
CA ASN A 77 9.87 1.29 -5.19
C ASN A 77 10.29 2.14 -6.42
N ARG A 78 9.40 2.19 -7.44
CA ARG A 78 9.61 2.85 -8.76
C ARG A 78 10.65 2.07 -9.61
N LYS A 79 11.89 1.94 -9.10
CA LYS A 79 12.97 1.13 -9.73
C LYS A 79 12.78 -0.40 -9.44
N LYS A 80 11.53 -0.78 -9.09
CA LYS A 80 11.03 -2.17 -9.00
C LYS A 80 11.43 -3.01 -10.24
N LEU A 81 11.59 -2.34 -11.41
CA LEU A 81 12.10 -2.96 -12.66
C LEU A 81 13.40 -3.78 -12.40
N GLU A 82 14.32 -3.19 -11.63
CA GLU A 82 15.56 -3.84 -11.18
C GLU A 82 15.26 -4.74 -9.96
N GLY A 83 15.22 -6.07 -10.18
CA GLY A 83 14.93 -7.05 -9.12
C GLY A 83 14.46 -8.39 -9.65
N SER A 1 -6.06 -16.90 -10.94
CA SER A 1 -6.86 -15.69 -11.18
C SER A 1 -6.18 -14.76 -12.21
N HIS A 2 -5.09 -14.06 -11.77
CA HIS A 2 -4.30 -13.10 -12.60
C HIS A 2 -5.17 -11.96 -13.23
N MET A 3 -6.38 -11.77 -12.68
CA MET A 3 -7.41 -10.88 -13.27
C MET A 3 -8.36 -10.36 -12.15
N GLN A 4 -8.02 -9.17 -11.62
CA GLN A 4 -8.87 -8.37 -10.69
C GLN A 4 -9.49 -9.20 -9.51
N PRO A 5 -8.64 -9.67 -8.53
CA PRO A 5 -9.10 -10.48 -7.36
C PRO A 5 -9.44 -9.59 -6.13
N GLY A 6 -10.07 -8.42 -6.39
CA GLY A 6 -10.20 -7.37 -5.37
C GLY A 6 -8.94 -6.51 -5.35
N LYS A 7 -9.01 -5.33 -5.99
CA LYS A 7 -7.81 -4.49 -6.27
C LYS A 7 -7.37 -3.61 -5.06
N TYR A 8 -7.27 -4.22 -3.87
CA TYR A 8 -6.77 -3.55 -2.65
C TYR A 8 -5.24 -3.37 -2.73
N SER A 9 -4.53 -4.31 -3.40
CA SER A 9 -3.08 -4.17 -3.70
C SER A 9 -2.81 -2.97 -4.63
N GLN A 10 -3.61 -2.89 -5.71
CA GLN A 10 -3.54 -1.80 -6.71
C GLN A 10 -3.98 -0.45 -6.10
N LEU A 11 -4.92 -0.51 -5.14
CA LEU A 11 -5.40 0.66 -4.38
C LEU A 11 -4.28 1.30 -3.51
N VAL A 12 -3.39 0.46 -2.95
CA VAL A 12 -2.20 0.93 -2.19
C VAL A 12 -1.21 1.68 -3.13
N VAL A 13 -0.98 1.10 -4.32
CA VAL A 13 -0.14 1.71 -5.39
C VAL A 13 -0.68 3.11 -5.80
N GLU A 14 -2.02 3.23 -5.88
CA GLU A 14 -2.71 4.52 -6.12
C GLU A 14 -2.46 5.50 -4.96
N THR A 15 -2.75 5.02 -3.73
CA THR A 15 -2.72 5.81 -2.48
C THR A 15 -1.38 6.56 -2.27
N ILE A 16 -0.27 5.81 -2.36
CA ILE A 16 1.10 6.36 -2.13
C ILE A 16 1.46 7.42 -3.21
N ARG A 17 0.98 7.21 -4.44
CA ARG A 17 1.12 8.18 -5.55
C ARG A 17 0.25 9.47 -5.33
N ARG A 18 -0.98 9.29 -4.78
CA ARG A 18 -1.89 10.42 -4.43
C ARG A 18 -1.25 11.34 -3.36
N LEU A 19 -0.59 10.69 -2.39
CA LEU A 19 0.14 11.36 -1.29
C LEU A 19 1.47 11.98 -1.79
N GLY A 20 2.13 11.27 -2.73
CA GLY A 20 3.44 11.69 -3.26
C GLY A 20 4.57 11.55 -2.25
N GLU A 21 4.49 10.53 -1.38
CA GLU A 21 5.47 10.29 -0.29
C GLU A 21 6.78 9.66 -0.83
N ARG A 22 7.79 10.52 -1.06
CA ARG A 22 9.12 10.10 -1.56
C ARG A 22 9.96 9.39 -0.48
N ASN A 23 9.64 9.65 0.81
CA ASN A 23 10.33 9.03 1.96
C ASN A 23 9.52 7.82 2.51
N GLY A 24 8.17 7.90 2.45
CA GLY A 24 7.29 6.76 2.80
C GLY A 24 5.99 7.17 3.54
N SER A 25 4.87 6.48 3.23
CA SER A 25 3.53 6.75 3.82
C SER A 25 3.14 5.66 4.85
N SER A 26 2.80 6.07 6.09
CA SER A 26 2.45 5.13 7.19
C SER A 26 1.17 4.31 6.90
N LEU A 27 1.04 3.13 7.53
CA LEU A 27 -0.14 2.23 7.37
C LEU A 27 -1.48 2.97 7.68
N ALA A 28 -1.44 3.83 8.71
CA ALA A 28 -2.59 4.68 9.11
C ALA A 28 -2.97 5.68 7.97
N LYS A 29 -1.96 6.34 7.40
CA LYS A 29 -2.13 7.31 6.29
C LYS A 29 -2.64 6.61 4.99
N ILE A 30 -2.11 5.39 4.71
CA ILE A 30 -2.53 4.57 3.55
C ILE A 30 -4.01 4.15 3.66
N TYR A 31 -4.41 3.68 4.85
CA TYR A 31 -5.81 3.30 5.13
C TYR A 31 -6.78 4.51 4.96
N THR A 32 -6.34 5.70 5.44
CA THR A 32 -7.13 6.95 5.38
C THR A 32 -7.56 7.30 3.94
N GLU A 33 -6.63 7.16 2.99
CA GLU A 33 -6.88 7.45 1.55
C GLU A 33 -7.62 6.28 0.85
N ALA A 34 -7.31 5.05 1.28
CA ALA A 34 -7.85 3.83 0.69
C ALA A 34 -9.36 3.62 0.99
N LYS A 35 -9.83 4.12 2.16
CA LYS A 35 -11.25 3.99 2.57
C LYS A 35 -12.19 5.01 1.85
N LYS A 36 -11.61 5.90 1.03
CA LYS A 36 -12.37 6.98 0.33
C LYS A 36 -13.09 6.50 -0.96
N VAL A 37 -12.98 5.20 -1.28
CA VAL A 37 -13.70 4.57 -2.44
C VAL A 37 -14.99 3.85 -2.00
N PRO A 38 -16.08 3.89 -2.83
CA PRO A 38 -17.37 3.22 -2.49
C PRO A 38 -17.30 1.67 -2.62
N TRP A 39 -16.35 1.15 -3.43
CA TRP A 39 -16.15 -0.32 -3.57
C TRP A 39 -15.37 -0.91 -2.38
N PHE A 40 -14.63 -0.05 -1.66
CA PHE A 40 -13.85 -0.45 -0.46
C PHE A 40 -14.75 -1.07 0.65
N ASP A 41 -14.37 -2.27 1.11
CA ASP A 41 -14.98 -2.92 2.28
C ASP A 41 -14.39 -2.32 3.58
N GLN A 42 -15.22 -1.61 4.35
CA GLN A 42 -14.79 -0.93 5.60
C GLN A 42 -14.54 -1.94 6.76
N GLN A 43 -15.09 -3.16 6.63
CA GLN A 43 -15.01 -4.21 7.67
C GLN A 43 -13.68 -4.99 7.61
N ASN A 44 -13.52 -5.85 6.59
CA ASN A 44 -12.33 -6.74 6.44
C ASN A 44 -11.30 -6.13 5.46
N GLY A 45 -11.67 -5.01 4.80
CA GLY A 45 -10.76 -4.30 3.87
C GLY A 45 -9.49 -3.77 4.52
N ARG A 46 -9.51 -3.55 5.85
CA ARG A 46 -8.31 -3.21 6.64
C ARG A 46 -7.28 -4.38 6.62
N THR A 47 -7.77 -5.61 6.83
CA THR A 47 -6.95 -6.84 6.73
C THR A 47 -6.45 -7.07 5.27
N TYR A 48 -7.33 -6.76 4.29
CA TYR A 48 -6.98 -6.86 2.85
C TYR A 48 -5.82 -5.90 2.49
N LEU A 49 -5.89 -4.63 2.95
CA LEU A 49 -4.79 -3.65 2.78
C LEU A 49 -3.51 -4.12 3.49
N LYS A 50 -3.65 -4.52 4.77
CA LYS A 50 -2.55 -5.00 5.64
C LYS A 50 -1.69 -6.09 4.94
N TYR A 51 -2.38 -7.09 4.38
CA TYR A 51 -1.74 -8.20 3.65
C TYR A 51 -1.31 -7.82 2.23
N SER A 52 -2.05 -6.91 1.57
CA SER A 52 -1.70 -6.41 0.21
C SER A 52 -0.33 -5.70 0.23
N ILE A 53 -0.18 -4.76 1.17
CA ILE A 53 1.04 -3.96 1.36
C ILE A 53 2.25 -4.87 1.67
N LYS A 54 2.12 -5.74 2.69
CA LYS A 54 3.22 -6.58 3.18
C LYS A 54 3.65 -7.63 2.12
N ALA A 55 2.64 -8.15 1.36
CA ALA A 55 2.89 -9.05 0.23
C ALA A 55 3.58 -8.32 -0.95
N LEU A 56 3.25 -7.03 -1.17
CA LEU A 56 3.93 -6.20 -2.20
C LEU A 56 5.39 -5.85 -1.78
N VAL A 57 5.66 -5.79 -0.46
CA VAL A 57 7.04 -5.64 0.06
C VAL A 57 7.85 -6.94 -0.22
N GLN A 58 7.15 -8.09 -0.11
CA GLN A 58 7.69 -9.43 -0.46
C GLN A 58 7.98 -9.51 -1.98
N ASN A 59 7.04 -9.03 -2.83
CA ASN A 59 7.18 -9.02 -4.31
C ASN A 59 8.03 -7.83 -4.82
N ASP A 60 8.65 -7.07 -3.87
CA ASP A 60 9.59 -5.95 -4.15
C ASP A 60 8.92 -4.78 -4.91
N THR A 61 7.59 -4.71 -4.83
CA THR A 61 6.77 -3.60 -5.39
C THR A 61 6.72 -2.39 -4.44
N LEU A 62 6.88 -2.64 -3.11
CA LEU A 62 6.92 -1.56 -2.08
C LEU A 62 8.22 -1.62 -1.23
N LEU A 63 8.62 -0.44 -0.70
CA LEU A 63 9.76 -0.26 0.23
C LEU A 63 9.24 0.06 1.65
N GLN A 64 9.64 -0.75 2.64
CA GLN A 64 9.27 -0.50 4.06
C GLN A 64 10.30 0.44 4.73
N VAL A 65 9.81 1.55 5.30
CA VAL A 65 10.62 2.62 5.91
C VAL A 65 10.11 2.91 7.35
N LYS A 66 11.04 3.01 8.33
CA LYS A 66 10.70 3.37 9.73
C LYS A 66 11.04 4.86 10.01
N GLY A 67 10.51 5.40 11.13
CA GLY A 67 10.80 6.79 11.55
C GLY A 67 9.91 7.85 10.88
N THR A 68 9.74 7.74 9.54
CA THR A 68 8.87 8.66 8.75
C THR A 68 7.36 8.30 8.90
N GLY A 69 6.50 9.21 8.40
CA GLY A 69 5.04 8.99 8.40
C GLY A 69 4.42 9.04 9.80
N ALA A 70 4.39 7.87 10.46
CA ALA A 70 3.85 7.71 11.82
C ALA A 70 4.24 6.34 12.39
N ASN A 71 3.55 5.27 11.93
CA ASN A 71 3.77 3.88 12.41
C ASN A 71 3.84 2.92 11.21
N GLY A 72 5.07 2.47 10.86
CA GLY A 72 5.30 1.54 9.73
C GLY A 72 4.94 2.16 8.37
N SER A 73 5.92 2.79 7.70
CA SER A 73 5.70 3.49 6.42
C SER A 73 6.10 2.62 5.23
N PHE A 74 5.46 2.88 4.08
CA PHE A 74 5.64 2.10 2.84
C PHE A 74 5.53 3.04 1.62
N LYS A 75 6.32 2.77 0.57
CA LYS A 75 6.35 3.62 -0.66
C LYS A 75 6.60 2.80 -1.94
N LEU A 76 6.42 3.42 -3.11
CA LEU A 76 6.56 2.75 -4.43
C LEU A 76 8.06 2.44 -4.72
N ASN A 77 8.38 1.13 -4.83
CA ASN A 77 9.74 0.63 -5.05
C ASN A 77 10.16 0.83 -6.54
N ARG A 78 10.70 2.01 -6.85
CA ARG A 78 11.19 2.34 -8.21
C ARG A 78 12.68 1.92 -8.40
N LYS A 79 13.24 1.22 -7.40
CA LYS A 79 14.57 0.56 -7.50
C LYS A 79 14.42 -0.97 -7.63
N LYS A 80 13.18 -1.44 -7.91
CA LYS A 80 12.88 -2.86 -8.27
C LYS A 80 13.80 -3.36 -9.43
N LEU A 81 14.17 -2.42 -10.30
CA LEU A 81 15.05 -2.63 -11.47
C LEU A 81 16.40 -3.31 -11.05
N GLU A 82 17.05 -2.74 -10.03
CA GLU A 82 18.33 -3.29 -9.48
C GLU A 82 18.07 -4.29 -8.32
N GLY A 83 16.95 -4.09 -7.60
CA GLY A 83 16.63 -4.88 -6.39
C GLY A 83 16.32 -3.99 -5.19
N SER A 1 6.56 -14.49 -13.32
CA SER A 1 5.36 -13.68 -12.96
C SER A 1 4.08 -14.22 -13.65
N HIS A 2 2.91 -13.90 -13.06
CA HIS A 2 1.58 -14.26 -13.59
C HIS A 2 0.60 -13.06 -13.43
N MET A 3 1.19 -11.83 -13.45
CA MET A 3 0.48 -10.53 -13.21
C MET A 3 0.06 -10.36 -11.72
N GLN A 4 -0.42 -9.14 -11.39
CA GLN A 4 -0.92 -8.79 -10.03
C GLN A 4 -2.46 -8.97 -9.96
N PRO A 5 -2.99 -10.10 -9.38
CA PRO A 5 -4.45 -10.36 -9.27
C PRO A 5 -5.03 -9.85 -7.93
N GLY A 6 -4.71 -8.59 -7.58
CA GLY A 6 -5.15 -7.97 -6.33
C GLY A 6 -5.67 -6.55 -6.53
N LYS A 7 -6.99 -6.35 -6.33
CA LYS A 7 -7.65 -5.03 -6.47
C LYS A 7 -7.21 -4.05 -5.33
N TYR A 8 -7.04 -4.58 -4.11
CA TYR A 8 -6.55 -3.80 -2.95
C TYR A 8 -5.03 -3.56 -3.03
N SER A 9 -4.30 -4.49 -3.69
CA SER A 9 -2.86 -4.30 -4.03
C SER A 9 -2.68 -3.12 -5.01
N GLN A 10 -3.58 -3.05 -6.01
CA GLN A 10 -3.64 -1.94 -6.99
C GLN A 10 -4.03 -0.62 -6.27
N LEU A 11 -4.96 -0.73 -5.30
CA LEU A 11 -5.43 0.40 -4.47
C LEU A 11 -4.27 1.04 -3.64
N VAL A 12 -3.32 0.21 -3.14
CA VAL A 12 -2.13 0.70 -2.41
C VAL A 12 -1.22 1.54 -3.35
N VAL A 13 -1.04 1.04 -4.59
CA VAL A 13 -0.31 1.77 -5.66
C VAL A 13 -0.94 3.16 -5.92
N GLU A 14 -2.28 3.20 -5.95
CA GLU A 14 -3.07 4.45 -6.12
C GLU A 14 -2.94 5.37 -4.91
N THR A 15 -3.03 4.80 -3.69
CA THR A 15 -3.03 5.56 -2.42
C THR A 15 -1.74 6.39 -2.21
N ILE A 16 -0.59 5.70 -2.31
CA ILE A 16 0.75 6.32 -2.14
C ILE A 16 1.00 7.37 -3.26
N ARG A 17 0.40 7.13 -4.44
CA ARG A 17 0.42 8.06 -5.58
C ARG A 17 -0.46 9.34 -5.30
N ARG A 18 -1.63 9.17 -4.63
CA ARG A 18 -2.52 10.30 -4.26
C ARG A 18 -1.84 11.25 -3.26
N LEU A 19 -1.33 10.66 -2.17
CA LEU A 19 -0.65 11.38 -1.08
C LEU A 19 0.68 12.02 -1.54
N GLY A 20 1.48 11.25 -2.31
CA GLY A 20 2.86 11.65 -2.65
C GLY A 20 3.75 11.76 -1.41
N GLU A 21 3.68 10.74 -0.54
CA GLU A 21 4.34 10.75 0.79
C GLU A 21 5.88 10.76 0.72
N ARG A 22 6.47 11.34 1.78
CA ARG A 22 7.93 11.52 1.90
C ARG A 22 8.57 10.37 2.73
N ASN A 23 9.49 9.61 2.09
CA ASN A 23 10.29 8.54 2.75
C ASN A 23 9.40 7.37 3.29
N GLY A 24 8.21 7.19 2.69
CA GLY A 24 7.27 6.14 3.14
C GLY A 24 6.24 6.64 4.15
N SER A 25 5.13 5.90 4.33
CA SER A 25 4.02 6.31 5.24
C SER A 25 3.40 5.13 6.01
N SER A 26 2.81 5.44 7.17
CA SER A 26 2.20 4.43 8.08
C SER A 26 0.89 3.85 7.51
N LEU A 27 0.53 2.63 7.98
CA LEU A 27 -0.72 1.92 7.57
C LEU A 27 -2.01 2.76 7.84
N ALA A 28 -1.95 3.66 8.84
CA ALA A 28 -3.06 4.60 9.17
C ALA A 28 -3.27 5.67 8.07
N LYS A 29 -2.16 6.26 7.59
CA LYS A 29 -2.17 7.31 6.54
C LYS A 29 -2.49 6.70 5.14
N ILE A 30 -2.02 5.46 4.93
CA ILE A 30 -2.36 4.67 3.72
C ILE A 30 -3.86 4.26 3.73
N TYR A 31 -4.41 4.01 4.92
CA TYR A 31 -5.86 3.74 5.10
C TYR A 31 -6.71 4.99 4.76
N THR A 32 -6.13 6.20 4.99
CA THR A 32 -6.84 7.50 4.82
C THR A 32 -7.37 7.73 3.36
N GLU A 33 -6.59 7.32 2.35
CA GLU A 33 -7.06 7.38 0.93
C GLU A 33 -7.90 6.14 0.58
N ALA A 34 -7.47 4.98 1.08
CA ALA A 34 -8.08 3.68 0.75
C ALA A 34 -9.55 3.57 1.21
N LYS A 35 -9.91 4.24 2.32
CA LYS A 35 -11.30 4.26 2.86
C LYS A 35 -12.28 5.06 1.94
N LYS A 36 -11.74 5.91 1.05
CA LYS A 36 -12.54 6.82 0.21
C LYS A 36 -13.26 6.12 -0.99
N VAL A 37 -12.63 5.08 -1.59
CA VAL A 37 -13.22 4.35 -2.75
C VAL A 37 -14.58 3.67 -2.40
N PRO A 38 -15.60 3.72 -3.33
CA PRO A 38 -16.95 3.12 -3.09
C PRO A 38 -16.96 1.56 -3.13
N TRP A 39 -15.89 0.96 -3.71
CA TRP A 39 -15.76 -0.53 -3.76
C TRP A 39 -14.94 -1.07 -2.55
N PHE A 40 -14.29 -0.17 -1.78
CA PHE A 40 -13.55 -0.56 -0.55
C PHE A 40 -14.48 -1.22 0.50
N ASP A 41 -14.02 -2.35 1.04
CA ASP A 41 -14.71 -3.04 2.13
C ASP A 41 -14.39 -2.31 3.47
N GLN A 42 -15.37 -1.56 4.02
CA GLN A 42 -15.17 -0.63 5.18
C GLN A 42 -15.03 -1.35 6.55
N GLN A 43 -14.90 -2.68 6.54
CA GLN A 43 -14.85 -3.52 7.75
C GLN A 43 -13.53 -4.34 7.80
N ASN A 44 -13.38 -5.32 6.90
CA ASN A 44 -12.16 -6.17 6.82
C ASN A 44 -11.08 -5.54 5.92
N GLY A 45 -11.41 -4.39 5.29
CA GLY A 45 -10.51 -3.67 4.36
C GLY A 45 -9.17 -3.24 4.97
N ARG A 46 -9.16 -2.96 6.29
CA ARG A 46 -7.90 -2.68 7.04
C ARG A 46 -6.91 -3.86 6.89
N THR A 47 -7.44 -5.09 7.03
CA THR A 47 -6.68 -6.35 6.88
C THR A 47 -6.30 -6.63 5.40
N TYR A 48 -7.20 -6.24 4.47
CA TYR A 48 -6.93 -6.37 3.01
C TYR A 48 -5.76 -5.46 2.56
N LEU A 49 -5.65 -4.27 3.17
CA LEU A 49 -4.50 -3.37 2.98
C LEU A 49 -3.24 -3.96 3.65
N LYS A 50 -3.38 -4.33 4.93
CA LYS A 50 -2.30 -4.88 5.77
C LYS A 50 -1.59 -6.09 5.09
N TYR A 51 -2.40 -6.95 4.45
CA TYR A 51 -1.92 -8.15 3.74
C TYR A 51 -1.32 -7.80 2.35
N SER A 52 -2.03 -6.95 1.58
CA SER A 52 -1.62 -6.57 0.20
C SER A 52 -0.28 -5.82 0.19
N ILE A 53 -0.15 -4.83 1.10
CA ILE A 53 1.10 -4.08 1.34
C ILE A 53 2.29 -5.03 1.64
N LYS A 54 2.10 -5.96 2.59
CA LYS A 54 3.13 -6.95 3.00
C LYS A 54 3.58 -7.79 1.77
N ALA A 55 2.59 -8.24 0.99
CA ALA A 55 2.80 -9.04 -0.24
C ALA A 55 3.59 -8.24 -1.30
N LEU A 56 3.26 -6.95 -1.46
CA LEU A 56 3.95 -6.05 -2.41
C LEU A 56 5.38 -5.71 -1.93
N VAL A 57 5.61 -5.66 -0.61
CA VAL A 57 6.96 -5.51 -0.04
C VAL A 57 7.79 -6.80 -0.28
N GLN A 58 7.09 -7.96 -0.23
CA GLN A 58 7.68 -9.29 -0.42
C GLN A 58 8.08 -9.53 -1.91
N ASN A 59 7.33 -8.94 -2.86
CA ASN A 59 7.69 -8.94 -4.31
C ASN A 59 8.46 -7.65 -4.71
N ASP A 60 8.73 -6.77 -3.73
CA ASP A 60 9.42 -5.47 -3.93
C ASP A 60 8.74 -4.56 -4.99
N THR A 61 7.40 -4.60 -5.02
CA THR A 61 6.56 -3.55 -5.64
C THR A 61 6.58 -2.28 -4.74
N LEU A 62 6.71 -2.51 -3.41
CA LEU A 62 6.85 -1.45 -2.39
C LEU A 62 8.21 -1.56 -1.65
N LEU A 63 8.61 -0.46 -0.99
CA LEU A 63 9.75 -0.40 -0.06
C LEU A 63 9.25 -0.25 1.40
N GLN A 64 9.65 -1.18 2.27
CA GLN A 64 9.45 -1.06 3.72
C GLN A 64 10.62 -0.24 4.33
N VAL A 65 10.34 1.03 4.63
CA VAL A 65 11.31 1.98 5.18
C VAL A 65 11.27 1.90 6.73
N LYS A 66 12.00 0.90 7.28
CA LYS A 66 12.09 0.64 8.74
C LYS A 66 10.71 0.34 9.40
N GLY A 67 10.74 0.16 10.74
CA GLY A 67 9.52 0.10 11.55
C GLY A 67 9.21 1.42 12.24
N THR A 68 9.60 2.54 11.58
CA THR A 68 9.47 3.92 12.13
C THR A 68 8.00 4.35 12.31
N GLY A 69 7.13 3.97 11.35
CA GLY A 69 5.69 4.19 11.45
C GLY A 69 4.98 3.09 12.26
N ALA A 70 5.49 2.86 13.51
CA ALA A 70 5.06 1.75 14.42
C ALA A 70 5.30 0.36 13.78
N ASN A 71 4.41 -0.02 12.85
CA ASN A 71 4.50 -1.27 12.08
C ASN A 71 5.55 -1.13 10.94
N GLY A 72 5.52 0.04 10.27
CA GLY A 72 6.44 0.35 9.17
C GLY A 72 5.97 1.53 8.32
N SER A 73 6.87 2.08 7.50
CA SER A 73 6.55 3.18 6.56
C SER A 73 6.77 2.73 5.10
N PHE A 74 5.70 2.69 4.30
CA PHE A 74 5.68 2.03 2.98
C PHE A 74 5.50 3.05 1.83
N LYS A 75 6.18 2.79 0.71
CA LYS A 75 6.15 3.67 -0.49
C LYS A 75 6.36 2.86 -1.78
N LEU A 76 6.15 3.48 -2.95
CA LEU A 76 6.33 2.82 -4.27
C LEU A 76 7.85 2.58 -4.54
N ASN A 77 8.21 1.35 -4.95
CA ASN A 77 9.62 0.95 -5.14
C ASN A 77 10.16 1.47 -6.51
N ARG A 78 10.76 2.68 -6.47
CA ARG A 78 11.46 3.28 -7.61
C ARG A 78 12.79 2.53 -7.91
N LYS A 79 13.48 2.09 -6.85
CA LYS A 79 14.82 1.45 -6.94
C LYS A 79 14.74 -0.10 -6.98
N LYS A 80 13.65 -0.64 -7.56
CA LYS A 80 13.53 -2.10 -7.84
C LYS A 80 14.64 -2.56 -8.82
N LEU A 81 15.17 -1.60 -9.60
CA LEU A 81 16.36 -1.80 -10.45
C LEU A 81 17.64 -2.10 -9.60
N GLU A 82 17.73 -1.42 -8.45
CA GLU A 82 18.85 -1.56 -7.48
C GLU A 82 18.64 -2.74 -6.50
N GLY A 83 17.38 -3.19 -6.33
CA GLY A 83 17.06 -4.31 -5.41
C GLY A 83 15.60 -4.72 -5.43
N SER A 1 0.22 -17.67 -7.15
CA SER A 1 -0.81 -18.14 -8.12
C SER A 1 -1.50 -16.94 -8.80
N HIS A 2 -1.14 -16.67 -10.07
CA HIS A 2 -1.75 -15.59 -10.87
C HIS A 2 -2.91 -16.15 -11.74
N MET A 3 -4.15 -15.97 -11.25
CA MET A 3 -5.38 -16.40 -11.96
C MET A 3 -6.61 -15.53 -11.55
N GLN A 4 -6.34 -14.39 -10.88
CA GLN A 4 -7.39 -13.50 -10.35
C GLN A 4 -6.90 -12.02 -10.30
N PRO A 5 -7.82 -11.00 -10.34
CA PRO A 5 -7.48 -9.59 -10.02
C PRO A 5 -7.30 -9.36 -8.49
N GLY A 6 -6.66 -8.23 -8.14
CA GLY A 6 -6.44 -7.82 -6.74
C GLY A 6 -6.38 -6.30 -6.62
N LYS A 7 -7.53 -5.63 -6.81
CA LYS A 7 -7.61 -4.17 -6.93
C LYS A 7 -7.30 -3.41 -5.61
N TYR A 8 -7.27 -4.12 -4.45
CA TYR A 8 -6.80 -3.51 -3.17
C TYR A 8 -5.28 -3.20 -3.21
N SER A 9 -4.49 -4.01 -3.96
CA SER A 9 -3.04 -3.74 -4.19
C SER A 9 -2.84 -2.51 -5.11
N GLN A 10 -3.70 -2.40 -6.15
CA GLN A 10 -3.74 -1.24 -7.08
C GLN A 10 -4.10 0.05 -6.30
N LEU A 11 -5.08 -0.09 -5.39
CA LEU A 11 -5.56 0.99 -4.50
C LEU A 11 -4.42 1.56 -3.63
N VAL A 12 -3.58 0.68 -3.07
CA VAL A 12 -2.38 1.06 -2.29
C VAL A 12 -1.34 1.83 -3.16
N VAL A 13 -1.00 1.26 -4.33
CA VAL A 13 -0.03 1.87 -5.29
C VAL A 13 -0.45 3.30 -5.71
N GLU A 14 -1.76 3.48 -5.96
CA GLU A 14 -2.37 4.79 -6.30
C GLU A 14 -2.38 5.75 -5.09
N THR A 15 -2.73 5.23 -3.88
CA THR A 15 -2.80 6.03 -2.64
C THR A 15 -1.42 6.66 -2.29
N ILE A 16 -0.37 5.83 -2.24
CA ILE A 16 1.02 6.26 -1.92
C ILE A 16 1.53 7.30 -2.98
N ARG A 17 1.21 7.02 -4.25
CA ARG A 17 1.56 7.89 -5.41
C ARG A 17 0.93 9.31 -5.29
N ARG A 18 -0.35 9.36 -4.86
CA ARG A 18 -1.10 10.62 -4.67
C ARG A 18 -0.59 11.43 -3.46
N LEU A 19 -0.21 10.73 -2.38
CA LEU A 19 0.31 11.36 -1.16
C LEU A 19 1.69 12.01 -1.37
N GLY A 20 2.63 11.21 -1.91
CA GLY A 20 4.03 11.62 -2.02
C GLY A 20 4.67 11.92 -0.65
N GLU A 21 4.25 11.15 0.37
CA GLU A 21 4.72 11.28 1.77
C GLU A 21 6.26 11.12 1.87
N ARG A 22 6.87 11.92 2.77
CA ARG A 22 8.33 11.96 2.99
C ARG A 22 8.93 10.54 3.25
N ASN A 23 9.70 10.04 2.25
CA ASN A 23 10.44 8.74 2.33
C ASN A 23 9.52 7.48 2.49
N GLY A 24 8.18 7.68 2.48
CA GLY A 24 7.22 6.59 2.74
C GLY A 24 5.98 7.06 3.52
N SER A 25 4.80 6.46 3.20
CA SER A 25 3.50 6.75 3.85
C SER A 25 3.13 5.65 4.87
N SER A 26 2.84 6.04 6.14
CA SER A 26 2.45 5.08 7.20
C SER A 26 1.09 4.42 6.93
N LEU A 27 0.90 3.18 7.44
CA LEU A 27 -0.33 2.37 7.22
C LEU A 27 -1.63 3.13 7.60
N ALA A 28 -1.54 4.03 8.61
CA ALA A 28 -2.67 4.90 9.03
C ALA A 28 -3.06 5.92 7.92
N LYS A 29 -2.03 6.61 7.35
CA LYS A 29 -2.23 7.63 6.28
C LYS A 29 -2.70 6.96 4.95
N ILE A 30 -2.20 5.74 4.67
CA ILE A 30 -2.64 4.93 3.52
C ILE A 30 -4.14 4.55 3.66
N TYR A 31 -4.50 4.04 4.86
CA TYR A 31 -5.88 3.64 5.19
C TYR A 31 -6.89 4.80 4.99
N THR A 32 -6.52 5.98 5.51
CA THR A 32 -7.36 7.22 5.45
C THR A 32 -7.78 7.56 4.00
N GLU A 33 -6.84 7.41 3.06
CA GLU A 33 -7.05 7.79 1.65
C GLU A 33 -7.48 6.60 0.75
N ALA A 34 -7.33 5.36 1.26
CA ALA A 34 -7.74 4.14 0.55
C ALA A 34 -9.22 3.75 0.85
N LYS A 35 -9.71 4.12 2.05
CA LYS A 35 -11.09 3.77 2.51
C LYS A 35 -12.20 4.59 1.79
N LYS A 36 -11.80 5.57 0.94
CA LYS A 36 -12.76 6.46 0.21
C LYS A 36 -13.72 5.65 -0.72
N VAL A 37 -13.13 4.70 -1.48
CA VAL A 37 -13.84 3.91 -2.52
C VAL A 37 -15.06 3.10 -1.96
N PRO A 38 -16.21 3.06 -2.72
CA PRO A 38 -17.41 2.29 -2.30
C PRO A 38 -17.26 0.76 -2.46
N TRP A 39 -16.24 0.29 -3.23
CA TRP A 39 -15.94 -1.16 -3.35
C TRP A 39 -15.02 -1.63 -2.18
N PHE A 40 -14.43 -0.66 -1.43
CA PHE A 40 -13.68 -0.93 -0.18
C PHE A 40 -14.61 -1.53 0.91
N ASP A 41 -14.19 -2.67 1.48
CA ASP A 41 -14.87 -3.28 2.63
C ASP A 41 -14.36 -2.63 3.94
N GLN A 42 -15.23 -1.95 4.68
CA GLN A 42 -14.85 -1.28 5.95
C GLN A 42 -14.64 -2.29 7.13
N GLN A 43 -15.08 -3.55 6.93
CA GLN A 43 -14.98 -4.60 7.97
C GLN A 43 -13.59 -5.30 7.95
N ASN A 44 -13.25 -5.93 6.81
CA ASN A 44 -11.98 -6.71 6.63
C ASN A 44 -11.02 -6.04 5.62
N GLY A 45 -11.46 -4.94 4.97
CA GLY A 45 -10.63 -4.23 3.97
C GLY A 45 -9.41 -3.52 4.55
N ARG A 46 -9.46 -3.20 5.85
CA ARG A 46 -8.32 -2.66 6.62
C ARG A 46 -7.17 -3.70 6.66
N THR A 47 -7.56 -4.98 6.87
CA THR A 47 -6.64 -6.15 6.81
C THR A 47 -6.23 -6.44 5.35
N TYR A 48 -7.14 -6.19 4.38
CA TYR A 48 -6.84 -6.37 2.93
C TYR A 48 -5.79 -5.34 2.43
N LEU A 49 -5.76 -4.13 3.03
CA LEU A 49 -4.67 -3.16 2.79
C LEU A 49 -3.35 -3.67 3.39
N LYS A 50 -3.41 -4.05 4.68
CA LYS A 50 -2.26 -4.61 5.45
C LYS A 50 -1.55 -5.78 4.69
N TYR A 51 -2.36 -6.69 4.14
CA TYR A 51 -1.87 -7.85 3.37
C TYR A 51 -1.44 -7.49 1.93
N SER A 52 -2.20 -6.61 1.24
CA SER A 52 -1.82 -6.16 -0.13
C SER A 52 -0.45 -5.44 -0.12
N ILE A 53 -0.20 -4.65 0.94
CA ILE A 53 1.08 -3.94 1.13
C ILE A 53 2.23 -4.93 1.40
N LYS A 54 2.07 -5.76 2.45
CA LYS A 54 3.14 -6.69 2.90
C LYS A 54 3.50 -7.72 1.81
N ALA A 55 2.47 -8.20 1.09
CA ALA A 55 2.63 -9.12 -0.05
C ALA A 55 3.34 -8.43 -1.24
N LEU A 56 3.13 -7.11 -1.44
CA LEU A 56 3.89 -6.32 -2.44
C LEU A 56 5.34 -6.00 -1.97
N VAL A 57 5.58 -5.94 -0.64
CA VAL A 57 6.96 -5.83 -0.09
C VAL A 57 7.70 -7.18 -0.30
N GLN A 58 6.93 -8.27 -0.25
CA GLN A 58 7.38 -9.65 -0.56
C GLN A 58 7.61 -9.82 -2.10
N ASN A 59 6.77 -9.14 -2.91
CA ASN A 59 6.95 -9.05 -4.39
C ASN A 59 8.00 -7.97 -4.77
N ASP A 60 8.60 -7.31 -3.75
CA ASP A 60 9.61 -6.22 -3.90
C ASP A 60 9.09 -5.01 -4.74
N THR A 61 7.76 -4.93 -4.86
CA THR A 61 7.05 -3.80 -5.51
C THR A 61 7.00 -2.56 -4.58
N LEU A 62 6.84 -2.83 -3.26
CA LEU A 62 6.86 -1.79 -2.19
C LEU A 62 8.06 -1.99 -1.23
N LEU A 63 8.33 -0.97 -0.39
CA LEU A 63 9.34 -1.01 0.69
C LEU A 63 8.72 -0.65 2.04
N GLN A 64 9.21 -1.29 3.13
CA GLN A 64 8.86 -0.93 4.52
C GLN A 64 9.92 0.06 5.08
N VAL A 65 9.52 1.34 5.23
CA VAL A 65 10.41 2.43 5.67
C VAL A 65 10.01 2.98 7.07
N LYS A 66 10.41 2.27 8.14
CA LYS A 66 10.16 2.72 9.54
C LYS A 66 11.20 3.75 10.04
N GLY A 67 12.06 4.24 9.12
CA GLY A 67 12.96 5.37 9.39
C GLY A 67 12.21 6.72 9.51
N THR A 68 11.26 6.96 8.59
CA THR A 68 10.44 8.20 8.56
C THR A 68 9.21 8.09 9.50
N GLY A 69 9.30 8.73 10.68
CA GLY A 69 8.24 8.65 11.70
C GLY A 69 8.10 7.24 12.30
N ALA A 70 9.09 6.84 13.13
CA ALA A 70 9.30 5.43 13.59
C ALA A 70 8.01 4.74 14.12
N ASN A 71 7.39 3.93 13.24
CA ASN A 71 6.18 3.14 13.56
C ASN A 71 5.93 2.09 12.46
N GLY A 72 5.94 2.55 11.19
CA GLY A 72 5.84 1.66 10.02
C GLY A 72 5.27 2.36 8.78
N SER A 73 6.16 2.94 7.93
CA SER A 73 5.77 3.58 6.66
C SER A 73 6.03 2.64 5.48
N PHE A 74 5.43 2.96 4.31
CA PHE A 74 5.47 2.12 3.09
C PHE A 74 5.47 3.02 1.84
N LYS A 75 6.33 2.72 0.85
CA LYS A 75 6.40 3.52 -0.41
C LYS A 75 6.61 2.64 -1.64
N LEU A 76 6.49 3.26 -2.83
CA LEU A 76 6.72 2.60 -4.13
C LEU A 76 8.23 2.29 -4.32
N ASN A 77 8.56 1.07 -4.78
CA ASN A 77 9.96 0.63 -4.99
C ASN A 77 10.28 0.46 -6.49
N ARG A 78 9.62 -0.54 -7.09
CA ARG A 78 10.04 -1.09 -8.39
C ARG A 78 8.83 -1.68 -9.16
N LYS A 79 9.04 -1.97 -10.47
CA LYS A 79 8.08 -2.73 -11.32
C LYS A 79 8.25 -4.27 -11.12
N LYS A 80 8.80 -4.67 -9.94
CA LYS A 80 9.06 -6.07 -9.54
C LYS A 80 7.71 -6.87 -9.35
N LEU A 81 6.58 -6.15 -9.52
CA LEU A 81 5.22 -6.75 -9.56
C LEU A 81 5.13 -7.79 -10.71
N GLU A 82 5.74 -7.47 -11.86
CA GLU A 82 5.65 -8.31 -13.09
C GLU A 82 6.99 -8.31 -13.88
N GLY A 83 7.65 -7.13 -14.01
CA GLY A 83 8.89 -7.01 -14.80
C GLY A 83 9.99 -6.25 -14.05
N SER A 1 0.98 -20.98 -10.46
CA SER A 1 1.68 -19.90 -11.23
C SER A 1 0.69 -18.78 -11.66
N HIS A 2 -0.61 -18.96 -11.39
CA HIS A 2 -1.65 -17.94 -11.68
C HIS A 2 -1.59 -16.79 -10.65
N MET A 3 -0.81 -15.74 -10.98
CA MET A 3 -0.70 -14.52 -10.14
C MET A 3 -1.87 -13.55 -10.44
N GLN A 4 -2.66 -13.25 -9.41
CA GLN A 4 -3.84 -12.37 -9.51
C GLN A 4 -3.44 -10.88 -9.32
N PRO A 5 -3.67 -9.99 -10.34
CA PRO A 5 -3.52 -8.52 -10.16
C PRO A 5 -4.62 -7.97 -9.21
N GLY A 6 -4.34 -8.02 -7.89
CA GLY A 6 -5.31 -7.66 -6.84
C GLY A 6 -5.77 -6.19 -6.91
N LYS A 7 -7.09 -5.96 -6.81
CA LYS A 7 -7.68 -4.61 -6.91
C LYS A 7 -7.27 -3.72 -5.71
N TYR A 8 -7.13 -4.34 -4.52
CA TYR A 8 -6.65 -3.66 -3.29
C TYR A 8 -5.13 -3.34 -3.36
N SER A 9 -4.32 -4.23 -3.99
CA SER A 9 -2.84 -3.98 -4.15
C SER A 9 -2.57 -2.86 -5.18
N GLN A 10 -3.38 -2.83 -6.26
CA GLN A 10 -3.39 -1.70 -7.23
C GLN A 10 -3.81 -0.39 -6.52
N LEU A 11 -4.85 -0.50 -5.66
CA LEU A 11 -5.35 0.64 -4.85
C LEU A 11 -4.26 1.22 -3.91
N VAL A 12 -3.46 0.33 -3.27
CA VAL A 12 -2.34 0.74 -2.38
C VAL A 12 -1.29 1.60 -3.16
N VAL A 13 -0.89 1.12 -4.34
CA VAL A 13 0.09 1.82 -5.22
C VAL A 13 -0.48 3.20 -5.68
N GLU A 14 -1.78 3.24 -6.01
CA GLU A 14 -2.51 4.48 -6.41
C GLU A 14 -2.71 5.44 -5.21
N THR A 15 -2.80 4.87 -4.00
CA THR A 15 -2.99 5.63 -2.74
C THR A 15 -1.69 6.34 -2.31
N ILE A 16 -0.57 5.61 -2.33
CA ILE A 16 0.77 6.17 -2.02
C ILE A 16 1.17 7.24 -3.10
N ARG A 17 0.69 7.00 -4.33
CA ARG A 17 0.76 7.98 -5.46
C ARG A 17 -0.10 9.24 -5.17
N ARG A 18 -1.30 9.05 -4.58
CA ARG A 18 -2.20 10.14 -4.10
C ARG A 18 -1.54 10.98 -2.97
N LEU A 19 -0.90 10.27 -2.02
CA LEU A 19 -0.19 10.89 -0.87
C LEU A 19 1.06 11.67 -1.32
N GLY A 20 1.71 11.17 -2.38
CA GLY A 20 2.92 11.80 -2.95
C GLY A 20 4.07 11.92 -1.97
N GLU A 21 4.24 10.89 -1.12
CA GLU A 21 5.29 10.84 -0.06
C GLU A 21 6.73 10.84 -0.65
N ARG A 22 7.75 10.87 0.24
CA ARG A 22 9.18 10.93 -0.19
C ARG A 22 10.12 10.13 0.77
N ASN A 23 9.52 9.33 1.68
CA ASN A 23 10.29 8.60 2.74
C ASN A 23 9.52 7.36 3.27
N GLY A 24 8.19 7.33 3.04
CA GLY A 24 7.32 6.25 3.52
C GLY A 24 6.04 6.79 4.15
N SER A 25 4.88 6.30 3.70
CA SER A 25 3.55 6.72 4.22
C SER A 25 2.94 5.62 5.10
N SER A 26 2.55 5.96 6.36
CA SER A 26 2.02 4.98 7.35
C SER A 26 0.73 4.29 6.86
N LEU A 27 0.49 3.04 7.31
CA LEU A 27 -0.72 2.25 6.93
C LEU A 27 -2.05 2.99 7.28
N ALA A 28 -2.01 3.84 8.32
CA ALA A 28 -3.14 4.69 8.72
C ALA A 28 -3.39 5.84 7.71
N LYS A 29 -2.29 6.42 7.21
CA LYS A 29 -2.30 7.49 6.17
C LYS A 29 -2.77 6.93 4.80
N ILE A 30 -2.28 5.71 4.49
CA ILE A 30 -2.69 4.92 3.30
C ILE A 30 -4.20 4.58 3.38
N TYR A 31 -4.66 4.21 4.57
CA TYR A 31 -6.07 3.88 4.82
C TYR A 31 -7.00 5.09 4.56
N THR A 32 -6.55 6.31 4.92
CA THR A 32 -7.36 7.55 4.80
C THR A 32 -7.79 7.87 3.33
N GLU A 33 -6.90 7.60 2.36
CA GLU A 33 -7.23 7.75 0.92
C GLU A 33 -8.00 6.51 0.40
N ALA A 34 -7.58 5.31 0.84
CA ALA A 34 -8.13 4.03 0.36
C ALA A 34 -9.55 3.72 0.91
N LYS A 35 -9.94 4.36 2.03
CA LYS A 35 -11.27 4.13 2.68
C LYS A 35 -12.43 4.82 1.93
N LYS A 36 -12.09 5.76 1.03
CA LYS A 36 -13.08 6.58 0.28
C LYS A 36 -13.85 5.78 -0.80
N VAL A 37 -13.23 4.72 -1.33
CA VAL A 37 -13.77 3.96 -2.51
C VAL A 37 -15.03 3.13 -2.13
N PRO A 38 -16.10 3.09 -3.01
CA PRO A 38 -17.37 2.36 -2.75
C PRO A 38 -17.20 0.82 -2.57
N TRP A 39 -16.26 0.22 -3.33
CA TRP A 39 -16.01 -1.24 -3.29
C TRP A 39 -15.12 -1.65 -2.10
N PHE A 40 -14.51 -0.66 -1.44
CA PHE A 40 -13.68 -0.88 -0.24
C PHE A 40 -14.57 -1.12 1.02
N ASP A 41 -14.11 -2.01 1.90
CA ASP A 41 -14.80 -2.29 3.20
C ASP A 41 -13.94 -1.74 4.36
N GLN A 42 -14.56 -1.10 5.36
CA GLN A 42 -13.82 -0.47 6.49
C GLN A 42 -13.23 -1.52 7.46
N GLN A 43 -14.07 -2.51 7.86
CA GLN A 43 -13.73 -3.52 8.87
C GLN A 43 -12.59 -4.47 8.40
N ASN A 44 -12.86 -5.14 7.27
CA ASN A 44 -11.96 -6.16 6.68
C ASN A 44 -10.91 -5.53 5.74
N GLY A 45 -11.23 -4.36 5.16
CA GLY A 45 -10.35 -3.68 4.20
C GLY A 45 -9.06 -3.13 4.80
N ARG A 46 -9.05 -2.88 6.11
CA ARG A 46 -7.81 -2.51 6.85
C ARG A 46 -6.77 -3.68 6.78
N THR A 47 -7.29 -4.92 6.92
CA THR A 47 -6.49 -6.16 6.75
C THR A 47 -6.14 -6.39 5.27
N TYR A 48 -7.07 -6.05 4.35
CA TYR A 48 -6.84 -6.21 2.88
C TYR A 48 -5.71 -5.28 2.39
N LEU A 49 -5.63 -4.05 2.92
CA LEU A 49 -4.51 -3.11 2.62
C LEU A 49 -3.18 -3.68 3.13
N LYS A 50 -3.16 -4.10 4.41
CA LYS A 50 -1.98 -4.74 5.04
C LYS A 50 -1.49 -5.99 4.26
N TYR A 51 -2.44 -6.80 3.79
CA TYR A 51 -2.16 -8.08 3.09
C TYR A 51 -1.65 -7.83 1.66
N SER A 52 -2.25 -6.83 1.00
CA SER A 52 -1.80 -6.32 -0.30
C SER A 52 -0.36 -5.77 -0.22
N ILE A 53 -0.10 -5.00 0.84
CA ILE A 53 1.23 -4.44 1.15
C ILE A 53 2.25 -5.57 1.42
N LYS A 54 1.85 -6.61 2.18
CA LYS A 54 2.73 -7.76 2.50
C LYS A 54 3.15 -8.51 1.21
N ALA A 55 2.16 -8.70 0.31
CA ALA A 55 2.37 -9.29 -1.01
C ALA A 55 3.30 -8.39 -1.89
N LEU A 56 3.10 -7.07 -1.83
CA LEU A 56 3.89 -6.08 -2.61
C LEU A 56 5.35 -5.98 -2.09
N VAL A 57 5.57 -6.15 -0.77
CA VAL A 57 6.94 -6.20 -0.18
C VAL A 57 7.65 -7.52 -0.61
N GLN A 58 6.87 -8.61 -0.71
CA GLN A 58 7.32 -9.91 -1.27
C GLN A 58 7.72 -9.77 -2.77
N ASN A 59 6.96 -8.95 -3.53
CA ASN A 59 7.29 -8.67 -4.95
C ASN A 59 8.31 -7.51 -5.11
N ASP A 60 8.77 -6.93 -3.97
CA ASP A 60 9.75 -5.81 -3.93
C ASP A 60 9.22 -4.54 -4.63
N THR A 61 7.89 -4.37 -4.61
CA THR A 61 7.19 -3.14 -5.03
C THR A 61 7.13 -2.09 -3.88
N LEU A 62 7.10 -2.57 -2.62
CA LEU A 62 7.05 -1.69 -1.40
C LEU A 62 8.24 -1.95 -0.45
N LEU A 63 8.64 -0.88 0.27
CA LEU A 63 9.69 -0.91 1.32
C LEU A 63 9.08 -0.53 2.69
N GLN A 64 9.46 -1.28 3.73
CA GLN A 64 9.04 -1.01 5.13
C GLN A 64 9.97 0.04 5.79
N VAL A 65 9.37 1.10 6.36
CA VAL A 65 10.09 2.21 7.03
C VAL A 65 9.46 2.51 8.41
N LYS A 66 10.30 2.55 9.45
CA LYS A 66 9.89 2.97 10.82
C LYS A 66 10.63 4.26 11.24
N GLY A 67 11.61 4.70 10.41
CA GLY A 67 12.41 5.90 10.67
C GLY A 67 11.61 7.20 10.61
N THR A 68 10.74 7.33 9.58
CA THR A 68 9.84 8.51 9.43
C THR A 68 8.61 8.40 10.36
N GLY A 69 8.27 7.15 10.75
CA GLY A 69 7.11 6.87 11.61
C GLY A 69 7.02 5.37 11.95
N ALA A 70 7.05 5.04 13.25
CA ALA A 70 7.09 3.63 13.74
C ALA A 70 5.68 2.95 13.76
N ASN A 71 4.81 3.31 12.79
CA ASN A 71 3.44 2.76 12.65
C ASN A 71 3.31 1.91 11.35
N GLY A 72 4.47 1.51 10.78
CA GLY A 72 4.50 0.80 9.49
C GLY A 72 4.30 1.75 8.30
N SER A 73 5.37 2.45 7.91
CA SER A 73 5.34 3.43 6.80
C SER A 73 5.91 2.81 5.51
N PHE A 74 5.08 2.69 4.47
CA PHE A 74 5.44 1.98 3.22
C PHE A 74 5.52 2.97 2.03
N LYS A 75 6.56 2.76 1.19
CA LYS A 75 6.84 3.63 0.02
C LYS A 75 7.08 2.79 -1.25
N LEU A 76 6.91 3.42 -2.41
CA LEU A 76 7.05 2.78 -3.74
C LEU A 76 8.54 2.68 -4.14
N ASN A 77 8.97 1.46 -4.49
CA ASN A 77 10.36 1.19 -4.94
C ASN A 77 10.61 1.82 -6.33
N ARG A 78 11.30 2.97 -6.32
CA ARG A 78 11.76 3.64 -7.56
C ARG A 78 12.88 2.80 -8.24
N LYS A 79 13.71 2.13 -7.41
CA LYS A 79 14.73 1.16 -7.88
C LYS A 79 14.17 -0.30 -7.78
N LYS A 80 12.88 -0.48 -8.15
CA LYS A 80 12.25 -1.82 -8.29
C LYS A 80 13.04 -2.67 -9.33
N LEU A 81 13.75 -1.97 -10.21
CA LEU A 81 14.59 -2.54 -11.29
C LEU A 81 15.73 -3.43 -10.73
N GLU A 82 16.25 -3.07 -9.53
CA GLU A 82 17.29 -3.85 -8.79
C GLU A 82 16.72 -4.47 -7.48
N GLY A 83 15.38 -4.49 -7.36
CA GLY A 83 14.70 -5.03 -6.17
C GLY A 83 14.30 -3.96 -5.17
N SER A 1 1.72 -8.47 -21.38
CA SER A 1 2.37 -8.30 -20.05
C SER A 1 1.42 -8.78 -18.92
N HIS A 2 1.95 -9.58 -17.97
CA HIS A 2 1.16 -10.19 -16.89
C HIS A 2 1.55 -9.63 -15.50
N MET A 3 0.59 -8.97 -14.83
CA MET A 3 0.72 -8.54 -13.42
C MET A 3 -0.16 -9.44 -12.51
N GLN A 4 -0.05 -9.25 -11.18
CA GLN A 4 -0.94 -9.93 -10.21
C GLN A 4 -2.31 -9.19 -10.14
N PRO A 5 -3.47 -9.91 -10.26
CA PRO A 5 -4.82 -9.28 -10.36
C PRO A 5 -5.43 -8.84 -9.00
N GLY A 6 -4.57 -8.54 -8.00
CA GLY A 6 -5.01 -8.05 -6.69
C GLY A 6 -5.38 -6.57 -6.71
N LYS A 7 -6.70 -6.27 -6.68
CA LYS A 7 -7.23 -4.88 -6.77
C LYS A 7 -6.95 -4.03 -5.49
N TYR A 8 -6.79 -4.69 -4.31
CA TYR A 8 -6.39 -3.98 -3.07
C TYR A 8 -4.86 -3.67 -3.10
N SER A 9 -4.08 -4.56 -3.71
CA SER A 9 -2.63 -4.32 -3.96
C SER A 9 -2.43 -3.10 -4.87
N GLN A 10 -3.26 -3.04 -5.94
CA GLN A 10 -3.30 -1.91 -6.88
C GLN A 10 -3.78 -0.62 -6.18
N LEU A 11 -4.75 -0.76 -5.26
CA LEU A 11 -5.31 0.36 -4.46
C LEU A 11 -4.25 1.06 -3.58
N VAL A 12 -3.35 0.27 -2.96
CA VAL A 12 -2.23 0.81 -2.15
C VAL A 12 -1.25 1.65 -3.02
N VAL A 13 -0.93 1.11 -4.22
CA VAL A 13 -0.09 1.79 -5.23
C VAL A 13 -0.75 3.12 -5.69
N GLU A 14 -2.08 3.08 -5.88
CA GLU A 14 -2.89 4.26 -6.26
C GLU A 14 -2.97 5.31 -5.13
N THR A 15 -2.97 4.84 -3.87
CA THR A 15 -2.98 5.70 -2.68
C THR A 15 -1.68 6.52 -2.59
N ILE A 16 -0.53 5.81 -2.61
CA ILE A 16 0.80 6.42 -2.43
C ILE A 16 1.16 7.38 -3.62
N ARG A 17 0.68 7.03 -4.84
CA ARG A 17 0.86 7.89 -6.04
C ARG A 17 0.06 9.22 -5.92
N ARG A 18 -1.19 9.16 -5.40
CA ARG A 18 -2.04 10.37 -5.18
C ARG A 18 -1.54 11.23 -4.01
N LEU A 19 -0.82 10.62 -3.06
CA LEU A 19 -0.10 11.34 -2.00
C LEU A 19 1.22 11.95 -2.53
N GLY A 20 1.81 11.31 -3.56
CA GLY A 20 3.09 11.73 -4.16
C GLY A 20 4.28 11.22 -3.35
N GLU A 21 4.40 11.74 -2.11
CA GLU A 21 5.41 11.35 -1.11
C GLU A 21 6.89 11.54 -1.55
N ARG A 22 7.76 11.25 -0.58
CA ARG A 22 9.23 11.22 -0.73
C ARG A 22 9.79 10.04 0.10
N ASN A 23 9.35 9.98 1.37
CA ASN A 23 9.84 9.02 2.37
C ASN A 23 8.96 7.75 2.45
N GLY A 24 7.64 7.93 2.45
CA GLY A 24 6.66 6.83 2.60
C GLY A 24 5.48 7.22 3.49
N SER A 25 4.30 6.63 3.23
CA SER A 25 3.08 6.87 4.05
C SER A 25 2.80 5.68 4.98
N SER A 26 2.45 5.97 6.23
CA SER A 26 2.17 4.92 7.25
C SER A 26 0.95 4.06 6.89
N LEU A 27 0.85 2.83 7.45
CA LEU A 27 -0.34 1.96 7.27
C LEU A 27 -1.65 2.68 7.69
N ALA A 28 -1.54 3.53 8.74
CA ALA A 28 -2.64 4.41 9.19
C ALA A 28 -3.10 5.41 8.09
N LYS A 29 -2.11 6.09 7.47
CA LYS A 29 -2.35 7.10 6.41
C LYS A 29 -2.93 6.46 5.12
N ILE A 30 -2.31 5.34 4.68
CA ILE A 30 -2.75 4.56 3.48
C ILE A 30 -4.21 4.09 3.63
N TYR A 31 -4.56 3.62 4.84
CA TYR A 31 -5.93 3.23 5.21
C TYR A 31 -6.92 4.42 5.16
N THR A 32 -6.48 5.59 5.69
CA THR A 32 -7.29 6.83 5.74
C THR A 32 -7.71 7.31 4.32
N GLU A 33 -6.80 7.16 3.35
CA GLU A 33 -7.07 7.55 1.95
C GLU A 33 -7.89 6.46 1.21
N ALA A 34 -7.68 5.18 1.59
CA ALA A 34 -8.39 4.03 0.99
C ALA A 34 -9.87 3.94 1.41
N LYS A 35 -10.23 4.42 2.62
CA LYS A 35 -11.63 4.41 3.14
C LYS A 35 -12.52 5.52 2.50
N LYS A 36 -12.00 6.18 1.44
CA LYS A 36 -12.72 7.21 0.67
C LYS A 36 -13.29 6.65 -0.66
N VAL A 37 -12.79 5.48 -1.10
CA VAL A 37 -13.14 4.88 -2.42
C VAL A 37 -14.47 4.08 -2.31
N PRO A 38 -15.46 4.27 -3.26
CA PRO A 38 -16.82 3.68 -3.13
C PRO A 38 -16.92 2.14 -3.31
N TRP A 39 -15.78 1.44 -3.54
CA TRP A 39 -15.75 -0.05 -3.61
C TRP A 39 -15.01 -0.68 -2.39
N PHE A 40 -14.19 0.14 -1.68
CA PHE A 40 -13.38 -0.34 -0.54
C PHE A 40 -14.26 -0.86 0.65
N ASP A 41 -13.83 -1.98 1.26
CA ASP A 41 -14.47 -2.58 2.46
C ASP A 41 -13.89 -1.93 3.76
N GLN A 42 -14.76 -1.51 4.69
CA GLN A 42 -14.35 -0.66 5.85
C GLN A 42 -13.86 -1.46 7.10
N GLN A 43 -14.04 -2.80 7.11
CA GLN A 43 -13.61 -3.65 8.27
C GLN A 43 -12.61 -4.73 7.81
N ASN A 44 -13.07 -5.65 6.97
CA ASN A 44 -12.22 -6.73 6.40
C ASN A 44 -11.19 -6.14 5.39
N GLY A 45 -11.54 -4.98 4.79
CA GLY A 45 -10.66 -4.25 3.87
C GLY A 45 -9.37 -3.72 4.53
N ARG A 46 -9.40 -3.51 5.86
CA ARG A 46 -8.18 -3.20 6.65
C ARG A 46 -7.16 -4.35 6.55
N THR A 47 -7.65 -5.58 6.79
CA THR A 47 -6.84 -6.82 6.71
C THR A 47 -6.39 -7.09 5.25
N TYR A 48 -7.25 -6.73 4.28
CA TYR A 48 -6.93 -6.83 2.85
C TYR A 48 -5.79 -5.87 2.43
N LEU A 49 -5.82 -4.60 2.92
CA LEU A 49 -4.72 -3.63 2.69
C LEU A 49 -3.41 -4.11 3.34
N LYS A 50 -3.51 -4.55 4.59
CA LYS A 50 -2.36 -5.02 5.40
C LYS A 50 -1.68 -6.23 4.71
N TYR A 51 -2.50 -7.15 4.17
CA TYR A 51 -2.01 -8.36 3.45
C TYR A 51 -1.49 -8.01 2.04
N SER A 52 -2.11 -7.00 1.40
CA SER A 52 -1.66 -6.48 0.09
C SER A 52 -0.27 -5.81 0.18
N ILE A 53 -0.07 -4.98 1.22
CA ILE A 53 1.22 -4.33 1.51
C ILE A 53 2.30 -5.39 1.85
N LYS A 54 1.91 -6.39 2.66
CA LYS A 54 2.76 -7.55 3.01
C LYS A 54 3.25 -8.27 1.71
N ALA A 55 2.29 -8.55 0.81
CA ALA A 55 2.53 -9.21 -0.48
C ALA A 55 3.40 -8.33 -1.43
N LEU A 56 3.17 -7.01 -1.42
CA LEU A 56 3.93 -6.06 -2.28
C LEU A 56 5.38 -5.85 -1.76
N VAL A 57 5.57 -5.94 -0.45
CA VAL A 57 6.93 -5.93 0.16
C VAL A 57 7.69 -7.23 -0.21
N GLN A 58 6.93 -8.35 -0.27
CA GLN A 58 7.44 -9.65 -0.74
C GLN A 58 7.77 -9.62 -2.26
N ASN A 59 6.95 -8.91 -3.05
CA ASN A 59 7.18 -8.70 -4.51
C ASN A 59 8.14 -7.51 -4.78
N ASP A 60 8.67 -6.87 -3.71
CA ASP A 60 9.62 -5.72 -3.78
C ASP A 60 8.99 -4.45 -4.45
N THR A 61 7.64 -4.45 -4.62
CA THR A 61 6.88 -3.31 -5.16
C THR A 61 6.85 -2.14 -4.15
N LEU A 62 6.73 -2.47 -2.86
CA LEU A 62 6.81 -1.50 -1.74
C LEU A 62 8.09 -1.66 -0.93
N LEU A 63 8.54 -0.55 -0.33
CA LEU A 63 9.69 -0.49 0.58
C LEU A 63 9.19 -0.18 2.01
N GLN A 64 9.57 -1.04 2.97
CA GLN A 64 9.23 -0.86 4.39
C GLN A 64 10.21 0.16 5.02
N VAL A 65 9.71 1.38 5.20
CA VAL A 65 10.50 2.51 5.75
C VAL A 65 10.44 2.51 7.31
N LYS A 66 9.60 1.60 7.88
CA LYS A 66 9.57 1.24 9.31
C LYS A 66 9.03 2.38 10.21
N GLY A 67 9.18 2.23 11.54
CA GLY A 67 8.71 3.21 12.52
C GLY A 67 9.35 4.60 12.38
N THR A 68 8.68 5.50 11.64
CA THR A 68 9.17 6.88 11.34
C THR A 68 8.73 7.92 12.41
N GLY A 69 8.40 7.45 13.64
CA GLY A 69 7.89 8.35 14.70
C GLY A 69 6.39 8.61 14.58
N ALA A 70 5.63 7.59 14.16
CA ALA A 70 4.16 7.68 13.96
C ALA A 70 3.51 6.29 14.00
N ASN A 71 3.95 5.38 13.11
CA ASN A 71 3.33 4.04 12.93
C ASN A 71 4.30 3.07 12.19
N GLY A 72 4.51 3.33 10.89
CA GLY A 72 5.29 2.44 10.02
C GLY A 72 5.04 2.75 8.54
N SER A 73 5.98 3.48 7.90
CA SER A 73 5.77 4.03 6.54
C SER A 73 6.10 3.02 5.42
N PHE A 74 5.42 3.19 4.26
CA PHE A 74 5.56 2.35 3.05
C PHE A 74 5.50 3.26 1.79
N LYS A 75 6.43 3.03 0.85
CA LYS A 75 6.52 3.82 -0.42
C LYS A 75 6.71 2.90 -1.64
N LEU A 76 6.51 3.45 -2.84
CA LEU A 76 6.74 2.73 -4.12
C LEU A 76 8.26 2.58 -4.38
N ASN A 77 8.71 1.37 -4.74
CA ASN A 77 10.12 1.07 -5.06
C ASN A 77 10.45 1.56 -6.50
N ARG A 78 11.28 2.61 -6.57
CA ARG A 78 11.68 3.23 -7.85
C ARG A 78 12.82 2.40 -8.54
N LYS A 79 13.63 1.71 -7.71
CA LYS A 79 14.75 0.86 -8.17
C LYS A 79 14.40 -0.65 -8.01
N LYS A 80 13.11 -1.00 -8.24
CA LYS A 80 12.69 -2.42 -8.32
C LYS A 80 13.38 -3.10 -9.55
N LEU A 81 13.64 -2.29 -10.59
CA LEU A 81 14.29 -2.72 -11.86
C LEU A 81 15.60 -3.54 -11.62
N GLU A 82 16.49 -3.03 -10.74
CA GLU A 82 17.74 -3.70 -10.30
C GLU A 82 18.71 -4.08 -11.46
N GLY A 83 18.44 -5.22 -12.14
CA GLY A 83 19.28 -5.70 -13.25
C GLY A 83 19.12 -4.88 -14.53
N SER A 1 -13.69 -20.41 -8.32
CA SER A 1 -13.79 -18.93 -8.19
C SER A 1 -13.04 -18.20 -9.32
N HIS A 2 -13.41 -16.92 -9.53
CA HIS A 2 -12.86 -16.05 -10.60
C HIS A 2 -13.27 -14.57 -10.31
N MET A 3 -12.87 -13.61 -11.18
CA MET A 3 -13.31 -12.18 -11.17
C MET A 3 -12.51 -11.30 -10.16
N GLN A 4 -12.12 -11.88 -9.01
CA GLN A 4 -11.28 -11.21 -7.98
C GLN A 4 -9.81 -11.05 -8.48
N PRO A 5 -9.35 -9.80 -8.83
CA PRO A 5 -8.05 -9.56 -9.51
C PRO A 5 -6.88 -9.04 -8.60
N GLY A 6 -7.07 -9.05 -7.26
CA GLY A 6 -6.09 -8.43 -6.34
C GLY A 6 -6.12 -6.90 -6.42
N LYS A 7 -7.34 -6.34 -6.37
CA LYS A 7 -7.63 -4.91 -6.65
C LYS A 7 -7.18 -3.97 -5.50
N TYR A 8 -7.08 -4.52 -4.26
CA TYR A 8 -6.58 -3.77 -3.07
C TYR A 8 -5.07 -3.43 -3.20
N SER A 9 -4.30 -4.31 -3.86
CA SER A 9 -2.84 -4.07 -4.13
C SER A 9 -2.63 -2.87 -5.08
N GLN A 10 -3.45 -2.81 -6.13
CA GLN A 10 -3.46 -1.69 -7.12
C GLN A 10 -3.81 -0.36 -6.41
N LEU A 11 -4.80 -0.45 -5.50
CA LEU A 11 -5.28 0.67 -4.67
C LEU A 11 -4.14 1.28 -3.79
N VAL A 12 -3.38 0.42 -3.09
CA VAL A 12 -2.27 0.84 -2.19
C VAL A 12 -1.18 1.66 -2.94
N VAL A 13 -0.74 1.14 -4.09
CA VAL A 13 0.27 1.79 -4.97
C VAL A 13 -0.17 3.22 -5.37
N GLU A 14 -1.39 3.31 -5.91
CA GLU A 14 -1.97 4.60 -6.34
C GLU A 14 -2.33 5.52 -5.15
N THR A 15 -2.49 4.94 -3.94
CA THR A 15 -2.74 5.70 -2.69
C THR A 15 -1.45 6.39 -2.19
N ILE A 16 -0.30 5.71 -2.27
CA ILE A 16 1.02 6.30 -1.93
C ILE A 16 1.36 7.44 -2.95
N ARG A 17 0.86 7.29 -4.20
CA ARG A 17 0.94 8.35 -5.23
C ARG A 17 -0.06 9.52 -4.94
N ARG A 18 -1.25 9.18 -4.37
CA ARG A 18 -2.26 10.18 -3.90
C ARG A 18 -1.67 11.11 -2.79
N LEU A 19 -0.95 10.48 -1.85
CA LEU A 19 -0.22 11.18 -0.78
C LEU A 19 1.03 11.90 -1.34
N GLY A 20 1.72 11.22 -2.29
CA GLY A 20 2.99 11.69 -2.84
C GLY A 20 4.09 11.79 -1.77
N GLU A 21 4.20 10.74 -0.94
CA GLU A 21 5.12 10.74 0.23
C GLU A 21 6.62 10.66 -0.16
N ARG A 22 7.46 11.09 0.81
CA ARG A 22 8.93 11.23 0.67
C ARG A 22 9.67 10.37 1.73
N ASN A 23 9.06 10.25 2.93
CA ASN A 23 9.60 9.48 4.07
C ASN A 23 8.85 8.13 4.26
N GLY A 24 7.71 7.97 3.54
CA GLY A 24 6.91 6.75 3.59
C GLY A 24 5.50 6.93 4.15
N SER A 25 4.56 6.17 3.59
CA SER A 25 3.14 6.20 3.97
C SER A 25 2.84 5.01 4.90
N SER A 26 2.55 5.30 6.18
CA SER A 26 2.14 4.26 7.17
C SER A 26 0.78 3.63 6.81
N LEU A 27 0.44 2.48 7.44
CA LEU A 27 -0.84 1.76 7.22
C LEU A 27 -2.08 2.67 7.46
N ALA A 28 -1.95 3.63 8.40
CA ALA A 28 -3.00 4.65 8.67
C ALA A 28 -3.14 5.68 7.52
N LYS A 29 -1.98 6.17 7.01
CA LYS A 29 -1.93 7.10 5.85
C LYS A 29 -2.52 6.45 4.58
N ILE A 30 -2.13 5.20 4.32
CA ILE A 30 -2.62 4.42 3.18
C ILE A 30 -4.13 4.14 3.33
N TYR A 31 -4.61 3.93 4.56
CA TYR A 31 -6.05 3.75 4.84
C TYR A 31 -6.86 5.02 4.50
N THR A 32 -6.32 6.20 4.86
CA THR A 32 -7.03 7.52 4.72
C THR A 32 -7.53 7.80 3.28
N GLU A 33 -6.72 7.47 2.26
CA GLU A 33 -7.12 7.64 0.84
C GLU A 33 -7.86 6.39 0.30
N ALA A 34 -7.46 5.21 0.77
CA ALA A 34 -7.97 3.91 0.28
C ALA A 34 -9.39 3.56 0.84
N LYS A 35 -9.85 4.30 1.86
CA LYS A 35 -11.21 4.07 2.45
C LYS A 35 -12.35 4.76 1.65
N LYS A 36 -12.00 5.71 0.77
CA LYS A 36 -12.99 6.56 0.04
C LYS A 36 -13.41 5.96 -1.33
N VAL A 37 -13.30 4.62 -1.49
CA VAL A 37 -13.68 3.90 -2.73
C VAL A 37 -14.97 3.05 -2.47
N PRO A 38 -15.94 2.97 -3.45
CA PRO A 38 -17.24 2.27 -3.23
C PRO A 38 -17.11 0.73 -2.98
N TRP A 39 -16.08 0.10 -3.58
CA TRP A 39 -15.86 -1.37 -3.49
C TRP A 39 -15.06 -1.77 -2.23
N PHE A 40 -14.47 -0.76 -1.56
CA PHE A 40 -13.67 -0.98 -0.33
C PHE A 40 -14.57 -1.36 0.87
N ASP A 41 -14.08 -2.27 1.73
CA ASP A 41 -14.76 -2.68 2.98
C ASP A 41 -14.10 -1.97 4.18
N GLN A 42 -14.88 -1.21 4.94
CA GLN A 42 -14.37 -0.42 6.10
C GLN A 42 -14.06 -1.29 7.33
N GLN A 43 -14.60 -2.52 7.36
CA GLN A 43 -14.42 -3.46 8.49
C GLN A 43 -13.08 -4.24 8.34
N ASN A 44 -13.09 -5.19 7.39
CA ASN A 44 -11.98 -6.14 7.17
C ASN A 44 -10.97 -5.62 6.12
N GLY A 45 -11.32 -4.51 5.45
CA GLY A 45 -10.43 -3.86 4.48
C GLY A 45 -9.16 -3.25 5.10
N ARG A 46 -9.19 -3.04 6.43
CA ARG A 46 -7.99 -2.68 7.22
C ARG A 46 -6.91 -3.81 7.12
N THR A 47 -7.39 -5.07 7.27
CA THR A 47 -6.55 -6.29 7.06
C THR A 47 -6.21 -6.48 5.57
N TYR A 48 -7.19 -6.23 4.67
CA TYR A 48 -6.99 -6.39 3.19
C TYR A 48 -5.95 -5.39 2.65
N LEU A 49 -5.85 -4.20 3.25
CA LEU A 49 -4.78 -3.23 2.94
C LEU A 49 -3.43 -3.75 3.46
N LYS A 50 -3.36 -4.12 4.75
CA LYS A 50 -2.11 -4.64 5.37
C LYS A 50 -1.57 -5.90 4.63
N TYR A 51 -2.49 -6.75 4.15
CA TYR A 51 -2.16 -8.03 3.48
C TYR A 51 -1.71 -7.78 2.02
N SER A 52 -2.34 -6.81 1.34
CA SER A 52 -1.93 -6.40 -0.02
C SER A 52 -0.57 -5.70 0.00
N ILE A 53 -0.35 -4.84 1.01
CA ILE A 53 0.95 -4.18 1.31
C ILE A 53 2.05 -5.24 1.55
N LYS A 54 1.74 -6.23 2.40
CA LYS A 54 2.64 -7.36 2.74
C LYS A 54 3.04 -8.15 1.47
N ALA A 55 2.03 -8.37 0.60
CA ALA A 55 2.22 -9.01 -0.72
C ALA A 55 3.10 -8.15 -1.66
N LEU A 56 2.93 -6.81 -1.62
CA LEU A 56 3.69 -5.87 -2.48
C LEU A 56 5.16 -5.71 -2.03
N VAL A 57 5.42 -5.79 -0.70
CA VAL A 57 6.81 -5.81 -0.16
C VAL A 57 7.52 -7.12 -0.59
N GLN A 58 6.73 -8.22 -0.65
CA GLN A 58 7.17 -9.54 -1.14
C GLN A 58 7.45 -9.51 -2.67
N ASN A 59 6.61 -8.80 -3.44
CA ASN A 59 6.81 -8.63 -4.92
C ASN A 59 7.79 -7.47 -5.25
N ASP A 60 8.36 -6.83 -4.19
CA ASP A 60 9.35 -5.74 -4.31
C ASP A 60 8.77 -4.48 -5.04
N THR A 61 7.46 -4.29 -4.90
CA THR A 61 6.75 -3.05 -5.28
C THR A 61 6.90 -1.97 -4.18
N LEU A 62 6.85 -2.41 -2.89
CA LEU A 62 6.96 -1.51 -1.72
C LEU A 62 8.27 -1.75 -0.91
N LEU A 63 8.79 -0.65 -0.34
CA LEU A 63 9.93 -0.63 0.59
C LEU A 63 9.41 -0.37 2.02
N GLN A 64 9.80 -1.23 2.99
CA GLN A 64 9.44 -1.03 4.41
C GLN A 64 10.47 -0.06 5.06
N VAL A 65 10.08 1.22 5.17
CA VAL A 65 10.93 2.32 5.68
C VAL A 65 11.05 2.30 7.24
N LYS A 66 10.28 1.37 7.88
CA LYS A 66 10.32 1.08 9.34
C LYS A 66 9.69 2.21 10.20
N GLY A 67 9.75 2.03 11.53
CA GLY A 67 9.22 3.02 12.49
C GLY A 67 10.07 4.29 12.59
N THR A 68 9.83 5.24 11.66
CA THR A 68 10.54 6.53 11.58
C THR A 68 9.81 7.64 12.38
N GLY A 69 9.10 7.24 13.47
CA GLY A 69 8.30 8.18 14.29
C GLY A 69 6.81 8.17 13.93
N ALA A 70 6.48 7.71 12.71
CA ALA A 70 5.09 7.63 12.19
C ALA A 70 4.66 6.16 11.97
N ASN A 71 5.28 5.22 12.75
CA ASN A 71 5.06 3.74 12.65
C ASN A 71 5.70 3.16 11.36
N GLY A 72 5.60 1.83 11.14
CA GLY A 72 6.08 1.16 9.92
C GLY A 72 5.55 1.80 8.62
N SER A 73 6.36 2.68 8.01
CA SER A 73 6.02 3.45 6.80
C SER A 73 6.41 2.68 5.52
N PHE A 74 5.69 2.93 4.41
CA PHE A 74 5.88 2.19 3.13
C PHE A 74 5.96 3.15 1.92
N LYS A 75 7.02 3.02 1.11
CA LYS A 75 7.19 3.80 -0.15
C LYS A 75 7.17 2.87 -1.37
N LEU A 76 7.02 3.45 -2.55
CA LEU A 76 7.20 2.74 -3.83
C LEU A 76 8.70 2.63 -4.17
N ASN A 77 9.13 1.50 -4.74
CA ASN A 77 10.51 1.33 -5.26
C ASN A 77 10.66 2.22 -6.52
N ARG A 78 10.07 1.72 -7.64
CA ARG A 78 9.85 2.46 -8.89
C ARG A 78 8.54 1.90 -9.52
N LYS A 79 7.49 1.78 -8.66
CA LYS A 79 6.20 1.10 -8.94
C LYS A 79 6.40 -0.43 -9.13
N LYS A 80 7.05 -0.85 -10.24
CA LYS A 80 7.35 -2.29 -10.57
C LYS A 80 6.08 -3.11 -11.00
N LEU A 81 4.88 -2.65 -10.58
CA LEU A 81 3.58 -3.29 -10.85
C LEU A 81 3.35 -3.51 -12.38
N GLU A 82 3.52 -2.44 -13.17
CA GLU A 82 3.39 -2.48 -14.65
C GLU A 82 4.70 -2.95 -15.35
N GLY A 83 5.84 -2.84 -14.64
CA GLY A 83 7.16 -3.24 -15.18
C GLY A 83 8.32 -2.44 -14.60
N SER A 1 -9.38 -21.76 -10.36
CA SER A 1 -8.93 -20.70 -9.41
C SER A 1 -7.41 -20.82 -9.10
N HIS A 2 -6.62 -19.80 -9.51
CA HIS A 2 -5.18 -19.70 -9.14
C HIS A 2 -4.98 -18.55 -8.09
N MET A 3 -4.76 -17.30 -8.57
CA MET A 3 -4.53 -16.13 -7.69
C MET A 3 -4.52 -14.83 -8.54
N GLN A 4 -5.68 -14.15 -8.64
CA GLN A 4 -5.80 -12.87 -9.39
C GLN A 4 -5.46 -11.66 -8.48
N PRO A 5 -4.49 -10.77 -8.88
CA PRO A 5 -4.11 -9.58 -8.07
C PRO A 5 -5.24 -8.52 -8.03
N GLY A 6 -6.05 -8.56 -6.95
CA GLY A 6 -7.20 -7.67 -6.77
C GLY A 6 -6.85 -6.17 -6.69
N LYS A 7 -7.88 -5.32 -6.76
CA LYS A 7 -7.70 -3.85 -6.84
C LYS A 7 -7.33 -3.20 -5.48
N TYR A 8 -7.22 -4.00 -4.39
CA TYR A 8 -6.66 -3.51 -3.10
C TYR A 8 -5.14 -3.22 -3.23
N SER A 9 -4.41 -4.10 -3.93
CA SER A 9 -2.95 -3.90 -4.21
C SER A 9 -2.72 -2.67 -5.11
N GLN A 10 -3.59 -2.53 -6.14
CA GLN A 10 -3.59 -1.36 -7.06
C GLN A 10 -3.92 -0.06 -6.29
N LEU A 11 -4.85 -0.17 -5.31
CA LEU A 11 -5.28 0.95 -4.44
C LEU A 11 -4.12 1.50 -3.58
N VAL A 12 -3.31 0.60 -2.98
CA VAL A 12 -2.14 0.98 -2.14
C VAL A 12 -1.06 1.71 -2.99
N VAL A 13 -0.70 1.11 -4.14
CA VAL A 13 0.26 1.70 -5.11
C VAL A 13 -0.18 3.12 -5.55
N GLU A 14 -1.48 3.25 -5.87
CA GLU A 14 -2.10 4.54 -6.25
C GLU A 14 -2.15 5.53 -5.07
N THR A 15 -2.42 5.06 -3.84
CA THR A 15 -2.50 5.93 -2.64
C THR A 15 -1.14 6.63 -2.38
N ILE A 16 -0.08 5.82 -2.33
CA ILE A 16 1.31 6.30 -2.12
C ILE A 16 1.76 7.26 -3.27
N ARG A 17 1.30 6.94 -4.50
CA ARG A 17 1.56 7.76 -5.71
C ARG A 17 0.86 9.16 -5.64
N ARG A 18 -0.45 9.17 -5.34
CA ARG A 18 -1.28 10.40 -5.37
C ARG A 18 -0.94 11.35 -4.20
N LEU A 19 -0.43 10.79 -3.09
CA LEU A 19 0.13 11.57 -1.97
C LEU A 19 1.56 12.08 -2.32
N GLY A 20 2.29 11.28 -3.13
CA GLY A 20 3.69 11.58 -3.50
C GLY A 20 4.69 11.18 -2.41
N GLU A 21 4.35 10.12 -1.66
CA GLU A 21 5.16 9.60 -0.54
C GLU A 21 6.46 8.89 -1.01
N ARG A 22 7.51 9.69 -1.24
CA ARG A 22 8.88 9.20 -1.53
C ARG A 22 9.66 8.88 -0.23
N ASN A 23 9.16 9.36 0.93
CA ASN A 23 9.69 8.99 2.26
C ASN A 23 8.99 7.70 2.77
N GLY A 24 7.64 7.65 2.65
CA GLY A 24 6.84 6.48 3.04
C GLY A 24 5.54 6.86 3.76
N SER A 25 4.43 6.22 3.35
CA SER A 25 3.07 6.47 3.91
C SER A 25 2.72 5.43 4.98
N SER A 26 2.33 5.89 6.18
CA SER A 26 1.84 5.01 7.28
C SER A 26 0.61 4.19 6.85
N LEU A 27 0.43 3.00 7.43
CA LEU A 27 -0.76 2.14 7.16
C LEU A 27 -2.09 2.88 7.49
N ALA A 28 -2.05 3.74 8.53
CA ALA A 28 -3.20 4.60 8.91
C ALA A 28 -3.48 5.70 7.86
N LYS A 29 -2.39 6.24 7.25
CA LYS A 29 -2.48 7.27 6.19
C LYS A 29 -3.02 6.65 4.87
N ILE A 30 -2.57 5.43 4.57
CA ILE A 30 -3.06 4.63 3.42
C ILE A 30 -4.55 4.28 3.59
N TYR A 31 -4.94 3.95 4.85
CA TYR A 31 -6.35 3.65 5.21
C TYR A 31 -7.26 4.87 4.99
N THR A 32 -6.78 6.08 5.37
CA THR A 32 -7.56 7.34 5.24
C THR A 32 -7.97 7.63 3.77
N GLU A 33 -7.06 7.39 2.83
CA GLU A 33 -7.33 7.55 1.39
C GLU A 33 -8.13 6.35 0.82
N ALA A 34 -7.94 5.17 1.43
CA ALA A 34 -8.58 3.91 0.99
C ALA A 34 -10.07 3.82 1.43
N LYS A 35 -10.43 4.44 2.57
CA LYS A 35 -11.80 4.35 3.13
C LYS A 35 -12.83 5.24 2.38
N LYS A 36 -12.38 5.89 1.29
CA LYS A 36 -13.21 6.79 0.45
C LYS A 36 -13.89 6.06 -0.74
N VAL A 37 -13.35 4.89 -1.15
CA VAL A 37 -13.78 4.19 -2.40
C VAL A 37 -15.10 3.38 -2.18
N PRO A 38 -16.08 3.39 -3.17
CA PRO A 38 -17.38 2.66 -3.07
C PRO A 38 -17.24 1.14 -2.77
N TRP A 39 -16.21 0.51 -3.37
CA TRP A 39 -16.00 -0.96 -3.30
C TRP A 39 -15.22 -1.39 -2.03
N PHE A 40 -14.62 -0.41 -1.32
CA PHE A 40 -13.78 -0.69 -0.13
C PHE A 40 -14.63 -1.19 1.06
N ASP A 41 -14.09 -2.19 1.79
CA ASP A 41 -14.74 -2.75 3.00
C ASP A 41 -14.14 -2.08 4.28
N GLN A 42 -14.98 -1.43 5.10
CA GLN A 42 -14.53 -0.63 6.27
C GLN A 42 -14.08 -1.49 7.48
N GLN A 43 -14.38 -2.79 7.49
CA GLN A 43 -14.03 -3.70 8.61
C GLN A 43 -12.78 -4.56 8.27
N ASN A 44 -12.93 -5.38 7.23
CA ASN A 44 -11.90 -6.36 6.78
C ASN A 44 -10.93 -5.74 5.74
N GLY A 45 -11.32 -4.60 5.14
CA GLY A 45 -10.53 -3.95 4.07
C GLY A 45 -9.13 -3.49 4.48
N ARG A 46 -8.95 -3.12 5.77
CA ARG A 46 -7.63 -2.73 6.34
C ARG A 46 -6.71 -3.96 6.52
N THR A 47 -7.32 -5.13 6.80
CA THR A 47 -6.62 -6.44 6.76
C THR A 47 -6.13 -6.73 5.32
N TYR A 48 -7.01 -6.44 4.33
CA TYR A 48 -6.68 -6.58 2.90
C TYR A 48 -5.64 -5.54 2.42
N LEU A 49 -5.63 -4.34 3.06
CA LEU A 49 -4.58 -3.31 2.80
C LEU A 49 -3.22 -3.82 3.28
N LYS A 50 -3.17 -4.25 4.56
CA LYS A 50 -1.94 -4.78 5.21
C LYS A 50 -1.36 -6.00 4.42
N TYR A 51 -2.26 -6.86 3.92
CA TYR A 51 -1.88 -8.06 3.15
C TYR A 51 -1.46 -7.72 1.71
N SER A 52 -2.13 -6.73 1.08
CA SER A 52 -1.69 -6.20 -0.23
C SER A 52 -0.27 -5.61 -0.12
N ILE A 53 -0.04 -4.85 0.95
CA ILE A 53 1.25 -4.21 1.25
C ILE A 53 2.36 -5.24 1.46
N LYS A 54 2.16 -6.16 2.42
CA LYS A 54 3.20 -7.16 2.81
C LYS A 54 3.57 -8.09 1.64
N ALA A 55 2.55 -8.47 0.85
CA ALA A 55 2.73 -9.27 -0.38
C ALA A 55 3.54 -8.48 -1.45
N LEU A 56 3.24 -7.17 -1.62
CA LEU A 56 4.00 -6.28 -2.53
C LEU A 56 5.42 -5.98 -2.03
N VAL A 57 5.65 -6.01 -0.70
CA VAL A 57 7.01 -5.88 -0.10
C VAL A 57 7.86 -7.15 -0.45
N GLN A 58 7.19 -8.31 -0.45
CA GLN A 58 7.76 -9.60 -0.88
C GLN A 58 8.05 -9.57 -2.42
N ASN A 59 7.14 -8.96 -3.21
CA ASN A 59 7.31 -8.81 -4.69
C ASN A 59 8.24 -7.63 -5.07
N ASP A 60 8.80 -6.93 -4.05
CA ASP A 60 9.74 -5.79 -4.22
C ASP A 60 9.09 -4.60 -5.00
N THR A 61 7.77 -4.48 -4.86
CA THR A 61 6.97 -3.32 -5.34
C THR A 61 6.94 -2.21 -4.26
N LEU A 62 6.83 -2.63 -2.99
CA LEU A 62 6.81 -1.72 -1.81
C LEU A 62 8.01 -1.96 -0.86
N LEU A 63 8.43 -0.90 -0.16
CA LEU A 63 9.51 -0.94 0.86
C LEU A 63 8.91 -0.77 2.27
N GLN A 64 9.39 -1.57 3.22
CA GLN A 64 9.08 -1.40 4.66
C GLN A 64 10.00 -0.31 5.25
N VAL A 65 9.45 0.91 5.43
CA VAL A 65 10.20 2.08 5.94
C VAL A 65 9.81 2.39 7.40
N LYS A 66 10.79 2.39 8.31
CA LYS A 66 10.56 2.68 9.74
C LYS A 66 10.75 4.19 10.08
N GLY A 67 9.76 4.76 10.80
CA GLY A 67 9.88 6.09 11.44
C GLY A 67 9.90 7.29 10.48
N THR A 68 8.89 7.40 9.60
CA THR A 68 8.66 8.61 8.76
C THR A 68 7.28 9.24 9.07
N GLY A 69 6.86 9.11 10.34
CA GLY A 69 5.53 9.52 10.79
C GLY A 69 4.97 8.50 11.78
N ALA A 70 5.08 7.23 11.41
CA ALA A 70 4.74 6.07 12.25
C ALA A 70 5.83 4.98 12.14
N ASN A 71 5.76 3.98 13.04
CA ASN A 71 6.68 2.83 13.06
C ASN A 71 6.65 2.02 11.73
N GLY A 72 5.43 1.79 11.20
CA GLY A 72 5.23 1.02 9.97
C GLY A 72 4.72 1.88 8.79
N SER A 73 5.66 2.53 8.10
CA SER A 73 5.38 3.32 6.87
C SER A 73 5.84 2.53 5.63
N PHE A 74 5.22 2.77 4.45
CA PHE A 74 5.46 1.98 3.21
C PHE A 74 5.42 2.87 1.96
N LYS A 75 6.34 2.63 1.00
CA LYS A 75 6.43 3.44 -0.24
C LYS A 75 6.77 2.58 -1.48
N LEU A 76 6.70 3.19 -2.67
CA LEU A 76 7.06 2.54 -3.96
C LEU A 76 8.60 2.38 -4.08
N ASN A 77 9.07 1.25 -4.65
CA ASN A 77 10.52 1.03 -4.93
C ASN A 77 10.97 1.78 -6.19
N ARG A 78 12.29 1.97 -6.30
CA ARG A 78 12.94 2.51 -7.51
C ARG A 78 13.17 1.40 -8.56
N LYS A 79 13.41 0.15 -8.09
CA LYS A 79 13.67 -1.02 -8.99
C LYS A 79 12.43 -1.94 -9.15
N LYS A 80 11.22 -1.44 -8.76
CA LYS A 80 9.96 -2.24 -8.83
C LYS A 80 9.53 -2.57 -10.29
N LEU A 81 10.25 -1.96 -11.26
CA LEU A 81 10.09 -2.22 -12.71
C LEU A 81 10.35 -3.72 -13.04
N GLU A 82 11.47 -4.26 -12.53
CA GLU A 82 11.94 -5.64 -12.84
C GLU A 82 12.46 -6.37 -11.57
N GLY A 83 13.20 -5.64 -10.70
CA GLY A 83 13.77 -6.21 -9.48
C GLY A 83 12.79 -6.18 -8.31
N SER A 1 -19.12 -13.62 -4.95
CA SER A 1 -18.92 -12.26 -4.38
C SER A 1 -18.72 -11.22 -5.51
N HIS A 2 -17.47 -11.04 -5.99
CA HIS A 2 -17.13 -10.11 -7.10
C HIS A 2 -15.89 -10.60 -7.88
N MET A 3 -15.83 -10.28 -9.19
CA MET A 3 -14.63 -10.54 -10.02
C MET A 3 -13.57 -9.42 -9.85
N GLN A 4 -12.33 -9.71 -10.28
CA GLN A 4 -11.15 -8.83 -10.10
C GLN A 4 -10.91 -8.46 -8.59
N PRO A 5 -10.79 -9.48 -7.67
CA PRO A 5 -10.73 -9.23 -6.19
C PRO A 5 -9.34 -8.78 -5.67
N GLY A 6 -8.31 -8.81 -6.54
CA GLY A 6 -6.96 -8.30 -6.20
C GLY A 6 -6.80 -6.80 -6.44
N LYS A 7 -7.94 -6.08 -6.43
CA LYS A 7 -8.02 -4.63 -6.67
C LYS A 7 -7.46 -3.81 -5.46
N TYR A 8 -7.31 -4.47 -4.28
CA TYR A 8 -6.77 -3.83 -3.06
C TYR A 8 -5.26 -3.52 -3.18
N SER A 9 -4.50 -4.38 -3.87
CA SER A 9 -3.05 -4.16 -4.13
C SER A 9 -2.84 -2.94 -5.06
N GLN A 10 -3.65 -2.89 -6.14
CA GLN A 10 -3.69 -1.76 -7.10
C GLN A 10 -4.12 -0.46 -6.38
N LEU A 11 -5.08 -0.58 -5.45
CA LEU A 11 -5.55 0.53 -4.60
C LEU A 11 -4.40 1.15 -3.78
N VAL A 12 -3.56 0.29 -3.15
CA VAL A 12 -2.37 0.74 -2.36
C VAL A 12 -1.37 1.53 -3.25
N VAL A 13 -1.07 0.96 -4.44
CA VAL A 13 -0.20 1.58 -5.46
C VAL A 13 -0.68 3.01 -5.83
N GLU A 14 -1.99 3.12 -6.12
CA GLU A 14 -2.63 4.40 -6.49
C GLU A 14 -2.78 5.35 -5.28
N THR A 15 -2.89 4.79 -4.06
CA THR A 15 -3.02 5.57 -2.80
C THR A 15 -1.73 6.36 -2.50
N ILE A 16 -0.60 5.64 -2.52
CA ILE A 16 0.74 6.25 -2.29
C ILE A 16 1.11 7.18 -3.49
N ARG A 17 0.56 6.87 -4.68
CA ARG A 17 0.61 7.78 -5.86
C ARG A 17 -0.19 9.09 -5.61
N ARG A 18 -1.37 9.01 -4.95
CA ARG A 18 -2.19 10.21 -4.56
C ARG A 18 -1.44 11.07 -3.52
N LEU A 19 -0.72 10.39 -2.60
CA LEU A 19 0.15 11.01 -1.61
C LEU A 19 1.43 11.61 -2.26
N GLY A 20 1.89 10.96 -3.35
CA GLY A 20 3.15 11.33 -4.04
C GLY A 20 4.38 11.22 -3.12
N GLU A 21 4.34 10.26 -2.18
CA GLU A 21 5.33 10.15 -1.08
C GLU A 21 6.68 9.57 -1.56
N ARG A 22 7.73 9.89 -0.78
CA ARG A 22 9.13 9.57 -1.11
C ARG A 22 9.89 9.02 0.12
N ASN A 23 9.51 9.50 1.32
CA ASN A 23 10.09 9.01 2.58
C ASN A 23 9.41 7.70 3.02
N GLY A 24 8.06 7.71 3.03
CA GLY A 24 7.24 6.53 3.37
C GLY A 24 5.94 6.90 4.10
N SER A 25 4.82 6.26 3.72
CA SER A 25 3.46 6.50 4.28
C SER A 25 3.06 5.39 5.28
N SER A 26 2.72 5.75 6.52
CA SER A 26 2.26 4.79 7.56
C SER A 26 1.03 3.97 7.10
N LEU A 27 0.84 2.75 7.66
CA LEU A 27 -0.34 1.87 7.34
C LEU A 27 -1.69 2.61 7.55
N ALA A 28 -1.74 3.44 8.61
CA ALA A 28 -2.91 4.31 8.93
C ALA A 28 -3.09 5.46 7.89
N LYS A 29 -1.97 6.01 7.39
CA LYS A 29 -1.97 7.10 6.38
C LYS A 29 -2.40 6.57 4.99
N ILE A 30 -1.94 5.35 4.65
CA ILE A 30 -2.36 4.63 3.43
C ILE A 30 -3.87 4.28 3.51
N TYR A 31 -4.32 3.84 4.70
CA TYR A 31 -5.74 3.56 4.97
C TYR A 31 -6.62 4.82 4.74
N THR A 32 -6.13 5.99 5.22
CA THR A 32 -6.86 7.29 5.12
C THR A 32 -7.31 7.63 3.67
N GLU A 33 -6.42 7.41 2.70
CA GLU A 33 -6.73 7.65 1.27
C GLU A 33 -7.46 6.44 0.62
N ALA A 34 -7.05 5.23 1.01
CA ALA A 34 -7.57 3.97 0.44
C ALA A 34 -8.97 3.59 0.97
N LYS A 35 -9.46 4.29 2.01
CA LYS A 35 -10.81 4.05 2.59
C LYS A 35 -11.91 4.85 1.86
N LYS A 36 -11.52 5.89 1.10
CA LYS A 36 -12.46 6.87 0.47
C LYS A 36 -13.14 6.33 -0.82
N VAL A 37 -12.98 5.03 -1.12
CA VAL A 37 -13.47 4.42 -2.40
C VAL A 37 -14.85 3.71 -2.20
N PRO A 38 -15.81 3.85 -3.19
CA PRO A 38 -17.19 3.25 -3.12
C PRO A 38 -17.22 1.72 -2.89
N TRP A 39 -16.23 1.01 -3.45
CA TRP A 39 -16.17 -0.49 -3.42
C TRP A 39 -15.42 -1.02 -2.17
N PHE A 40 -14.62 -0.15 -1.52
CA PHE A 40 -13.78 -0.52 -0.36
C PHE A 40 -14.63 -0.99 0.86
N ASP A 41 -14.21 -2.10 1.50
CA ASP A 41 -14.86 -2.61 2.72
C ASP A 41 -14.16 -2.01 3.97
N GLN A 42 -14.90 -1.22 4.77
CA GLN A 42 -14.34 -0.47 5.93
C GLN A 42 -14.13 -1.35 7.20
N GLN A 43 -14.20 -2.69 7.04
CA GLN A 43 -14.08 -3.66 8.16
C GLN A 43 -12.92 -4.65 7.87
N ASN A 44 -13.19 -5.58 6.94
CA ASN A 44 -12.24 -6.62 6.48
C ASN A 44 -11.19 -6.03 5.50
N GLY A 45 -11.56 -4.91 4.84
CA GLY A 45 -10.67 -4.22 3.89
C GLY A 45 -9.41 -3.62 4.55
N ARG A 46 -9.47 -3.39 5.88
CA ARG A 46 -8.29 -3.01 6.70
C ARG A 46 -7.23 -4.14 6.63
N THR A 47 -7.69 -5.39 6.83
CA THR A 47 -6.83 -6.60 6.72
C THR A 47 -6.32 -6.79 5.27
N TYR A 48 -7.21 -6.52 4.29
CA TYR A 48 -6.87 -6.67 2.85
C TYR A 48 -5.79 -5.66 2.41
N LEU A 49 -5.81 -4.42 2.95
CA LEU A 49 -4.73 -3.44 2.73
C LEU A 49 -3.42 -3.93 3.37
N LYS A 50 -3.49 -4.23 4.69
CA LYS A 50 -2.33 -4.67 5.51
C LYS A 50 -1.61 -5.91 4.89
N TYR A 51 -2.41 -6.83 4.32
CA TYR A 51 -1.92 -8.10 3.75
C TYR A 51 -1.32 -7.86 2.34
N SER A 52 -2.03 -7.08 1.48
CA SER A 52 -1.57 -6.72 0.10
C SER A 52 -0.28 -5.87 0.14
N ILE A 53 -0.19 -4.97 1.12
CA ILE A 53 1.00 -4.12 1.34
C ILE A 53 2.24 -4.99 1.68
N LYS A 54 2.10 -5.87 2.67
CA LYS A 54 3.16 -6.81 3.09
C LYS A 54 3.59 -7.72 1.91
N ALA A 55 2.60 -8.14 1.11
CA ALA A 55 2.80 -8.95 -0.10
C ALA A 55 3.57 -8.18 -1.20
N LEU A 56 3.27 -6.87 -1.36
CA LEU A 56 3.97 -6.00 -2.34
C LEU A 56 5.40 -5.65 -1.89
N VAL A 57 5.64 -5.58 -0.56
CA VAL A 57 7.01 -5.44 0.01
C VAL A 57 7.83 -6.72 -0.29
N GLN A 58 7.14 -7.88 -0.22
CA GLN A 58 7.71 -9.21 -0.54
C GLN A 58 8.11 -9.30 -2.04
N ASN A 59 7.28 -8.73 -2.94
CA ASN A 59 7.60 -8.63 -4.40
C ASN A 59 8.43 -7.36 -4.73
N ASP A 60 8.78 -6.58 -3.70
CA ASP A 60 9.60 -5.34 -3.80
C ASP A 60 8.90 -4.21 -4.60
N THR A 61 7.58 -4.34 -4.86
CA THR A 61 6.76 -3.26 -5.47
C THR A 61 6.63 -2.06 -4.51
N LEU A 62 6.59 -2.37 -3.20
CA LEU A 62 6.67 -1.37 -2.11
C LEU A 62 8.00 -1.53 -1.32
N LEU A 63 8.38 -0.45 -0.63
CA LEU A 63 9.54 -0.42 0.29
C LEU A 63 9.05 -0.19 1.74
N GLN A 64 9.40 -1.13 2.64
CA GLN A 64 9.04 -1.04 4.08
C GLN A 64 10.00 -0.11 4.83
N VAL A 65 9.51 1.09 5.17
CA VAL A 65 10.27 2.13 5.90
C VAL A 65 9.89 2.11 7.40
N LYS A 66 10.44 1.14 8.15
CA LYS A 66 10.09 0.89 9.57
C LYS A 66 10.99 1.69 10.55
N GLY A 67 11.41 2.90 10.14
CA GLY A 67 12.29 3.75 10.97
C GLY A 67 12.08 5.26 10.77
N THR A 68 10.83 5.66 10.45
CA THR A 68 10.49 7.10 10.21
C THR A 68 9.40 7.59 11.20
N GLY A 69 9.65 8.77 11.82
CA GLY A 69 8.75 9.33 12.84
C GLY A 69 8.70 8.48 14.12
N ALA A 70 7.84 7.45 14.08
CA ALA A 70 7.69 6.41 15.13
C ALA A 70 6.88 5.22 14.57
N ASN A 71 6.93 5.04 13.23
CA ASN A 71 5.97 4.18 12.48
C ASN A 71 6.69 3.17 11.54
N GLY A 72 6.02 2.03 11.30
CA GLY A 72 6.39 1.06 10.25
C GLY A 72 5.77 1.41 8.91
N SER A 73 6.30 2.45 8.27
CA SER A 73 5.71 3.04 7.04
C SER A 73 6.02 2.22 5.78
N PHE A 74 5.35 2.58 4.67
CA PHE A 74 5.41 1.86 3.38
C PHE A 74 5.22 2.87 2.22
N LYS A 75 5.96 2.69 1.12
CA LYS A 75 5.92 3.61 -0.05
C LYS A 75 6.12 2.84 -1.36
N LEU A 76 5.91 3.52 -2.51
CA LEU A 76 6.20 2.94 -3.84
C LEU A 76 7.73 2.77 -4.04
N ASN A 77 8.13 1.67 -4.68
CA ASN A 77 9.52 1.49 -5.14
C ASN A 77 9.69 2.26 -6.47
N ARG A 78 10.90 2.83 -6.67
CA ARG A 78 11.24 3.75 -7.78
C ARG A 78 10.72 3.30 -9.18
N LYS A 79 10.86 1.99 -9.50
CA LYS A 79 10.37 1.44 -10.79
C LYS A 79 10.12 -0.10 -10.69
N LYS A 80 9.50 -0.52 -9.58
CA LYS A 80 8.96 -1.91 -9.42
C LYS A 80 7.41 -1.90 -9.40
N LEU A 81 6.84 -0.80 -9.93
CA LEU A 81 5.38 -0.55 -9.93
C LEU A 81 4.67 -1.52 -10.93
N GLU A 82 5.39 -1.86 -12.01
CA GLU A 82 4.93 -2.78 -13.08
C GLU A 82 5.25 -4.26 -12.73
N GLY A 83 5.95 -4.48 -11.59
CA GLY A 83 6.38 -5.82 -11.15
C GLY A 83 7.74 -6.23 -11.72
N SER A 1 1.56 -1.96 -19.90
CA SER A 1 0.65 -2.29 -18.76
C SER A 1 1.01 -3.67 -18.16
N HIS A 2 2.14 -3.73 -17.42
CA HIS A 2 2.57 -4.96 -16.71
C HIS A 2 2.05 -4.92 -15.24
N MET A 3 0.75 -5.21 -15.09
CA MET A 3 0.05 -5.14 -13.78
C MET A 3 -0.56 -6.52 -13.41
N GLN A 4 -0.66 -6.79 -12.10
CA GLN A 4 -1.20 -8.07 -11.56
C GLN A 4 -2.68 -7.93 -11.13
N PRO A 5 -3.53 -9.00 -11.32
CA PRO A 5 -4.94 -9.01 -10.80
C PRO A 5 -5.00 -8.93 -9.26
N GLY A 6 -5.53 -7.81 -8.75
CA GLY A 6 -5.61 -7.53 -7.31
C GLY A 6 -5.93 -6.05 -7.06
N LYS A 7 -7.23 -5.74 -6.89
CA LYS A 7 -7.71 -4.33 -6.80
C LYS A 7 -7.32 -3.64 -5.46
N TYR A 8 -7.10 -4.43 -4.39
CA TYR A 8 -6.62 -3.91 -3.09
C TYR A 8 -5.10 -3.61 -3.13
N SER A 9 -4.30 -4.52 -3.74
CA SER A 9 -2.84 -4.31 -3.90
C SER A 9 -2.54 -3.10 -4.79
N GLN A 10 -3.24 -3.01 -5.93
CA GLN A 10 -3.14 -1.87 -6.86
C GLN A 10 -3.66 -0.55 -6.19
N LEU A 11 -4.70 -0.67 -5.33
CA LEU A 11 -5.21 0.48 -4.52
C LEU A 11 -4.10 1.10 -3.64
N VAL A 12 -3.33 0.25 -2.94
CA VAL A 12 -2.19 0.70 -2.10
C VAL A 12 -1.11 1.43 -2.95
N VAL A 13 -0.77 0.86 -4.11
CA VAL A 13 0.21 1.44 -5.07
C VAL A 13 -0.22 2.87 -5.52
N GLU A 14 -1.49 2.99 -5.93
CA GLU A 14 -2.09 4.25 -6.42
C GLU A 14 -2.35 5.25 -5.26
N THR A 15 -2.51 4.75 -4.02
CA THR A 15 -2.68 5.59 -2.80
C THR A 15 -1.37 6.31 -2.44
N ILE A 16 -0.28 5.52 -2.35
CA ILE A 16 1.07 6.05 -2.03
C ILE A 16 1.56 7.00 -3.15
N ARG A 17 1.16 6.71 -4.40
CA ARG A 17 1.42 7.58 -5.57
C ARG A 17 0.60 8.89 -5.51
N ARG A 18 -0.67 8.79 -5.09
CA ARG A 18 -1.60 9.96 -4.94
C ARG A 18 -1.05 10.97 -3.89
N LEU A 19 -0.40 10.43 -2.85
CA LEU A 19 0.29 11.22 -1.81
C LEU A 19 1.70 11.67 -2.28
N GLY A 20 2.40 10.77 -3.02
CA GLY A 20 3.78 11.01 -3.49
C GLY A 20 4.78 11.30 -2.36
N GLU A 21 4.60 10.62 -1.22
CA GLU A 21 5.34 10.91 0.03
C GLU A 21 6.85 10.53 -0.02
N ARG A 22 7.68 11.53 0.31
CA ARG A 22 9.16 11.44 0.48
C ARG A 22 9.65 10.15 1.21
N ASN A 23 9.09 9.88 2.40
CA ASN A 23 9.48 8.74 3.27
C ASN A 23 8.42 7.61 3.25
N GLY A 24 7.36 7.80 2.47
CA GLY A 24 6.22 6.88 2.44
C GLY A 24 5.07 7.30 3.37
N SER A 25 4.02 6.48 3.39
CA SER A 25 2.84 6.67 4.26
C SER A 25 2.54 5.39 5.03
N SER A 26 2.33 5.51 6.34
CA SER A 26 2.02 4.37 7.24
C SER A 26 0.66 3.71 6.90
N LEU A 27 0.45 2.46 7.38
CA LEU A 27 -0.79 1.66 7.11
C LEU A 27 -2.10 2.44 7.41
N ALA A 28 -2.06 3.29 8.45
CA ALA A 28 -3.18 4.17 8.84
C ALA A 28 -3.44 5.31 7.81
N LYS A 29 -2.36 5.92 7.31
CA LYS A 29 -2.43 7.04 6.32
C LYS A 29 -2.85 6.52 4.92
N ILE A 30 -2.37 5.31 4.57
CA ILE A 30 -2.80 4.57 3.35
C ILE A 30 -4.30 4.24 3.43
N TYR A 31 -4.74 3.78 4.62
CA TYR A 31 -6.16 3.49 4.91
C TYR A 31 -7.03 4.77 4.79
N THR A 32 -6.49 5.92 5.26
CA THR A 32 -7.20 7.24 5.24
C THR A 32 -7.65 7.62 3.80
N GLU A 33 -6.79 7.36 2.81
CA GLU A 33 -7.09 7.62 1.40
C GLU A 33 -7.93 6.48 0.77
N ALA A 34 -7.66 5.23 1.20
CA ALA A 34 -8.28 4.01 0.64
C ALA A 34 -9.74 3.82 1.11
N LYS A 35 -10.10 4.39 2.27
CA LYS A 35 -11.46 4.24 2.86
C LYS A 35 -12.50 5.13 2.13
N LYS A 36 -12.01 6.09 1.32
CA LYS A 36 -12.87 7.04 0.58
C LYS A 36 -13.63 6.37 -0.59
N VAL A 37 -13.01 5.34 -1.19
CA VAL A 37 -13.55 4.69 -2.43
C VAL A 37 -14.85 3.92 -2.12
N PRO A 38 -15.96 4.11 -2.91
CA PRO A 38 -17.29 3.51 -2.60
C PRO A 38 -17.32 1.96 -2.65
N TRP A 39 -16.35 1.32 -3.35
CA TRP A 39 -16.28 -0.17 -3.40
C TRP A 39 -15.55 -0.75 -2.17
N PHE A 40 -14.68 0.05 -1.54
CA PHE A 40 -13.84 -0.38 -0.39
C PHE A 40 -14.70 -0.86 0.80
N ASP A 41 -14.37 -2.06 1.32
CA ASP A 41 -15.00 -2.63 2.52
C ASP A 41 -14.22 -2.17 3.77
N GLN A 42 -14.86 -1.37 4.63
CA GLN A 42 -14.21 -0.78 5.83
C GLN A 42 -13.76 -1.85 6.87
N GLN A 43 -14.62 -2.86 7.09
CA GLN A 43 -14.43 -3.89 8.15
C GLN A 43 -13.19 -4.78 7.88
N ASN A 44 -13.24 -5.55 6.78
CA ASN A 44 -12.17 -6.49 6.39
C ASN A 44 -11.02 -5.80 5.64
N GLY A 45 -11.29 -4.61 5.09
CA GLY A 45 -10.32 -3.87 4.26
C GLY A 45 -9.04 -3.45 4.97
N ARG A 46 -9.07 -3.34 6.31
CA ARG A 46 -7.85 -3.06 7.13
C ARG A 46 -6.85 -4.24 7.03
N THR A 47 -7.38 -5.48 7.16
CA THR A 47 -6.60 -6.74 6.97
C THR A 47 -6.15 -6.90 5.50
N TYR A 48 -7.02 -6.50 4.56
CA TYR A 48 -6.74 -6.60 3.10
C TYR A 48 -5.61 -5.65 2.65
N LEU A 49 -5.64 -4.39 3.11
CA LEU A 49 -4.54 -3.41 2.82
C LEU A 49 -3.22 -3.86 3.46
N LYS A 50 -3.30 -4.39 4.70
CA LYS A 50 -2.16 -4.93 5.45
C LYS A 50 -1.45 -6.06 4.67
N TYR A 51 -2.24 -7.03 4.19
CA TYR A 51 -1.74 -8.17 3.40
C TYR A 51 -1.35 -7.76 1.96
N SER A 52 -1.98 -6.71 1.42
CA SER A 52 -1.56 -6.12 0.13
C SER A 52 -0.13 -5.56 0.24
N ILE A 53 0.13 -4.76 1.29
CA ILE A 53 1.45 -4.16 1.58
C ILE A 53 2.55 -5.25 1.76
N LYS A 54 2.28 -6.21 2.66
CA LYS A 54 3.19 -7.35 2.94
C LYS A 54 3.52 -8.17 1.67
N ALA A 55 2.49 -8.47 0.88
CA ALA A 55 2.64 -9.19 -0.40
C ALA A 55 3.40 -8.36 -1.46
N LEU A 56 3.22 -7.02 -1.44
CA LEU A 56 3.94 -6.09 -2.35
C LEU A 56 5.40 -5.86 -1.91
N VAL A 57 5.71 -6.11 -0.62
CA VAL A 57 7.13 -6.16 -0.15
C VAL A 57 7.80 -7.48 -0.65
N GLN A 58 6.98 -8.53 -0.80
CA GLN A 58 7.39 -9.81 -1.44
C GLN A 58 7.50 -9.67 -2.99
N ASN A 59 6.65 -8.80 -3.59
CA ASN A 59 6.74 -8.45 -5.04
C ASN A 59 7.73 -7.29 -5.27
N ASP A 60 8.34 -6.77 -4.16
CA ASP A 60 9.35 -5.70 -4.17
C ASP A 60 8.83 -4.38 -4.80
N THR A 61 7.49 -4.23 -4.81
CA THR A 61 6.78 -3.00 -5.24
C THR A 61 6.85 -1.92 -4.15
N LEU A 62 6.81 -2.34 -2.86
CA LEU A 62 6.85 -1.42 -1.69
C LEU A 62 8.12 -1.61 -0.84
N LEU A 63 8.56 -0.50 -0.21
CA LEU A 63 9.69 -0.46 0.73
C LEU A 63 9.19 -0.07 2.14
N GLN A 64 9.50 -0.93 3.14
CA GLN A 64 9.12 -0.68 4.55
C GLN A 64 10.17 0.23 5.24
N VAL A 65 9.74 1.46 5.57
CA VAL A 65 10.60 2.48 6.22
C VAL A 65 10.14 2.68 7.68
N LYS A 66 10.78 1.99 8.62
CA LYS A 66 10.45 2.08 10.06
C LYS A 66 11.39 3.11 10.77
N GLY A 67 10.93 3.64 11.93
CA GLY A 67 11.71 4.63 12.69
C GLY A 67 11.77 6.01 12.03
N THR A 68 10.84 6.28 11.09
CA THR A 68 10.71 7.60 10.41
C THR A 68 9.46 8.36 10.93
N GLY A 69 9.04 8.02 12.16
CA GLY A 69 7.77 8.50 12.73
C GLY A 69 6.55 7.68 12.27
N ALA A 70 5.44 7.77 13.04
CA ALA A 70 4.15 7.08 12.73
C ALA A 70 4.32 5.53 12.62
N ASN A 71 5.24 4.96 13.44
CA ASN A 71 5.58 3.52 13.48
C ASN A 71 6.38 3.05 12.22
N GLY A 72 5.69 2.88 11.08
CA GLY A 72 6.32 2.37 9.86
C GLY A 72 5.65 2.88 8.58
N SER A 73 6.35 3.76 7.84
CA SER A 73 5.83 4.36 6.59
C SER A 73 6.21 3.48 5.36
N PHE A 74 5.26 3.26 4.46
CA PHE A 74 5.45 2.40 3.26
C PHE A 74 5.40 3.25 1.97
N LYS A 75 6.41 3.07 1.10
CA LYS A 75 6.54 3.87 -0.15
C LYS A 75 6.69 2.96 -1.38
N LEU A 76 6.54 3.57 -2.58
CA LEU A 76 6.79 2.87 -3.86
C LEU A 76 8.31 2.69 -4.05
N ASN A 77 8.72 1.52 -4.55
CA ASN A 77 10.13 1.18 -4.77
C ASN A 77 10.66 1.93 -6.02
N ARG A 78 11.36 3.04 -5.80
CA ARG A 78 11.97 3.86 -6.87
C ARG A 78 13.44 3.42 -7.13
N LYS A 79 14.02 2.63 -6.21
CA LYS A 79 15.45 2.25 -6.23
C LYS A 79 15.64 0.72 -6.04
N LYS A 80 14.89 -0.09 -6.83
CA LYS A 80 15.05 -1.58 -6.86
C LYS A 80 16.49 -1.97 -7.31
N LEU A 81 17.13 -1.04 -8.04
CA LEU A 81 18.54 -1.10 -8.45
C LEU A 81 19.50 -1.37 -7.26
N GLU A 82 19.21 -0.75 -6.10
CA GLU A 82 19.98 -0.98 -4.84
C GLU A 82 19.16 -1.81 -3.84
N GLY A 83 18.00 -1.27 -3.41
CA GLY A 83 17.10 -1.94 -2.45
C GLY A 83 15.63 -1.59 -2.66
N SER A 1 -8.74 -12.30 -21.08
CA SER A 1 -8.19 -12.06 -19.72
C SER A 1 -7.14 -10.95 -19.73
N HIS A 2 -7.15 -10.09 -18.68
CA HIS A 2 -6.18 -8.98 -18.53
C HIS A 2 -5.91 -8.71 -17.02
N MET A 3 -4.62 -8.51 -16.66
CA MET A 3 -4.10 -8.28 -15.27
C MET A 3 -4.50 -9.38 -14.24
N GLN A 4 -3.87 -9.32 -13.06
CA GLN A 4 -4.28 -10.12 -11.88
C GLN A 4 -5.36 -9.32 -11.09
N PRO A 5 -6.57 -9.92 -10.84
CA PRO A 5 -7.72 -9.21 -10.17
C PRO A 5 -7.50 -8.85 -8.66
N GLY A 6 -6.24 -8.89 -8.15
CA GLY A 6 -5.91 -8.41 -6.80
C GLY A 6 -5.94 -6.87 -6.70
N LYS A 7 -7.16 -6.31 -6.77
CA LYS A 7 -7.38 -4.86 -6.96
C LYS A 7 -6.97 -4.00 -5.73
N TYR A 8 -6.90 -4.63 -4.53
CA TYR A 8 -6.46 -3.95 -3.29
C TYR A 8 -4.94 -3.59 -3.34
N SER A 9 -4.13 -4.42 -4.04
CA SER A 9 -2.68 -4.11 -4.25
C SER A 9 -2.51 -2.86 -5.15
N GLN A 10 -3.32 -2.82 -6.22
CA GLN A 10 -3.35 -1.70 -7.18
C GLN A 10 -3.85 -0.40 -6.50
N LEU A 11 -4.85 -0.56 -5.60
CA LEU A 11 -5.40 0.53 -4.77
C LEU A 11 -4.30 1.20 -3.90
N VAL A 12 -3.49 0.36 -3.23
CA VAL A 12 -2.35 0.83 -2.40
C VAL A 12 -1.32 1.63 -3.23
N VAL A 13 -0.90 1.06 -4.39
CA VAL A 13 0.07 1.71 -5.31
C VAL A 13 -0.40 3.13 -5.72
N GLU A 14 -1.65 3.22 -6.22
CA GLU A 14 -2.26 4.49 -6.66
C GLU A 14 -2.43 5.48 -5.48
N THR A 15 -2.79 4.96 -4.28
CA THR A 15 -2.90 5.77 -3.03
C THR A 15 -1.56 6.47 -2.70
N ILE A 16 -0.46 5.72 -2.78
CA ILE A 16 0.91 6.25 -2.51
C ILE A 16 1.35 7.28 -3.59
N ARG A 17 0.89 7.09 -4.85
CA ARG A 17 1.13 8.09 -5.94
C ARG A 17 0.34 9.40 -5.70
N ARG A 18 -0.89 9.25 -5.16
CA ARG A 18 -1.77 10.40 -4.82
C ARG A 18 -1.18 11.23 -3.67
N LEU A 19 -0.64 10.54 -2.65
CA LEU A 19 0.09 11.16 -1.53
C LEU A 19 1.44 11.75 -2.00
N GLY A 20 2.10 11.03 -2.92
CA GLY A 20 3.44 11.41 -3.43
C GLY A 20 4.49 11.55 -2.34
N GLU A 21 4.45 10.65 -1.33
CA GLU A 21 5.29 10.74 -0.13
C GLU A 21 6.76 10.36 -0.42
N ARG A 22 7.67 11.34 -0.23
CA ARG A 22 9.12 11.17 -0.42
C ARG A 22 9.74 10.24 0.65
N ASN A 23 9.35 10.45 1.92
CA ASN A 23 9.90 9.67 3.05
C ASN A 23 9.18 8.32 3.22
N GLY A 24 7.86 8.29 2.99
CA GLY A 24 7.04 7.07 3.18
C GLY A 24 5.76 7.35 3.97
N SER A 25 4.67 6.65 3.62
CA SER A 25 3.33 6.85 4.24
C SER A 25 2.94 5.61 5.08
N SER A 26 2.56 5.83 6.36
CA SER A 26 2.20 4.74 7.32
C SER A 26 0.96 3.95 6.88
N LEU A 27 0.82 2.69 7.37
CA LEU A 27 -0.41 1.87 7.16
C LEU A 27 -1.70 2.60 7.66
N ALA A 28 -1.53 3.51 8.65
CA ALA A 28 -2.63 4.39 9.13
C ALA A 28 -3.06 5.42 8.05
N LYS A 29 -2.06 6.11 7.45
CA LYS A 29 -2.30 7.16 6.44
C LYS A 29 -2.81 6.56 5.09
N ILE A 30 -2.17 5.47 4.65
CA ILE A 30 -2.59 4.69 3.46
C ILE A 30 -4.03 4.17 3.62
N TYR A 31 -4.38 3.69 4.83
CA TYR A 31 -5.77 3.29 5.17
C TYR A 31 -6.74 4.48 5.04
N THR A 32 -6.36 5.63 5.65
CA THR A 32 -7.18 6.87 5.66
C THR A 32 -7.61 7.33 4.24
N GLU A 33 -6.71 7.13 3.26
CA GLU A 33 -6.98 7.48 1.86
C GLU A 33 -7.68 6.34 1.08
N ALA A 34 -7.23 5.09 1.29
CA ALA A 34 -7.76 3.91 0.57
C ALA A 34 -9.10 3.40 1.16
N LYS A 35 -9.57 4.03 2.26
CA LYS A 35 -10.91 3.73 2.83
C LYS A 35 -12.03 4.58 2.16
N LYS A 36 -11.62 5.67 1.47
CA LYS A 36 -12.57 6.63 0.84
C LYS A 36 -12.95 6.20 -0.62
N VAL A 37 -13.15 4.89 -0.84
CA VAL A 37 -13.55 4.34 -2.17
C VAL A 37 -14.92 3.60 -2.03
N PRO A 38 -15.89 3.76 -3.00
CA PRO A 38 -17.24 3.15 -2.90
C PRO A 38 -17.26 1.59 -2.99
N TRP A 39 -16.17 0.98 -3.52
CA TRP A 39 -16.07 -0.51 -3.58
C TRP A 39 -15.30 -1.09 -2.36
N PHE A 40 -14.72 -0.20 -1.52
CA PHE A 40 -13.94 -0.62 -0.34
C PHE A 40 -14.86 -1.08 0.82
N ASP A 41 -14.39 -2.08 1.58
CA ASP A 41 -15.07 -2.60 2.79
C ASP A 41 -14.33 -2.09 4.05
N GLN A 42 -15.02 -1.29 4.89
CA GLN A 42 -14.41 -0.71 6.12
C GLN A 42 -14.17 -1.76 7.23
N GLN A 43 -14.79 -2.94 7.10
CA GLN A 43 -14.73 -4.01 8.12
C GLN A 43 -13.46 -4.89 7.95
N ASN A 44 -13.38 -5.63 6.83
CA ASN A 44 -12.25 -6.54 6.52
C ASN A 44 -11.17 -5.87 5.64
N GLY A 45 -11.46 -4.65 5.14
CA GLY A 45 -10.55 -3.93 4.23
C GLY A 45 -9.24 -3.46 4.88
N ARG A 46 -9.24 -3.29 6.21
CA ARG A 46 -8.00 -3.02 6.98
C ARG A 46 -7.00 -4.20 6.86
N THR A 47 -7.54 -5.44 6.93
CA THR A 47 -6.77 -6.69 6.72
C THR A 47 -6.38 -6.85 5.24
N TYR A 48 -7.29 -6.48 4.31
CA TYR A 48 -7.04 -6.55 2.84
C TYR A 48 -5.89 -5.59 2.42
N LEU A 49 -5.86 -4.36 2.97
CA LEU A 49 -4.77 -3.39 2.71
C LEU A 49 -3.45 -3.85 3.35
N LYS A 50 -3.51 -4.28 4.62
CA LYS A 50 -2.32 -4.81 5.37
C LYS A 50 -1.70 -6.03 4.62
N TYR A 51 -2.57 -6.90 4.09
CA TYR A 51 -2.15 -8.11 3.34
C TYR A 51 -1.55 -7.74 1.98
N SER A 52 -2.23 -6.83 1.25
CA SER A 52 -1.77 -6.36 -0.09
C SER A 52 -0.42 -5.63 0.00
N ILE A 53 -0.28 -4.77 1.02
CA ILE A 53 0.97 -4.04 1.30
C ILE A 53 2.13 -5.02 1.60
N LYS A 54 1.90 -5.96 2.53
CA LYS A 54 2.91 -6.97 2.92
C LYS A 54 3.28 -7.88 1.72
N ALA A 55 2.27 -8.21 0.91
CA ALA A 55 2.43 -9.01 -0.33
C ALA A 55 3.21 -8.23 -1.42
N LEU A 56 3.07 -6.90 -1.42
CA LEU A 56 3.85 -6.00 -2.33
C LEU A 56 5.31 -5.86 -1.84
N VAL A 57 5.54 -5.80 -0.51
CA VAL A 57 6.92 -5.80 0.07
C VAL A 57 7.60 -7.19 -0.20
N GLN A 58 6.78 -8.25 -0.19
CA GLN A 58 7.17 -9.63 -0.53
C GLN A 58 7.55 -9.74 -2.04
N ASN A 59 6.77 -9.04 -2.90
CA ASN A 59 7.04 -8.93 -4.36
C ASN A 59 8.01 -7.78 -4.70
N ASP A 60 8.55 -7.11 -3.65
CA ASP A 60 9.56 -6.01 -3.74
C ASP A 60 9.02 -4.72 -4.44
N THR A 61 7.69 -4.61 -4.56
CA THR A 61 7.00 -3.41 -5.10
C THR A 61 6.99 -2.23 -4.09
N LEU A 62 6.90 -2.55 -2.77
CA LEU A 62 6.90 -1.51 -1.70
C LEU A 62 8.15 -1.58 -0.79
N LEU A 63 8.62 -0.40 -0.40
CA LEU A 63 9.73 -0.18 0.56
C LEU A 63 9.16 0.13 1.95
N GLN A 64 9.54 -0.65 2.96
CA GLN A 64 9.20 -0.36 4.37
C GLN A 64 10.27 0.57 4.97
N VAL A 65 9.88 1.81 5.27
CA VAL A 65 10.79 2.86 5.80
C VAL A 65 10.72 2.89 7.37
N LYS A 66 10.13 1.81 7.95
CA LYS A 66 9.98 1.60 9.41
C LYS A 66 9.00 2.63 10.06
N GLY A 67 8.89 2.61 11.40
CA GLY A 67 8.02 3.55 12.13
C GLY A 67 8.60 4.97 12.25
N THR A 68 8.75 5.65 11.11
CA THR A 68 9.30 7.04 11.03
C THR A 68 8.17 8.11 11.07
N GLY A 69 7.02 7.72 11.65
CA GLY A 69 5.88 8.63 11.84
C GLY A 69 5.03 8.22 13.04
N ALA A 70 4.29 7.12 12.88
CA ALA A 70 3.51 6.48 13.97
C ALA A 70 3.60 4.95 13.84
N ASN A 71 3.01 4.43 12.74
CA ASN A 71 3.11 3.01 12.36
C ASN A 71 4.15 2.86 11.21
N GLY A 72 4.51 1.60 10.86
CA GLY A 72 5.41 1.30 9.74
C GLY A 72 4.99 1.97 8.41
N SER A 73 5.91 2.73 7.79
CA SER A 73 5.64 3.51 6.56
C SER A 73 6.05 2.72 5.31
N PHE A 74 5.38 3.01 4.18
CA PHE A 74 5.52 2.30 2.91
C PHE A 74 5.46 3.29 1.73
N LYS A 75 6.26 3.01 0.69
CA LYS A 75 6.30 3.82 -0.56
C LYS A 75 6.75 2.94 -1.75
N LEU A 76 6.63 3.47 -2.97
CA LEU A 76 6.98 2.72 -4.21
C LEU A 76 8.50 2.66 -4.42
N ASN A 77 9.01 1.48 -4.84
CA ASN A 77 10.45 1.30 -5.18
C ASN A 77 10.83 2.13 -6.43
N ARG A 78 10.24 1.78 -7.59
CA ARG A 78 10.47 2.51 -8.87
C ARG A 78 9.42 2.11 -9.93
N LYS A 79 9.41 0.82 -10.32
CA LYS A 79 8.41 0.25 -11.25
C LYS A 79 8.44 -1.30 -11.15
N LYS A 80 8.47 -1.80 -9.90
CA LYS A 80 8.38 -3.26 -9.60
C LYS A 80 6.89 -3.74 -9.50
N LEU A 81 5.94 -2.87 -9.91
CA LEU A 81 4.50 -3.21 -9.94
C LEU A 81 4.26 -4.42 -10.89
N GLU A 82 4.44 -4.16 -12.22
CA GLU A 82 4.21 -5.13 -13.32
C GLU A 82 2.72 -5.64 -13.37
N GLY A 83 2.32 -6.48 -12.39
CA GLY A 83 0.93 -6.94 -12.26
C GLY A 83 0.51 -7.15 -10.81
N SER A 1 -8.68 -21.51 -7.10
CA SER A 1 -9.29 -20.16 -6.92
C SER A 1 -8.89 -19.21 -8.06
N HIS A 2 -9.87 -18.48 -8.62
CA HIS A 2 -9.62 -17.38 -9.59
C HIS A 2 -10.44 -16.12 -9.25
N MET A 3 -10.91 -16.03 -7.99
CA MET A 3 -11.68 -14.87 -7.47
C MET A 3 -10.80 -13.91 -6.62
N GLN A 4 -9.46 -14.07 -6.68
CA GLN A 4 -8.49 -13.22 -5.95
C GLN A 4 -7.75 -12.26 -6.94
N PRO A 5 -8.36 -11.07 -7.31
CA PRO A 5 -7.85 -10.22 -8.42
C PRO A 5 -6.85 -9.12 -7.97
N GLY A 6 -6.31 -9.24 -6.74
CA GLY A 6 -5.41 -8.21 -6.17
C GLY A 6 -6.18 -7.00 -5.60
N LYS A 7 -6.86 -6.25 -6.52
CA LYS A 7 -7.78 -5.09 -6.26
C LYS A 7 -7.25 -4.03 -5.24
N TYR A 8 -7.21 -4.39 -3.94
CA TYR A 8 -6.69 -3.50 -2.86
C TYR A 8 -5.18 -3.21 -3.02
N SER A 9 -4.43 -4.16 -3.63
CA SER A 9 -2.97 -3.98 -3.94
C SER A 9 -2.73 -2.79 -4.88
N GLN A 10 -3.50 -2.76 -5.98
CA GLN A 10 -3.47 -1.70 -6.99
C GLN A 10 -3.96 -0.35 -6.41
N LEU A 11 -4.94 -0.44 -5.48
CA LEU A 11 -5.45 0.70 -4.68
C LEU A 11 -4.34 1.35 -3.80
N VAL A 12 -3.48 0.50 -3.18
CA VAL A 12 -2.32 0.97 -2.38
C VAL A 12 -1.32 1.78 -3.26
N VAL A 13 -1.04 1.26 -4.47
CA VAL A 13 -0.13 1.89 -5.45
C VAL A 13 -0.62 3.32 -5.84
N GLU A 14 -1.95 3.46 -6.03
CA GLU A 14 -2.60 4.77 -6.27
C GLU A 14 -2.44 5.71 -5.05
N THR A 15 -2.75 5.18 -3.85
CA THR A 15 -2.76 5.95 -2.57
C THR A 15 -1.39 6.64 -2.29
N ILE A 16 -0.31 5.84 -2.34
CA ILE A 16 1.07 6.34 -2.09
C ILE A 16 1.49 7.39 -3.16
N ARG A 17 1.06 7.15 -4.42
CA ARG A 17 1.30 8.06 -5.56
C ARG A 17 0.54 9.42 -5.38
N ARG A 18 -0.68 9.37 -4.81
CA ARG A 18 -1.53 10.56 -4.53
C ARG A 18 -0.87 11.44 -3.44
N LEU A 19 -0.43 10.79 -2.36
CA LEU A 19 0.22 11.44 -1.22
C LEU A 19 1.62 11.99 -1.59
N GLY A 20 2.33 11.27 -2.47
CA GLY A 20 3.68 11.64 -2.90
C GLY A 20 4.69 11.77 -1.75
N GLU A 21 4.59 10.84 -0.78
CA GLU A 21 5.38 10.87 0.48
C GLU A 21 6.91 10.77 0.22
N ARG A 22 7.71 11.48 1.05
CA ARG A 22 9.18 11.56 0.89
C ARG A 22 9.92 10.36 1.51
N ASN A 23 9.40 9.82 2.65
CA ASN A 23 9.99 8.61 3.30
C ASN A 23 9.04 7.41 3.20
N GLY A 24 7.72 7.65 3.25
CA GLY A 24 6.71 6.57 3.19
C GLY A 24 5.43 6.91 3.97
N SER A 25 4.32 6.26 3.58
CA SER A 25 2.99 6.44 4.20
C SER A 25 2.66 5.24 5.12
N SER A 26 2.35 5.50 6.40
CA SER A 26 1.98 4.42 7.39
C SER A 26 0.69 3.67 6.97
N LEU A 27 0.41 2.51 7.59
CA LEU A 27 -0.81 1.71 7.30
C LEU A 27 -2.11 2.52 7.56
N ALA A 28 -2.07 3.41 8.56
CA ALA A 28 -3.18 4.34 8.88
C ALA A 28 -3.30 5.45 7.81
N LYS A 29 -2.15 5.99 7.36
CA LYS A 29 -2.07 7.04 6.34
C LYS A 29 -2.58 6.55 4.96
N ILE A 30 -2.25 5.28 4.64
CA ILE A 30 -2.72 4.58 3.42
C ILE A 30 -4.23 4.27 3.51
N TYR A 31 -4.68 3.84 4.70
CA TYR A 31 -6.11 3.57 4.98
C TYR A 31 -6.99 4.80 4.72
N THR A 32 -6.54 5.97 5.22
CA THR A 32 -7.29 7.26 5.14
C THR A 32 -7.68 7.66 3.69
N GLU A 33 -6.85 7.31 2.70
CA GLU A 33 -7.11 7.60 1.26
C GLU A 33 -7.79 6.42 0.55
N ALA A 34 -7.43 5.19 0.95
CA ALA A 34 -7.94 3.95 0.35
C ALA A 34 -9.44 3.70 0.68
N LYS A 35 -9.89 4.20 1.84
CA LYS A 35 -11.29 4.00 2.32
C LYS A 35 -12.34 4.83 1.52
N LYS A 36 -11.88 5.75 0.67
CA LYS A 36 -12.77 6.65 -0.11
C LYS A 36 -13.62 5.89 -1.17
N VAL A 37 -13.07 4.79 -1.73
CA VAL A 37 -13.79 3.96 -2.73
C VAL A 37 -15.00 3.21 -2.13
N PRO A 38 -16.16 3.13 -2.87
CA PRO A 38 -17.37 2.39 -2.42
C PRO A 38 -17.17 0.86 -2.38
N TRP A 39 -16.18 0.33 -3.16
CA TRP A 39 -15.89 -1.13 -3.17
C TRP A 39 -14.95 -1.54 -2.00
N PHE A 40 -14.33 -0.54 -1.34
CA PHE A 40 -13.56 -0.78 -0.09
C PHE A 40 -14.47 -1.29 1.05
N ASP A 41 -14.05 -2.36 1.73
CA ASP A 41 -14.75 -2.87 2.92
C ASP A 41 -14.24 -2.11 4.17
N GLN A 42 -15.12 -1.35 4.85
CA GLN A 42 -14.72 -0.43 5.95
C GLN A 42 -14.40 -1.15 7.28
N GLN A 43 -14.54 -2.49 7.31
CA GLN A 43 -14.17 -3.31 8.48
C GLN A 43 -12.89 -4.13 8.16
N ASN A 44 -13.04 -5.13 7.27
CA ASN A 44 -11.95 -6.09 6.90
C ASN A 44 -10.95 -5.48 5.89
N GLY A 45 -11.32 -4.34 5.27
CA GLY A 45 -10.46 -3.65 4.29
C GLY A 45 -9.12 -3.17 4.84
N ARG A 46 -9.07 -2.92 6.15
CA ARG A 46 -7.81 -2.61 6.86
C ARG A 46 -6.80 -3.79 6.76
N THR A 47 -7.33 -5.02 6.94
CA THR A 47 -6.57 -6.29 6.80
C THR A 47 -6.23 -6.56 5.32
N TYR A 48 -7.17 -6.22 4.40
CA TYR A 48 -6.96 -6.35 2.93
C TYR A 48 -5.80 -5.46 2.44
N LEU A 49 -5.69 -4.23 3.00
CA LEU A 49 -4.55 -3.32 2.76
C LEU A 49 -3.27 -3.90 3.35
N LYS A 50 -3.31 -4.24 4.64
CA LYS A 50 -2.15 -4.80 5.40
C LYS A 50 -1.54 -6.04 4.68
N TYR A 51 -2.42 -6.89 4.13
CA TYR A 51 -2.03 -8.13 3.42
C TYR A 51 -1.49 -7.84 2.01
N SER A 52 -2.17 -6.94 1.27
CA SER A 52 -1.76 -6.56 -0.10
C SER A 52 -0.39 -5.85 -0.11
N ILE A 53 -0.22 -4.90 0.81
CA ILE A 53 1.05 -4.22 1.09
C ILE A 53 2.19 -5.22 1.40
N LYS A 54 1.92 -6.16 2.32
CA LYS A 54 2.92 -7.18 2.76
C LYS A 54 3.32 -8.09 1.58
N ALA A 55 2.34 -8.45 0.75
CA ALA A 55 2.55 -9.25 -0.47
C ALA A 55 3.34 -8.45 -1.55
N LEU A 56 3.11 -7.11 -1.63
CA LEU A 56 3.88 -6.21 -2.52
C LEU A 56 5.34 -6.03 -2.01
N VAL A 57 5.55 -6.12 -0.69
CA VAL A 57 6.91 -6.11 -0.08
C VAL A 57 7.66 -7.44 -0.44
N GLN A 58 6.89 -8.55 -0.56
CA GLN A 58 7.41 -9.86 -1.05
C GLN A 58 7.86 -9.78 -2.54
N ASN A 59 7.12 -9.00 -3.35
CA ASN A 59 7.47 -8.75 -4.78
C ASN A 59 8.40 -7.52 -4.95
N ASP A 60 8.86 -6.95 -3.81
CA ASP A 60 9.79 -5.79 -3.77
C ASP A 60 9.19 -4.50 -4.40
N THR A 61 7.87 -4.51 -4.64
CA THR A 61 7.13 -3.38 -5.23
C THR A 61 7.10 -2.18 -4.25
N LEU A 62 6.93 -2.50 -2.94
CA LEU A 62 6.95 -1.50 -1.85
C LEU A 62 8.20 -1.67 -0.96
N LEU A 63 8.66 -0.55 -0.37
CA LEU A 63 9.78 -0.51 0.59
C LEU A 63 9.23 -0.32 2.03
N GLN A 64 9.67 -1.19 2.96
CA GLN A 64 9.34 -1.04 4.39
C GLN A 64 10.26 0.01 5.05
N VAL A 65 9.65 1.00 5.69
CA VAL A 65 10.35 2.10 6.40
C VAL A 65 9.86 2.12 7.88
N LYS A 66 10.80 2.26 8.83
CA LYS A 66 10.48 2.11 10.28
C LYS A 66 11.47 2.88 11.19
N GLY A 67 12.73 3.05 10.75
CA GLY A 67 13.75 3.82 11.48
C GLY A 67 13.80 5.30 11.06
N THR A 68 12.66 6.01 11.24
CA THR A 68 12.51 7.43 10.82
C THR A 68 11.29 8.09 11.53
N GLY A 69 10.79 7.43 12.59
CA GLY A 69 9.44 7.70 13.10
C GLY A 69 8.37 7.04 12.21
N ALA A 70 7.10 7.49 12.36
CA ALA A 70 5.93 7.05 11.54
C ALA A 70 5.38 5.64 11.91
N ASN A 71 6.29 4.69 12.26
CA ASN A 71 5.96 3.29 12.64
C ASN A 71 5.24 2.54 11.48
N GLY A 72 6.02 1.80 10.68
CA GLY A 72 5.47 1.01 9.57
C GLY A 72 4.99 1.86 8.38
N SER A 73 5.87 2.74 7.89
CA SER A 73 5.61 3.54 6.67
C SER A 73 6.01 2.74 5.41
N PHE A 74 5.29 2.95 4.29
CA PHE A 74 5.46 2.19 3.03
C PHE A 74 5.41 3.13 1.82
N LYS A 75 6.32 2.90 0.86
CA LYS A 75 6.43 3.74 -0.37
C LYS A 75 6.71 2.88 -1.61
N LEU A 76 6.52 3.47 -2.80
CA LEU A 76 6.82 2.81 -4.09
C LEU A 76 8.35 2.69 -4.28
N ASN A 77 8.83 1.47 -4.62
CA ASN A 77 10.25 1.20 -4.85
C ASN A 77 10.71 1.85 -6.18
N ARG A 78 11.77 2.66 -6.10
CA ARG A 78 12.35 3.36 -7.27
C ARG A 78 13.54 2.58 -7.87
N LYS A 79 13.44 2.24 -9.18
CA LYS A 79 14.51 1.57 -9.96
C LYS A 79 14.86 0.18 -9.38
N LYS A 80 13.81 -0.55 -8.97
CA LYS A 80 13.88 -1.96 -8.51
C LYS A 80 14.49 -2.86 -9.63
N LEU A 81 14.26 -2.45 -10.89
CA LEU A 81 14.78 -3.08 -12.12
C LEU A 81 16.32 -3.32 -12.06
N GLU A 82 17.05 -2.30 -11.58
CA GLU A 82 18.55 -2.34 -11.50
C GLU A 82 19.08 -2.18 -10.05
N GLY A 83 18.16 -2.12 -9.07
CA GLY A 83 18.53 -1.91 -7.65
C GLY A 83 18.69 -0.43 -7.28
N SER A 1 -9.22 -16.13 -16.69
CA SER A 1 -8.68 -15.15 -15.71
C SER A 1 -7.18 -14.91 -15.96
N HIS A 2 -6.81 -13.71 -16.42
CA HIS A 2 -5.38 -13.33 -16.71
C HIS A 2 -5.08 -11.89 -16.22
N MET A 3 -3.80 -11.68 -15.81
CA MET A 3 -3.24 -10.34 -15.45
C MET A 3 -4.01 -9.63 -14.30
N GLN A 4 -4.63 -10.42 -13.41
CA GLN A 4 -5.42 -9.91 -12.26
C GLN A 4 -4.59 -9.99 -10.94
N PRO A 5 -3.99 -8.84 -10.46
CA PRO A 5 -3.15 -8.83 -9.23
C PRO A 5 -3.92 -8.45 -7.94
N GLY A 6 -5.27 -8.48 -8.01
CA GLY A 6 -6.13 -7.99 -6.92
C GLY A 6 -6.33 -6.46 -6.99
N LYS A 7 -7.59 -6.02 -6.91
CA LYS A 7 -7.95 -4.58 -7.04
C LYS A 7 -7.46 -3.75 -5.81
N TYR A 8 -7.36 -4.41 -4.62
CA TYR A 8 -6.81 -3.79 -3.38
C TYR A 8 -5.30 -3.43 -3.53
N SER A 9 -4.54 -4.23 -4.31
CA SER A 9 -3.09 -3.96 -4.53
C SER A 9 -2.88 -2.66 -5.34
N GLN A 10 -3.72 -2.49 -6.39
CA GLN A 10 -3.70 -1.29 -7.26
C GLN A 10 -4.14 -0.03 -6.47
N LEU A 11 -5.10 -0.21 -5.55
CA LEU A 11 -5.57 0.85 -4.61
C LEU A 11 -4.41 1.38 -3.72
N VAL A 12 -3.56 0.46 -3.22
CA VAL A 12 -2.35 0.81 -2.45
C VAL A 12 -1.35 1.66 -3.30
N VAL A 13 -1.16 1.24 -4.56
CA VAL A 13 -0.27 1.93 -5.52
C VAL A 13 -0.79 3.37 -5.85
N GLU A 14 -2.13 3.50 -5.99
CA GLU A 14 -2.80 4.81 -6.17
C GLU A 14 -2.62 5.70 -4.92
N THR A 15 -2.78 5.08 -3.74
CA THR A 15 -2.68 5.75 -2.42
C THR A 15 -1.32 6.45 -2.23
N ILE A 16 -0.24 5.66 -2.36
CA ILE A 16 1.13 6.14 -2.11
C ILE A 16 1.57 7.18 -3.17
N ARG A 17 1.03 7.05 -4.40
CA ARG A 17 1.21 8.05 -5.47
C ARG A 17 0.53 9.40 -5.09
N ARG A 18 -0.74 9.33 -4.64
CA ARG A 18 -1.54 10.52 -4.22
C ARG A 18 -0.89 11.27 -3.03
N LEU A 19 -0.20 10.52 -2.15
CA LEU A 19 0.53 11.09 -1.01
C LEU A 19 1.92 11.62 -1.44
N GLY A 20 2.60 10.85 -2.32
CA GLY A 20 3.96 11.20 -2.81
C GLY A 20 5.00 11.40 -1.70
N GLU A 21 4.88 10.61 -0.61
CA GLU A 21 5.68 10.78 0.62
C GLU A 21 7.20 10.50 0.36
N ARG A 22 8.07 11.36 0.93
CA ARG A 22 9.54 11.31 0.74
C ARG A 22 10.16 9.99 1.25
N ASN A 23 9.72 9.57 2.44
CA ASN A 23 10.21 8.34 3.11
C ASN A 23 9.16 7.21 3.00
N GLY A 24 7.87 7.56 3.12
CA GLY A 24 6.77 6.59 3.06
C GLY A 24 5.68 6.88 4.09
N SER A 25 4.49 6.31 3.88
CA SER A 25 3.33 6.53 4.76
C SER A 25 2.95 5.25 5.53
N SER A 26 2.36 5.43 6.73
CA SER A 26 1.91 4.31 7.61
C SER A 26 0.61 3.67 7.09
N LEU A 27 0.28 2.46 7.55
CA LEU A 27 -0.96 1.74 7.17
C LEU A 27 -2.25 2.52 7.56
N ALA A 28 -2.18 3.32 8.64
CA ALA A 28 -3.29 4.22 9.07
C ALA A 28 -3.51 5.39 8.08
N LYS A 29 -2.39 5.97 7.59
CA LYS A 29 -2.40 7.08 6.60
C LYS A 29 -2.87 6.55 5.21
N ILE A 30 -2.40 5.34 4.88
CA ILE A 30 -2.78 4.61 3.66
C ILE A 30 -4.28 4.21 3.67
N TYR A 31 -4.78 3.87 4.87
CA TYR A 31 -6.20 3.55 5.09
C TYR A 31 -7.10 4.76 4.75
N THR A 32 -6.63 5.97 5.13
CA THR A 32 -7.35 7.24 4.87
C THR A 32 -7.63 7.45 3.36
N GLU A 33 -6.63 7.15 2.53
CA GLU A 33 -6.74 7.24 1.06
C GLU A 33 -7.51 6.05 0.46
N ALA A 34 -7.41 4.89 1.10
CA ALA A 34 -8.03 3.64 0.63
C ALA A 34 -9.55 3.58 0.91
N LYS A 35 -10.01 4.28 1.97
CA LYS A 35 -11.45 4.28 2.37
C LYS A 35 -12.31 5.25 1.52
N LYS A 36 -11.69 5.94 0.54
CA LYS A 36 -12.39 6.87 -0.38
C LYS A 36 -13.25 6.11 -1.44
N VAL A 37 -12.77 4.91 -1.86
CA VAL A 37 -13.46 4.10 -2.90
C VAL A 37 -14.77 3.42 -2.38
N PRO A 38 -15.85 3.36 -3.23
CA PRO A 38 -17.13 2.71 -2.85
C PRO A 38 -17.06 1.15 -2.87
N TRP A 39 -16.03 0.57 -3.54
CA TRP A 39 -15.84 -0.91 -3.57
C TRP A 39 -15.05 -1.43 -2.34
N PHE A 40 -14.36 -0.51 -1.62
CA PHE A 40 -13.63 -0.81 -0.38
C PHE A 40 -14.56 -1.32 0.75
N ASP A 41 -14.05 -2.25 1.58
CA ASP A 41 -14.77 -2.75 2.77
C ASP A 41 -14.23 -2.03 4.03
N GLN A 42 -15.11 -1.33 4.77
CA GLN A 42 -14.71 -0.49 5.94
C GLN A 42 -14.45 -1.31 7.23
N GLN A 43 -14.47 -2.65 7.14
CA GLN A 43 -14.24 -3.56 8.29
C GLN A 43 -13.00 -4.45 8.03
N ASN A 44 -13.17 -5.41 7.10
CA ASN A 44 -12.13 -6.39 6.67
C ASN A 44 -11.04 -5.72 5.80
N GLY A 45 -11.39 -4.59 5.16
CA GLY A 45 -10.48 -3.88 4.24
C GLY A 45 -9.16 -3.41 4.87
N ARG A 46 -9.15 -3.13 6.19
CA ARG A 46 -7.92 -2.79 6.94
C ARG A 46 -6.92 -3.98 6.96
N THR A 47 -7.45 -5.20 7.16
CA THR A 47 -6.66 -6.46 7.11
C THR A 47 -6.23 -6.79 5.65
N TYR A 48 -7.11 -6.45 4.69
CA TYR A 48 -6.82 -6.60 3.24
C TYR A 48 -5.68 -5.67 2.79
N LEU A 49 -5.62 -4.45 3.36
CA LEU A 49 -4.50 -3.50 3.13
C LEU A 49 -3.22 -3.99 3.84
N LYS A 50 -3.36 -4.49 5.08
CA LYS A 50 -2.25 -5.06 5.88
C LYS A 50 -1.49 -6.15 5.08
N TYR A 51 -2.27 -7.07 4.50
CA TYR A 51 -1.74 -8.19 3.70
C TYR A 51 -1.35 -7.78 2.27
N SER A 52 -2.10 -6.85 1.66
CA SER A 52 -1.79 -6.35 0.29
C SER A 52 -0.41 -5.68 0.25
N ILE A 53 -0.22 -4.72 1.18
CA ILE A 53 1.04 -3.96 1.33
C ILE A 53 2.22 -4.90 1.65
N LYS A 54 2.07 -5.76 2.68
CA LYS A 54 3.15 -6.66 3.16
C LYS A 54 3.58 -7.65 2.04
N ALA A 55 2.59 -8.16 1.31
CA ALA A 55 2.81 -9.04 0.15
C ALA A 55 3.51 -8.30 -1.01
N LEU A 56 3.14 -7.01 -1.25
CA LEU A 56 3.77 -6.16 -2.30
C LEU A 56 5.23 -5.78 -1.94
N VAL A 57 5.53 -5.59 -0.63
CA VAL A 57 6.91 -5.35 -0.14
C VAL A 57 7.78 -6.61 -0.38
N GLN A 58 7.16 -7.80 -0.14
CA GLN A 58 7.77 -9.12 -0.39
C GLN A 58 8.01 -9.34 -1.91
N ASN A 59 7.11 -8.81 -2.76
CA ASN A 59 7.22 -8.89 -4.24
C ASN A 59 8.06 -7.72 -4.84
N ASP A 60 8.62 -6.86 -3.95
CA ASP A 60 9.47 -5.68 -4.31
C ASP A 60 8.69 -4.60 -5.11
N THR A 61 7.35 -4.64 -5.06
CA THR A 61 6.47 -3.57 -5.60
C THR A 61 6.56 -2.32 -4.69
N LEU A 62 6.66 -2.56 -3.37
CA LEU A 62 6.81 -1.51 -2.34
C LEU A 62 8.11 -1.70 -1.53
N LEU A 63 8.51 -0.64 -0.81
CA LEU A 63 9.63 -0.65 0.16
C LEU A 63 9.09 -0.54 1.60
N GLN A 64 9.61 -1.38 2.51
CA GLN A 64 9.42 -1.23 3.96
C GLN A 64 10.51 -0.29 4.52
N VAL A 65 10.16 1.00 4.59
CA VAL A 65 11.07 2.05 5.08
C VAL A 65 10.96 2.20 6.61
N LYS A 66 11.96 1.66 7.30
CA LYS A 66 12.03 1.62 8.78
C LYS A 66 12.98 2.71 9.33
N GLY A 67 12.94 2.92 10.67
CA GLY A 67 13.76 3.95 11.33
C GLY A 67 13.21 5.39 11.15
N THR A 68 11.92 5.48 10.76
CA THR A 68 11.25 6.79 10.45
C THR A 68 10.62 7.44 11.70
N GLY A 69 10.42 6.65 12.76
CA GLY A 69 9.65 7.09 13.95
C GLY A 69 8.35 6.30 14.12
N ALA A 70 7.81 5.80 12.98
CA ALA A 70 6.63 4.91 12.96
C ALA A 70 7.02 3.44 13.22
N ASN A 71 6.06 2.51 13.05
CA ASN A 71 6.31 1.05 13.12
C ASN A 71 6.71 0.47 11.73
N GLY A 72 6.42 1.23 10.66
CA GLY A 72 6.77 0.85 9.29
C GLY A 72 6.15 1.79 8.24
N SER A 73 6.99 2.61 7.58
CA SER A 73 6.56 3.50 6.47
C SER A 73 6.66 2.75 5.13
N PHE A 74 5.74 3.05 4.18
CA PHE A 74 5.65 2.31 2.89
C PHE A 74 5.61 3.27 1.69
N LYS A 75 6.40 2.96 0.64
CA LYS A 75 6.45 3.74 -0.62
C LYS A 75 6.57 2.84 -1.86
N LEU A 76 6.32 3.43 -3.05
CA LEU A 76 6.46 2.74 -4.36
C LEU A 76 7.94 2.49 -4.67
N ASN A 77 8.32 1.21 -4.86
CA ASN A 77 9.72 0.80 -5.08
C ASN A 77 10.15 1.00 -6.55
N ARG A 78 10.59 2.23 -6.85
CA ARG A 78 11.23 2.59 -8.14
C ARG A 78 12.67 2.00 -8.22
N LYS A 79 13.28 1.81 -7.03
CA LYS A 79 14.67 1.33 -6.88
C LYS A 79 14.70 -0.24 -6.77
N LYS A 80 13.69 -0.91 -7.37
CA LYS A 80 13.66 -2.38 -7.52
C LYS A 80 14.83 -2.88 -8.42
N LEU A 81 15.43 -1.94 -9.18
CA LEU A 81 16.68 -2.16 -9.96
C LEU A 81 17.84 -2.65 -9.04
N GLU A 82 17.81 -2.24 -7.76
CA GLU A 82 18.68 -2.81 -6.70
C GLU A 82 18.09 -4.15 -6.17
N GLY A 83 16.84 -4.09 -5.67
CA GLY A 83 16.16 -5.29 -5.11
C GLY A 83 14.71 -5.02 -4.71
N SER A 1 -2.28 -17.61 -11.23
CA SER A 1 -1.53 -18.26 -10.12
C SER A 1 -0.91 -17.21 -9.16
N HIS A 2 -1.32 -17.27 -7.87
CA HIS A 2 -0.78 -16.44 -6.74
C HIS A 2 -0.68 -14.91 -7.04
N MET A 3 -1.59 -14.38 -7.87
CA MET A 3 -1.73 -12.92 -8.11
C MET A 3 -3.20 -12.50 -7.89
N GLN A 4 -4.12 -13.16 -8.65
CA GLN A 4 -5.60 -13.00 -8.52
C GLN A 4 -6.09 -11.57 -8.94
N PRO A 5 -7.42 -11.35 -9.22
CA PRO A 5 -7.99 -9.98 -9.40
C PRO A 5 -8.04 -9.18 -8.07
N GLY A 6 -6.85 -8.77 -7.59
CA GLY A 6 -6.70 -8.04 -6.32
C GLY A 6 -6.46 -6.55 -6.54
N LYS A 7 -7.56 -5.80 -6.73
CA LYS A 7 -7.52 -4.33 -6.94
C LYS A 7 -7.25 -3.56 -5.62
N TYR A 8 -7.18 -4.26 -4.47
CA TYR A 8 -6.68 -3.66 -3.19
C TYR A 8 -5.16 -3.35 -3.31
N SER A 9 -4.40 -4.27 -3.94
CA SER A 9 -2.96 -4.07 -4.24
C SER A 9 -2.74 -2.83 -5.14
N GLN A 10 -3.56 -2.74 -6.20
CA GLN A 10 -3.55 -1.59 -7.15
C GLN A 10 -3.98 -0.29 -6.46
N LEU A 11 -4.93 -0.41 -5.51
CA LEU A 11 -5.40 0.72 -4.68
C LEU A 11 -4.25 1.30 -3.81
N VAL A 12 -3.44 0.42 -3.19
CA VAL A 12 -2.28 0.83 -2.37
C VAL A 12 -1.21 1.59 -3.23
N VAL A 13 -0.95 1.08 -4.44
CA VAL A 13 -0.03 1.72 -5.41
C VAL A 13 -0.50 3.15 -5.78
N GLU A 14 -1.81 3.27 -6.08
CA GLU A 14 -2.46 4.57 -6.39
C GLU A 14 -2.54 5.49 -5.15
N THR A 15 -2.69 4.89 -3.96
CA THR A 15 -2.78 5.62 -2.66
C THR A 15 -1.47 6.38 -2.35
N ILE A 16 -0.35 5.64 -2.39
CA ILE A 16 0.99 6.18 -2.07
C ILE A 16 1.45 7.19 -3.17
N ARG A 17 1.02 6.94 -4.42
CA ARG A 17 1.27 7.85 -5.56
C ARG A 17 0.44 9.17 -5.43
N ARG A 18 -0.82 9.07 -4.95
CA ARG A 18 -1.68 10.25 -4.69
C ARG A 18 -1.06 11.18 -3.62
N LEU A 19 -0.42 10.58 -2.61
CA LEU A 19 0.31 11.33 -1.56
C LEU A 19 1.72 11.75 -2.05
N GLY A 20 2.31 10.93 -2.94
CA GLY A 20 3.70 11.10 -3.39
C GLY A 20 4.72 10.65 -2.34
N GLU A 21 4.78 11.43 -1.23
CA GLU A 21 5.59 11.15 -0.03
C GLU A 21 7.12 11.20 -0.23
N ARG A 22 7.83 11.43 0.89
CA ARG A 22 9.29 11.49 0.93
C ARG A 22 9.85 10.19 1.57
N ASN A 23 9.49 9.95 2.85
CA ASN A 23 9.90 8.71 3.58
C ASN A 23 8.91 7.55 3.37
N GLY A 24 7.61 7.86 3.25
CA GLY A 24 6.55 6.85 3.06
C GLY A 24 5.28 7.15 3.87
N SER A 25 4.16 6.53 3.46
CA SER A 25 2.84 6.71 4.11
C SER A 25 2.58 5.55 5.10
N SER A 26 2.37 5.88 6.40
CA SER A 26 2.05 4.87 7.43
C SER A 26 0.74 4.11 7.11
N LEU A 27 0.61 2.85 7.57
CA LEU A 27 -0.56 1.96 7.26
C LEU A 27 -1.93 2.62 7.59
N ALA A 28 -1.98 3.38 8.70
CA ALA A 28 -3.20 4.13 9.11
C ALA A 28 -3.54 5.27 8.10
N LYS A 29 -2.49 5.91 7.54
CA LYS A 29 -2.63 6.99 6.53
C LYS A 29 -3.02 6.42 5.14
N ILE A 30 -2.49 5.22 4.82
CA ILE A 30 -2.88 4.45 3.61
C ILE A 30 -4.38 4.05 3.67
N TYR A 31 -4.81 3.67 4.88
CA TYR A 31 -6.23 3.39 5.17
C TYR A 31 -7.11 4.65 4.95
N THR A 32 -6.60 5.82 5.40
CA THR A 32 -7.30 7.13 5.25
C THR A 32 -7.59 7.47 3.76
N GLU A 33 -6.68 7.07 2.87
CA GLU A 33 -6.87 7.23 1.40
C GLU A 33 -7.80 6.13 0.83
N ALA A 34 -7.60 4.90 1.33
CA ALA A 34 -8.31 3.70 0.85
C ALA A 34 -9.81 3.68 1.22
N LYS A 35 -10.18 4.35 2.32
CA LYS A 35 -11.59 4.39 2.80
C LYS A 35 -12.51 5.28 1.92
N LYS A 36 -11.90 6.14 1.08
CA LYS A 36 -12.64 7.12 0.24
C LYS A 36 -13.24 6.50 -1.05
N VAL A 37 -12.92 5.22 -1.35
CA VAL A 37 -13.40 4.52 -2.58
C VAL A 37 -14.73 3.77 -2.28
N PRO A 38 -15.77 3.83 -3.18
CA PRO A 38 -17.10 3.20 -2.93
C PRO A 38 -17.08 1.64 -2.83
N TRP A 39 -16.07 0.97 -3.43
CA TRP A 39 -15.97 -0.51 -3.44
C TRP A 39 -15.20 -1.06 -2.21
N PHE A 40 -14.51 -0.18 -1.46
CA PHE A 40 -13.69 -0.55 -0.29
C PHE A 40 -14.58 -1.04 0.90
N ASP A 41 -13.99 -1.88 1.77
CA ASP A 41 -14.67 -2.40 3.00
C ASP A 41 -14.06 -1.73 4.26
N GLN A 42 -14.92 -1.21 5.15
CA GLN A 42 -14.49 -0.36 6.30
C GLN A 42 -13.96 -1.17 7.52
N GLN A 43 -13.95 -2.52 7.43
CA GLN A 43 -13.46 -3.41 8.52
C GLN A 43 -12.42 -4.41 7.98
N ASN A 44 -12.90 -5.38 7.18
CA ASN A 44 -12.08 -6.43 6.54
C ASN A 44 -11.07 -5.84 5.52
N GLY A 45 -11.45 -4.68 4.93
CA GLY A 45 -10.61 -3.97 3.97
C GLY A 45 -9.24 -3.54 4.51
N ARG A 46 -9.16 -3.22 5.83
CA ARG A 46 -7.87 -2.85 6.48
C ARG A 46 -6.90 -4.06 6.53
N THR A 47 -7.46 -5.27 6.75
CA THR A 47 -6.72 -6.54 6.67
C THR A 47 -6.20 -6.78 5.23
N TYR A 48 -7.07 -6.51 4.24
CA TYR A 48 -6.74 -6.63 2.81
C TYR A 48 -5.67 -5.59 2.37
N LEU A 49 -5.63 -4.42 3.05
CA LEU A 49 -4.56 -3.42 2.84
C LEU A 49 -3.22 -3.95 3.40
N LYS A 50 -3.21 -4.35 4.68
CA LYS A 50 -2.00 -4.85 5.37
C LYS A 50 -1.37 -6.05 4.62
N TYR A 51 -2.21 -6.97 4.16
CA TYR A 51 -1.77 -8.20 3.48
C TYR A 51 -1.35 -7.95 2.02
N SER A 52 -2.06 -7.05 1.31
CA SER A 52 -1.64 -6.66 -0.06
C SER A 52 -0.25 -5.99 -0.03
N ILE A 53 -0.09 -5.04 0.92
CA ILE A 53 1.19 -4.35 1.19
C ILE A 53 2.34 -5.35 1.52
N LYS A 54 2.11 -6.23 2.51
CA LYS A 54 3.13 -7.18 3.01
C LYS A 54 3.61 -8.13 1.88
N ALA A 55 2.65 -8.60 1.07
CA ALA A 55 2.93 -9.45 -0.09
C ALA A 55 3.66 -8.66 -1.21
N LEU A 56 3.33 -7.36 -1.37
CA LEU A 56 4.00 -6.47 -2.36
C LEU A 56 5.43 -6.07 -1.88
N VAL A 57 5.69 -6.05 -0.56
CA VAL A 57 7.05 -5.82 0.00
C VAL A 57 7.95 -7.06 -0.29
N GLN A 58 7.33 -8.25 -0.21
CA GLN A 58 7.97 -9.53 -0.59
C GLN A 58 8.27 -9.55 -2.13
N ASN A 59 7.31 -9.03 -2.94
CA ASN A 59 7.45 -8.94 -4.42
C ASN A 59 8.27 -7.69 -4.87
N ASP A 60 8.76 -6.91 -3.87
CA ASP A 60 9.59 -5.69 -4.08
C ASP A 60 8.87 -4.61 -4.93
N THR A 61 7.54 -4.60 -4.88
CA THR A 61 6.69 -3.52 -5.41
C THR A 61 6.64 -2.33 -4.42
N LEU A 62 6.63 -2.65 -3.10
CA LEU A 62 6.62 -1.64 -2.02
C LEU A 62 7.90 -1.74 -1.14
N LEU A 63 8.23 -0.62 -0.49
CA LEU A 63 9.40 -0.47 0.41
C LEU A 63 8.92 -0.26 1.86
N GLN A 64 9.32 -1.17 2.76
CA GLN A 64 8.94 -1.11 4.20
C GLN A 64 9.89 -0.15 4.98
N VAL A 65 9.34 1.01 5.35
CA VAL A 65 10.07 2.10 6.03
C VAL A 65 9.61 2.23 7.50
N LYS A 66 10.43 1.78 8.44
CA LYS A 66 10.10 1.79 9.89
C LYS A 66 10.85 2.92 10.65
N GLY A 67 10.42 3.17 11.91
CA GLY A 67 11.00 4.21 12.76
C GLY A 67 10.41 5.60 12.48
N THR A 68 10.75 6.15 11.29
CA THR A 68 10.29 7.49 10.83
C THR A 68 8.82 7.48 10.33
N GLY A 69 8.25 8.69 10.19
CA GLY A 69 6.83 8.84 9.84
C GLY A 69 5.94 8.79 11.08
N ALA A 70 5.60 7.56 11.50
CA ALA A 70 4.80 7.30 12.72
C ALA A 70 4.87 5.81 13.13
N ASN A 71 4.22 4.95 12.32
CA ASN A 71 4.09 3.51 12.60
C ASN A 71 3.94 2.74 11.27
N GLY A 72 5.05 2.14 10.79
CA GLY A 72 5.06 1.35 9.55
C GLY A 72 4.70 2.16 8.30
N SER A 73 5.66 2.98 7.83
CA SER A 73 5.50 3.83 6.62
C SER A 73 5.86 3.01 5.37
N PHE A 74 5.17 3.24 4.24
CA PHE A 74 5.36 2.47 3.00
C PHE A 74 5.39 3.40 1.77
N LYS A 75 6.37 3.19 0.88
CA LYS A 75 6.50 3.95 -0.38
C LYS A 75 6.71 3.01 -1.58
N LEU A 76 6.38 3.49 -2.79
CA LEU A 76 6.52 2.69 -4.04
C LEU A 76 8.01 2.44 -4.36
N ASN A 77 8.32 1.28 -4.98
CA ASN A 77 9.71 0.93 -5.41
C ASN A 77 9.94 1.37 -6.89
N ARG A 78 9.29 2.49 -7.26
CA ARG A 78 9.40 3.14 -8.59
C ARG A 78 8.87 2.26 -9.76
N LYS A 79 9.69 1.30 -10.23
CA LYS A 79 9.34 0.42 -11.38
C LYS A 79 9.91 -1.02 -11.19
N LYS A 80 10.49 -1.33 -10.00
CA LYS A 80 11.13 -2.67 -9.73
C LYS A 80 10.13 -3.85 -9.99
N LEU A 81 8.82 -3.56 -9.86
CA LEU A 81 7.70 -4.46 -10.25
C LEU A 81 7.91 -4.98 -11.72
N GLU A 82 7.99 -4.02 -12.68
CA GLU A 82 8.18 -4.25 -14.14
C GLU A 82 7.01 -5.06 -14.80
N GLY A 83 6.95 -6.37 -14.53
CA GLY A 83 5.90 -7.25 -15.10
C GLY A 83 4.62 -7.28 -14.28
N SER A 1 -4.90 -2.33 -22.18
CA SER A 1 -5.17 -2.15 -20.72
C SER A 1 -4.11 -2.87 -19.87
N HIS A 2 -4.02 -2.50 -18.58
CA HIS A 2 -3.11 -3.10 -17.58
C HIS A 2 -3.75 -3.09 -16.17
N MET A 3 -4.64 -4.07 -15.93
CA MET A 3 -5.36 -4.23 -14.63
C MET A 3 -5.34 -5.72 -14.18
N GLN A 4 -4.32 -6.08 -13.40
CA GLN A 4 -4.10 -7.47 -12.92
C GLN A 4 -5.08 -7.82 -11.76
N PRO A 5 -5.49 -9.13 -11.60
CA PRO A 5 -6.36 -9.58 -10.47
C PRO A 5 -5.73 -9.31 -9.07
N GLY A 6 -6.13 -8.17 -8.48
CA GLY A 6 -5.63 -7.73 -7.17
C GLY A 6 -5.88 -6.24 -6.94
N LYS A 7 -7.17 -5.85 -6.95
CA LYS A 7 -7.61 -4.43 -6.92
C LYS A 7 -7.18 -3.66 -5.64
N TYR A 8 -6.98 -4.38 -4.50
CA TYR A 8 -6.52 -3.75 -3.24
C TYR A 8 -5.02 -3.39 -3.30
N SER A 9 -4.19 -4.26 -3.91
CA SER A 9 -2.74 -3.98 -4.09
C SER A 9 -2.52 -2.83 -5.09
N GLN A 10 -3.34 -2.83 -6.16
CA GLN A 10 -3.35 -1.73 -7.16
C GLN A 10 -3.81 -0.41 -6.51
N LEU A 11 -4.78 -0.50 -5.58
CA LEU A 11 -5.28 0.65 -4.79
C LEU A 11 -4.17 1.27 -3.93
N VAL A 12 -3.38 0.41 -3.23
CA VAL A 12 -2.26 0.88 -2.38
C VAL A 12 -1.18 1.63 -3.21
N VAL A 13 -0.89 1.10 -4.41
CA VAL A 13 0.01 1.76 -5.39
C VAL A 13 -0.53 3.18 -5.75
N GLU A 14 -1.83 3.27 -6.05
CA GLU A 14 -2.52 4.55 -6.37
C GLU A 14 -2.64 5.47 -5.13
N THR A 15 -2.64 4.87 -3.92
CA THR A 15 -2.75 5.60 -2.64
C THR A 15 -1.43 6.34 -2.29
N ILE A 16 -0.31 5.62 -2.41
CA ILE A 16 1.04 6.21 -2.20
C ILE A 16 1.38 7.20 -3.36
N ARG A 17 0.83 6.93 -4.57
CA ARG A 17 0.96 7.80 -5.74
C ARG A 17 0.24 9.17 -5.55
N ARG A 18 -1.05 9.15 -5.10
CA ARG A 18 -1.83 10.40 -4.85
C ARG A 18 -1.22 11.25 -3.71
N LEU A 19 -0.51 10.59 -2.78
CA LEU A 19 0.31 11.26 -1.75
C LEU A 19 1.65 11.77 -2.33
N GLY A 20 2.19 11.01 -3.32
CA GLY A 20 3.49 11.33 -3.94
C GLY A 20 4.65 11.31 -2.94
N GLU A 21 4.58 10.38 -1.96
CA GLU A 21 5.50 10.32 -0.81
C GLU A 21 6.97 10.07 -1.23
N ARG A 22 7.89 10.70 -0.46
CA ARG A 22 9.34 10.71 -0.76
C ARG A 22 10.13 9.84 0.25
N ASN A 23 9.67 9.79 1.52
CA ASN A 23 10.30 8.97 2.58
C ASN A 23 9.47 7.70 2.90
N GLY A 24 8.13 7.83 2.88
CA GLY A 24 7.21 6.71 3.14
C GLY A 24 5.91 7.15 3.82
N SER A 25 4.76 6.62 3.36
CA SER A 25 3.42 6.96 3.90
C SER A 25 2.92 5.88 4.90
N SER A 26 2.57 6.31 6.12
CA SER A 26 2.07 5.44 7.22
C SER A 26 0.93 4.49 6.79
N LEU A 27 0.84 3.30 7.41
CA LEU A 27 -0.28 2.33 7.18
C LEU A 27 -1.64 2.97 7.56
N ALA A 28 -1.63 3.82 8.60
CA ALA A 28 -2.80 4.62 9.03
C ALA A 28 -3.19 5.66 7.95
N LYS A 29 -2.17 6.28 7.32
CA LYS A 29 -2.36 7.32 6.27
C LYS A 29 -2.81 6.68 4.92
N ILE A 30 -2.31 5.46 4.64
CA ILE A 30 -2.70 4.65 3.48
C ILE A 30 -4.17 4.23 3.61
N TYR A 31 -4.56 3.81 4.83
CA TYR A 31 -5.95 3.49 5.18
C TYR A 31 -6.86 4.73 5.01
N THR A 32 -6.36 5.92 5.45
CA THR A 32 -7.09 7.20 5.35
C THR A 32 -7.57 7.52 3.91
N GLU A 33 -6.68 7.31 2.93
CA GLU A 33 -7.01 7.58 1.50
C GLU A 33 -7.90 6.44 0.93
N ALA A 34 -7.55 5.20 1.30
CA ALA A 34 -8.18 3.98 0.77
C ALA A 34 -9.62 3.73 1.31
N LYS A 35 -9.95 4.29 2.49
CA LYS A 35 -11.29 4.09 3.12
C LYS A 35 -12.41 4.89 2.42
N LYS A 36 -12.03 5.81 1.52
CA LYS A 36 -12.97 6.75 0.85
C LYS A 36 -13.41 6.28 -0.56
N VAL A 37 -13.00 5.07 -1.00
CA VAL A 37 -13.40 4.51 -2.34
C VAL A 37 -14.72 3.71 -2.18
N PRO A 38 -15.73 3.84 -3.13
CA PRO A 38 -17.08 3.21 -2.98
C PRO A 38 -17.08 1.66 -2.97
N TRP A 39 -15.99 1.02 -3.47
CA TRP A 39 -15.88 -0.46 -3.51
C TRP A 39 -15.10 -1.03 -2.30
N PHE A 40 -14.37 -0.17 -1.58
CA PHE A 40 -13.53 -0.58 -0.44
C PHE A 40 -14.39 -0.94 0.81
N ASP A 41 -14.07 -2.08 1.43
CA ASP A 41 -14.77 -2.57 2.64
C ASP A 41 -14.10 -2.02 3.93
N GLN A 42 -14.90 -1.55 4.89
CA GLN A 42 -14.41 -0.98 6.17
C GLN A 42 -14.15 -2.07 7.24
N GLN A 43 -14.74 -3.26 7.07
CA GLN A 43 -14.59 -4.37 8.04
C GLN A 43 -13.26 -5.12 7.81
N ASN A 44 -13.24 -5.97 6.77
CA ASN A 44 -12.10 -6.85 6.43
C ASN A 44 -11.03 -6.10 5.60
N GLY A 45 -11.43 -4.95 5.00
CA GLY A 45 -10.56 -4.16 4.10
C GLY A 45 -9.28 -3.62 4.73
N ARG A 46 -9.26 -3.42 6.07
CA ARG A 46 -8.05 -3.00 6.82
C ARG A 46 -6.96 -4.11 6.75
N THR A 47 -7.41 -5.37 6.96
CA THR A 47 -6.54 -6.57 6.81
C THR A 47 -6.15 -6.78 5.33
N TYR A 48 -7.06 -6.43 4.40
CA TYR A 48 -6.79 -6.51 2.94
C TYR A 48 -5.71 -5.50 2.49
N LEU A 49 -5.67 -4.31 3.14
CA LEU A 49 -4.57 -3.34 2.91
C LEU A 49 -3.25 -3.87 3.49
N LYS A 50 -3.29 -4.24 4.78
CA LYS A 50 -2.11 -4.76 5.53
C LYS A 50 -1.44 -5.96 4.79
N TYR A 51 -2.28 -6.88 4.29
CA TYR A 51 -1.81 -8.10 3.60
C TYR A 51 -1.38 -7.83 2.13
N SER A 52 -2.11 -6.93 1.41
CA SER A 52 -1.74 -6.57 0.01
C SER A 52 -0.40 -5.83 -0.01
N ILE A 53 -0.21 -4.93 0.97
CA ILE A 53 1.06 -4.20 1.19
C ILE A 53 2.22 -5.17 1.48
N LYS A 54 2.04 -6.06 2.48
CA LYS A 54 3.08 -7.03 2.89
C LYS A 54 3.44 -7.98 1.71
N ALA A 55 2.41 -8.36 0.93
CA ALA A 55 2.57 -9.16 -0.29
C ALA A 55 3.36 -8.39 -1.37
N LEU A 56 3.12 -7.07 -1.48
CA LEU A 56 3.87 -6.18 -2.39
C LEU A 56 5.31 -5.94 -1.90
N VAL A 57 5.56 -5.98 -0.58
CA VAL A 57 6.94 -5.92 -0.03
C VAL A 57 7.70 -7.23 -0.35
N GLN A 58 6.94 -8.36 -0.34
CA GLN A 58 7.42 -9.69 -0.76
C GLN A 58 7.70 -9.71 -2.29
N ASN A 59 6.84 -9.04 -3.10
CA ASN A 59 7.06 -8.87 -4.57
C ASN A 59 8.00 -7.68 -4.87
N ASP A 60 8.49 -7.03 -3.79
CA ASP A 60 9.47 -5.92 -3.84
C ASP A 60 8.90 -4.64 -4.53
N THR A 61 7.57 -4.58 -4.71
CA THR A 61 6.86 -3.40 -5.26
C THR A 61 6.85 -2.22 -4.25
N LEU A 62 6.70 -2.55 -2.94
CA LEU A 62 6.70 -1.55 -1.85
C LEU A 62 7.93 -1.70 -0.92
N LEU A 63 8.37 -0.56 -0.37
CA LEU A 63 9.47 -0.48 0.63
C LEU A 63 8.87 -0.31 2.04
N GLN A 64 9.20 -1.25 2.94
CA GLN A 64 8.77 -1.21 4.36
C GLN A 64 9.65 -0.20 5.14
N VAL A 65 9.11 1.00 5.35
CA VAL A 65 9.80 2.13 6.02
C VAL A 65 9.43 2.16 7.53
N LYS A 66 10.36 1.72 8.39
CA LYS A 66 10.19 1.73 9.87
C LYS A 66 11.54 1.99 10.59
N GLY A 67 11.45 2.58 11.79
CA GLY A 67 12.63 3.09 12.53
C GLY A 67 12.51 4.58 12.85
N THR A 68 11.65 5.28 12.08
CA THR A 68 11.34 6.73 12.27
C THR A 68 10.18 6.95 13.29
N GLY A 69 9.88 5.90 14.09
CA GLY A 69 8.77 5.88 15.05
C GLY A 69 8.14 4.50 15.15
N ALA A 70 7.24 4.30 16.15
CA ALA A 70 6.50 3.03 16.33
C ALA A 70 5.31 2.93 15.35
N ASN A 71 5.64 2.81 14.05
CA ASN A 71 4.66 2.80 12.95
C ASN A 71 5.29 2.19 11.68
N GLY A 72 4.50 1.38 10.96
CA GLY A 72 4.89 0.85 9.64
C GLY A 72 4.48 1.80 8.51
N SER A 73 5.42 2.61 8.01
CA SER A 73 5.22 3.44 6.80
C SER A 73 5.66 2.65 5.55
N PHE A 74 5.13 3.00 4.37
CA PHE A 74 5.36 2.24 3.10
C PHE A 74 5.38 3.20 1.89
N LYS A 75 6.28 2.95 0.92
CA LYS A 75 6.41 3.76 -0.32
C LYS A 75 6.63 2.88 -1.57
N LEU A 76 6.54 3.49 -2.76
CA LEU A 76 6.75 2.80 -4.07
C LEU A 76 8.26 2.63 -4.38
N ASN A 77 8.63 1.52 -5.05
CA ASN A 77 9.98 1.31 -5.62
C ASN A 77 10.11 1.88 -7.06
N ARG A 78 9.04 2.60 -7.50
CA ARG A 78 8.91 3.22 -8.85
C ARG A 78 8.60 2.18 -9.96
N LYS A 79 9.66 1.52 -10.49
CA LYS A 79 9.57 0.71 -11.74
C LYS A 79 9.20 -0.79 -11.47
N LYS A 80 9.11 -1.17 -10.18
CA LYS A 80 8.66 -2.52 -9.76
C LYS A 80 7.12 -2.54 -9.50
N LEU A 81 6.43 -1.53 -10.05
CA LEU A 81 4.97 -1.25 -9.86
C LEU A 81 4.09 -2.48 -10.21
N GLU A 82 4.26 -2.98 -11.44
CA GLU A 82 3.43 -4.07 -12.00
C GLU A 82 3.92 -5.47 -11.53
N GLY A 83 5.08 -5.51 -10.84
CA GLY A 83 5.67 -6.76 -10.34
C GLY A 83 6.24 -7.64 -11.45
N SER A 1 -12.43 -13.48 -14.48
CA SER A 1 -12.47 -14.95 -14.22
C SER A 1 -11.50 -15.35 -13.07
N HIS A 2 -11.39 -14.46 -12.05
CA HIS A 2 -10.51 -14.67 -10.85
C HIS A 2 -8.98 -14.74 -11.20
N MET A 3 -8.15 -15.11 -10.19
CA MET A 3 -6.67 -15.17 -10.31
C MET A 3 -6.04 -13.75 -10.52
N GLN A 4 -6.76 -12.71 -10.07
CA GLN A 4 -6.30 -11.30 -10.14
C GLN A 4 -5.23 -11.01 -9.04
N PRO A 5 -4.19 -10.14 -9.31
CA PRO A 5 -3.04 -9.91 -8.38
C PRO A 5 -3.39 -9.05 -7.12
N GLY A 6 -4.68 -8.65 -7.00
CA GLY A 6 -5.15 -7.88 -5.84
C GLY A 6 -5.57 -6.46 -6.19
N LYS A 7 -6.88 -6.16 -6.08
CA LYS A 7 -7.43 -4.82 -6.36
C LYS A 7 -7.13 -3.82 -5.21
N TYR A 8 -7.02 -4.33 -3.97
CA TYR A 8 -6.52 -3.54 -2.81
C TYR A 8 -5.01 -3.28 -2.94
N SER A 9 -4.28 -4.25 -3.53
CA SER A 9 -2.82 -4.10 -3.82
C SER A 9 -2.56 -2.91 -4.77
N GLN A 10 -3.36 -2.84 -5.85
CA GLN A 10 -3.32 -1.74 -6.83
C GLN A 10 -3.68 -0.39 -6.16
N LEU A 11 -4.71 -0.44 -5.28
CA LEU A 11 -5.21 0.75 -4.55
C LEU A 11 -4.12 1.39 -3.63
N VAL A 12 -3.28 0.55 -3.00
CA VAL A 12 -2.13 1.04 -2.18
C VAL A 12 -1.12 1.83 -3.04
N VAL A 13 -0.77 1.24 -4.21
CA VAL A 13 0.14 1.86 -5.20
C VAL A 13 -0.38 3.26 -5.64
N GLU A 14 -1.70 3.32 -5.91
CA GLU A 14 -2.40 4.57 -6.27
C GLU A 14 -2.34 5.61 -5.13
N THR A 15 -2.65 5.15 -3.90
CA THR A 15 -2.70 6.02 -2.68
C THR A 15 -1.37 6.76 -2.42
N ILE A 16 -0.25 6.01 -2.41
CA ILE A 16 1.10 6.56 -2.14
C ILE A 16 1.52 7.57 -3.26
N ARG A 17 1.07 7.30 -4.50
CA ARG A 17 1.28 8.18 -5.67
C ARG A 17 0.52 9.53 -5.49
N ARG A 18 -0.77 9.45 -5.07
CA ARG A 18 -1.65 10.64 -4.84
C ARG A 18 -1.09 11.54 -3.71
N LEU A 19 -0.53 10.88 -2.68
CA LEU A 19 0.11 11.55 -1.53
C LEU A 19 1.49 12.14 -1.88
N GLY A 20 2.21 11.44 -2.78
CA GLY A 20 3.58 11.83 -3.17
C GLY A 20 4.60 11.62 -2.05
N GLU A 21 4.42 10.53 -1.28
CA GLU A 21 5.31 10.19 -0.15
C GLU A 21 6.59 9.47 -0.62
N ARG A 22 7.70 10.23 -0.70
CA ARG A 22 9.03 9.71 -1.12
C ARG A 22 9.78 9.04 0.06
N ASN A 23 9.43 9.43 1.30
CA ASN A 23 9.98 8.82 2.52
C ASN A 23 9.11 7.58 2.92
N GLY A 24 7.79 7.68 2.67
CA GLY A 24 6.85 6.57 2.96
C GLY A 24 5.60 7.01 3.71
N SER A 25 4.45 6.37 3.38
CA SER A 25 3.15 6.61 4.06
C SER A 25 2.77 5.35 4.89
N SER A 26 2.47 5.53 6.19
CA SER A 26 2.13 4.41 7.10
C SER A 26 0.82 3.71 6.71
N LEU A 27 0.60 2.48 7.23
CA LEU A 27 -0.65 1.69 6.99
C LEU A 27 -1.92 2.49 7.38
N ALA A 28 -1.81 3.31 8.44
CA ALA A 28 -2.89 4.22 8.88
C ALA A 28 -3.16 5.33 7.83
N LYS A 29 -2.07 5.93 7.31
CA LYS A 29 -2.13 7.02 6.31
C LYS A 29 -2.74 6.52 4.97
N ILE A 30 -2.24 5.35 4.51
CA ILE A 30 -2.71 4.67 3.29
C ILE A 30 -4.20 4.30 3.41
N TYR A 31 -4.59 3.75 4.57
CA TYR A 31 -5.99 3.34 4.86
C TYR A 31 -6.96 4.54 4.74
N THR A 32 -6.56 5.69 5.30
CA THR A 32 -7.40 6.91 5.34
C THR A 32 -7.77 7.44 3.93
N GLU A 33 -6.83 7.33 2.99
CA GLU A 33 -7.03 7.76 1.59
C GLU A 33 -7.63 6.64 0.71
N ALA A 34 -7.43 5.39 1.13
CA ALA A 34 -7.93 4.19 0.42
C ALA A 34 -9.40 3.84 0.80
N LYS A 35 -9.87 4.32 1.98
CA LYS A 35 -11.24 4.02 2.47
C LYS A 35 -12.34 4.88 1.81
N LYS A 36 -11.94 5.78 0.89
CA LYS A 36 -12.85 6.71 0.19
C LYS A 36 -13.61 6.07 -1.01
N VAL A 37 -13.09 4.93 -1.51
CA VAL A 37 -13.61 4.29 -2.75
C VAL A 37 -14.92 3.46 -2.44
N PRO A 38 -15.95 3.46 -3.35
CA PRO A 38 -17.26 2.78 -3.10
C PRO A 38 -17.11 1.25 -2.86
N TRP A 39 -16.16 0.62 -3.56
CA TRP A 39 -15.95 -0.85 -3.51
C TRP A 39 -15.14 -1.30 -2.27
N PHE A 40 -14.50 -0.34 -1.59
CA PHE A 40 -13.69 -0.62 -0.38
C PHE A 40 -14.55 -1.18 0.78
N ASP A 41 -14.00 -2.15 1.52
CA ASP A 41 -14.66 -2.75 2.70
C ASP A 41 -14.14 -2.10 4.01
N GLN A 42 -15.03 -1.39 4.75
CA GLN A 42 -14.65 -0.75 6.04
C GLN A 42 -14.57 -1.75 7.22
N GLN A 43 -14.97 -3.01 6.97
CA GLN A 43 -14.96 -4.08 7.99
C GLN A 43 -13.59 -4.80 8.01
N ASN A 44 -13.28 -5.53 6.93
CA ASN A 44 -12.04 -6.35 6.81
C ASN A 44 -10.98 -5.67 5.91
N GLY A 45 -11.30 -4.49 5.35
CA GLY A 45 -10.40 -3.78 4.42
C GLY A 45 -9.08 -3.32 5.03
N ARG A 46 -9.04 -3.15 6.38
CA ARG A 46 -7.78 -2.89 7.12
C ARG A 46 -6.83 -4.11 7.03
N THR A 47 -7.41 -5.32 7.18
CA THR A 47 -6.70 -6.59 7.01
C THR A 47 -6.26 -6.79 5.54
N TYR A 48 -7.13 -6.41 4.59
CA TYR A 48 -6.86 -6.51 3.13
C TYR A 48 -5.69 -5.60 2.70
N LEU A 49 -5.64 -4.35 3.18
CA LEU A 49 -4.52 -3.42 2.90
C LEU A 49 -3.23 -3.89 3.60
N LYS A 50 -3.34 -4.40 4.83
CA LYS A 50 -2.21 -4.97 5.61
C LYS A 50 -1.58 -6.17 4.85
N TYR A 51 -2.46 -7.03 4.30
CA TYR A 51 -2.05 -8.26 3.57
C TYR A 51 -1.49 -7.90 2.18
N SER A 52 -2.11 -6.91 1.52
CA SER A 52 -1.68 -6.40 0.20
C SER A 52 -0.27 -5.80 0.28
N ILE A 53 -0.06 -4.89 1.25
CA ILE A 53 1.25 -4.25 1.51
C ILE A 53 2.35 -5.29 1.82
N LYS A 54 2.03 -6.27 2.69
CA LYS A 54 2.97 -7.36 3.07
C LYS A 54 3.36 -8.19 1.83
N ALA A 55 2.36 -8.49 0.99
CA ALA A 55 2.54 -9.22 -0.28
C ALA A 55 3.32 -8.37 -1.33
N LEU A 56 3.12 -7.04 -1.32
CA LEU A 56 3.80 -6.12 -2.27
C LEU A 56 5.27 -5.87 -1.89
N VAL A 57 5.60 -5.93 -0.59
CA VAL A 57 7.01 -5.87 -0.13
C VAL A 57 7.75 -7.18 -0.53
N GLN A 58 7.00 -8.31 -0.51
CA GLN A 58 7.47 -9.62 -1.01
C GLN A 58 7.69 -9.57 -2.55
N ASN A 59 6.75 -8.92 -3.27
CA ASN A 59 6.81 -8.76 -4.75
C ASN A 59 7.70 -7.56 -5.17
N ASP A 60 8.33 -6.89 -4.18
CA ASP A 60 9.30 -5.78 -4.37
C ASP A 60 8.66 -4.51 -5.00
N THR A 61 7.32 -4.42 -4.90
CA THR A 61 6.54 -3.22 -5.30
C THR A 61 6.66 -2.09 -4.26
N LEU A 62 6.68 -2.47 -2.96
CA LEU A 62 6.80 -1.50 -1.83
C LEU A 62 8.11 -1.70 -1.03
N LEU A 63 8.56 -0.60 -0.39
CA LEU A 63 9.71 -0.59 0.54
C LEU A 63 9.20 -0.27 1.97
N GLN A 64 9.61 -1.10 2.96
CA GLN A 64 9.26 -0.87 4.38
C GLN A 64 10.23 0.16 5.02
N VAL A 65 9.65 1.10 5.77
CA VAL A 65 10.37 2.22 6.41
C VAL A 65 10.00 2.28 7.92
N LYS A 66 10.97 2.66 8.74
CA LYS A 66 10.78 2.91 10.18
C LYS A 66 11.58 4.15 10.63
N GLY A 67 11.31 4.62 11.86
CA GLY A 67 11.87 5.90 12.37
C GLY A 67 10.85 7.03 12.33
N THR A 68 9.95 6.97 11.35
CA THR A 68 8.81 7.91 11.19
C THR A 68 7.60 7.47 12.06
N GLY A 69 7.15 6.20 11.86
CA GLY A 69 6.01 5.64 12.58
C GLY A 69 6.29 4.23 13.15
N ALA A 70 5.63 3.89 14.28
CA ALA A 70 5.83 2.60 15.01
C ALA A 70 5.48 1.35 14.15
N ASN A 71 4.30 1.40 13.51
CA ASN A 71 3.78 0.28 12.67
C ASN A 71 4.45 0.23 11.27
N GLY A 72 5.32 1.20 10.97
CA GLY A 72 6.06 1.25 9.70
C GLY A 72 5.37 2.09 8.62
N SER A 73 6.18 2.85 7.86
CA SER A 73 5.73 3.59 6.66
C SER A 73 6.11 2.83 5.38
N PHE A 74 5.32 3.00 4.31
CA PHE A 74 5.43 2.18 3.07
C PHE A 74 5.36 3.10 1.82
N LYS A 75 6.30 2.89 0.89
CA LYS A 75 6.45 3.74 -0.32
C LYS A 75 6.66 2.89 -1.59
N LEU A 76 6.51 3.53 -2.76
CA LEU A 76 6.70 2.89 -4.08
C LEU A 76 8.21 2.63 -4.35
N ASN A 77 8.56 1.40 -4.74
CA ASN A 77 9.96 1.00 -4.98
C ASN A 77 10.44 1.51 -6.37
N ARG A 78 11.18 2.62 -6.36
CA ARG A 78 11.77 3.22 -7.58
C ARG A 78 13.25 2.73 -7.79
N LYS A 79 13.78 1.98 -6.80
CA LYS A 79 15.23 1.60 -6.75
C LYS A 79 15.44 0.09 -6.46
N LYS A 80 14.55 -0.79 -6.98
CA LYS A 80 14.68 -2.26 -6.83
C LYS A 80 16.04 -2.77 -7.39
N LEU A 81 16.61 -1.97 -8.30
CA LEU A 81 17.93 -2.21 -8.94
C LEU A 81 19.04 -2.20 -7.84
N GLU A 82 18.98 -1.19 -6.96
CA GLU A 82 19.93 -1.00 -5.85
C GLU A 82 19.31 -1.39 -4.47
N GLY A 83 18.20 -2.17 -4.52
CA GLY A 83 17.51 -2.64 -3.32
C GLY A 83 18.27 -3.78 -2.61
N SER A 1 -7.59 -12.80 -12.36
CA SER A 1 -6.21 -12.86 -11.78
C SER A 1 -5.13 -12.63 -12.85
N HIS A 2 -5.38 -13.14 -14.08
CA HIS A 2 -4.44 -13.04 -15.22
C HIS A 2 -4.13 -11.58 -15.62
N MET A 3 -5.16 -10.73 -15.71
CA MET A 3 -5.01 -9.31 -16.08
C MET A 3 -4.53 -8.47 -14.87
N GLN A 4 -5.41 -8.34 -13.85
CA GLN A 4 -5.14 -7.60 -12.60
C GLN A 4 -5.27 -8.56 -11.39
N PRO A 5 -4.14 -8.98 -10.73
CA PRO A 5 -4.17 -9.92 -9.58
C PRO A 5 -4.94 -9.37 -8.34
N GLY A 6 -4.63 -8.12 -7.93
CA GLY A 6 -5.19 -7.52 -6.72
C GLY A 6 -5.63 -6.06 -6.91
N LYS A 7 -6.94 -5.80 -6.73
CA LYS A 7 -7.53 -4.44 -6.83
C LYS A 7 -7.21 -3.61 -5.56
N TYR A 8 -7.19 -4.30 -4.39
CA TYR A 8 -6.73 -3.72 -3.09
C TYR A 8 -5.22 -3.39 -3.15
N SER A 9 -4.45 -4.29 -3.78
CA SER A 9 -2.99 -4.11 -4.01
C SER A 9 -2.69 -2.85 -4.86
N GLN A 10 -3.43 -2.72 -5.97
CA GLN A 10 -3.35 -1.56 -6.89
C GLN A 10 -3.86 -0.25 -6.20
N LEU A 11 -4.86 -0.40 -5.30
CA LEU A 11 -5.39 0.71 -4.47
C LEU A 11 -4.29 1.31 -3.55
N VAL A 12 -3.46 0.44 -2.95
CA VAL A 12 -2.31 0.86 -2.11
C VAL A 12 -1.27 1.65 -2.95
N VAL A 13 -0.93 1.11 -4.14
CA VAL A 13 0.01 1.75 -5.11
C VAL A 13 -0.46 3.19 -5.48
N GLU A 14 -1.77 3.32 -5.76
CA GLU A 14 -2.44 4.61 -6.01
C GLU A 14 -2.35 5.55 -4.80
N THR A 15 -2.73 5.04 -3.61
CA THR A 15 -2.83 5.85 -2.36
C THR A 15 -1.49 6.53 -1.99
N ILE A 16 -0.40 5.74 -1.99
CA ILE A 16 0.96 6.23 -1.65
C ILE A 16 1.42 7.35 -2.63
N ARG A 17 1.11 7.14 -3.92
CA ARG A 17 1.42 8.10 -5.00
C ARG A 17 0.58 9.41 -4.86
N ARG A 18 -0.72 9.26 -4.52
CA ARG A 18 -1.68 10.39 -4.40
C ARG A 18 -1.38 11.27 -3.16
N LEU A 19 -0.82 10.64 -2.10
CA LEU A 19 -0.29 11.35 -0.91
C LEU A 19 0.98 12.18 -1.25
N GLY A 20 1.68 11.78 -2.32
CA GLY A 20 2.95 12.42 -2.71
C GLY A 20 4.12 12.02 -1.79
N GLU A 21 4.03 10.81 -1.22
CA GLU A 21 5.04 10.31 -0.27
C GLU A 21 6.31 9.80 -0.99
N ARG A 22 7.30 10.71 -1.12
CA ARG A 22 8.66 10.37 -1.57
C ARG A 22 9.42 9.61 -0.46
N ASN A 23 9.03 9.87 0.80
CA ASN A 23 9.59 9.19 1.99
C ASN A 23 8.89 7.82 2.24
N GLY A 24 7.55 7.84 2.39
CA GLY A 24 6.77 6.62 2.62
C GLY A 24 5.48 6.86 3.40
N SER A 25 4.40 6.14 3.04
CA SER A 25 3.07 6.23 3.67
C SER A 25 2.90 5.13 4.74
N SER A 26 2.65 5.50 6.00
CA SER A 26 2.32 4.52 7.08
C SER A 26 0.96 3.84 6.81
N LEU A 27 0.69 2.71 7.48
CA LEU A 27 -0.60 1.97 7.34
C LEU A 27 -1.82 2.88 7.68
N ALA A 28 -1.61 3.85 8.61
CA ALA A 28 -2.62 4.89 8.95
C ALA A 28 -2.90 5.81 7.74
N LYS A 29 -1.81 6.37 7.15
CA LYS A 29 -1.88 7.24 5.94
C LYS A 29 -2.57 6.54 4.74
N ILE A 30 -2.22 5.25 4.55
CA ILE A 30 -2.75 4.42 3.44
C ILE A 30 -4.26 4.17 3.63
N TYR A 31 -4.66 3.73 4.83
CA TYR A 31 -6.08 3.46 5.15
C TYR A 31 -6.97 4.70 4.97
N THR A 32 -6.48 5.88 5.42
CA THR A 32 -7.23 7.16 5.37
C THR A 32 -7.76 7.50 3.95
N GLU A 33 -6.93 7.27 2.92
CA GLU A 33 -7.32 7.54 1.51
C GLU A 33 -8.01 6.31 0.86
N ALA A 34 -7.67 5.11 1.36
CA ALA A 34 -8.22 3.84 0.84
C ALA A 34 -9.66 3.58 1.33
N LYS A 35 -10.09 4.27 2.41
CA LYS A 35 -11.49 4.18 2.92
C LYS A 35 -12.45 5.16 2.18
N LYS A 36 -12.00 5.73 1.04
CA LYS A 36 -12.75 6.75 0.27
C LYS A 36 -13.21 6.20 -1.11
N VAL A 37 -13.31 4.87 -1.26
CA VAL A 37 -13.69 4.22 -2.56
C VAL A 37 -15.06 3.50 -2.44
N PRO A 38 -15.97 3.59 -3.47
CA PRO A 38 -17.35 2.97 -3.44
C PRO A 38 -17.35 1.44 -3.22
N TRP A 39 -16.30 0.75 -3.70
CA TRP A 39 -16.19 -0.73 -3.64
C TRP A 39 -15.45 -1.22 -2.37
N PHE A 40 -14.81 -0.30 -1.63
CA PHE A 40 -14.00 -0.64 -0.44
C PHE A 40 -14.88 -1.14 0.74
N ASP A 41 -14.44 -2.24 1.38
CA ASP A 41 -15.09 -2.81 2.57
C ASP A 41 -14.53 -2.13 3.86
N GLN A 42 -15.38 -1.41 4.61
CA GLN A 42 -14.96 -0.61 5.80
C GLN A 42 -14.73 -1.47 7.08
N GLN A 43 -14.93 -2.79 7.00
CA GLN A 43 -14.78 -3.71 8.15
C GLN A 43 -13.45 -4.50 8.06
N ASN A 44 -13.40 -5.47 7.13
CA ASN A 44 -12.25 -6.37 6.92
C ASN A 44 -11.23 -5.77 5.92
N GLY A 45 -11.63 -4.69 5.22
CA GLY A 45 -10.82 -4.07 4.17
C GLY A 45 -9.45 -3.55 4.63
N ARG A 46 -9.34 -3.11 5.90
CA ARG A 46 -8.06 -2.66 6.50
C ARG A 46 -7.04 -3.83 6.62
N THR A 47 -7.54 -5.05 6.93
CA THR A 47 -6.71 -6.29 6.94
C THR A 47 -6.25 -6.64 5.51
N TYR A 48 -7.16 -6.48 4.52
CA TYR A 48 -6.86 -6.75 3.09
C TYR A 48 -5.81 -5.76 2.53
N LEU A 49 -5.88 -4.48 2.97
CA LEU A 49 -4.85 -3.45 2.64
C LEU A 49 -3.48 -3.89 3.18
N LYS A 50 -3.44 -4.17 4.49
CA LYS A 50 -2.22 -4.59 5.24
C LYS A 50 -1.56 -5.84 4.61
N TYR A 51 -2.39 -6.82 4.21
CA TYR A 51 -1.91 -8.09 3.64
C TYR A 51 -1.39 -7.89 2.19
N SER A 52 -2.08 -7.03 1.41
CA SER A 52 -1.62 -6.62 0.07
C SER A 52 -0.27 -5.86 0.13
N ILE A 53 -0.11 -5.01 1.17
CA ILE A 53 1.13 -4.26 1.43
C ILE A 53 2.31 -5.22 1.71
N LYS A 54 2.11 -6.16 2.65
CA LYS A 54 3.14 -7.18 3.01
C LYS A 54 3.51 -8.06 1.79
N ALA A 55 2.50 -8.38 0.96
CA ALA A 55 2.67 -9.12 -0.30
C ALA A 55 3.51 -8.31 -1.34
N LEU A 56 3.31 -6.98 -1.37
CA LEU A 56 4.07 -6.07 -2.26
C LEU A 56 5.52 -5.84 -1.78
N VAL A 57 5.74 -5.87 -0.44
CA VAL A 57 7.09 -5.81 0.16
C VAL A 57 7.86 -7.13 -0.16
N GLN A 58 7.12 -8.25 -0.16
CA GLN A 58 7.63 -9.59 -0.54
C GLN A 58 8.05 -9.59 -2.04
N ASN A 59 7.23 -8.97 -2.90
CA ASN A 59 7.49 -8.88 -4.37
C ASN A 59 8.42 -7.70 -4.74
N ASP A 60 8.89 -6.95 -3.72
CA ASP A 60 9.75 -5.74 -3.88
C ASP A 60 9.06 -4.60 -4.66
N THR A 61 7.72 -4.63 -4.77
CA THR A 61 6.92 -3.51 -5.35
C THR A 61 6.93 -2.29 -4.40
N LEU A 62 6.94 -2.57 -3.07
CA LEU A 62 7.07 -1.53 -2.03
C LEU A 62 8.40 -1.66 -1.26
N LEU A 63 8.89 -0.52 -0.75
CA LEU A 63 10.04 -0.43 0.17
C LEU A 63 9.53 -0.24 1.61
N GLN A 64 9.97 -1.13 2.51
CA GLN A 64 9.64 -1.07 3.94
C GLN A 64 10.47 0.05 4.62
N VAL A 65 9.86 1.22 4.75
CA VAL A 65 10.47 2.40 5.42
C VAL A 65 10.15 2.31 6.94
N LYS A 66 10.70 1.25 7.57
CA LYS A 66 10.41 0.85 8.97
C LYS A 66 10.69 2.00 9.98
N GLY A 67 9.86 2.08 11.03
CA GLY A 67 9.87 3.23 11.96
C GLY A 67 9.37 4.51 11.26
N THR A 68 10.25 5.52 11.21
CA THR A 68 10.05 6.78 10.43
C THR A 68 8.75 7.53 10.87
N GLY A 69 8.58 7.70 12.19
CA GLY A 69 7.38 8.34 12.76
C GLY A 69 6.14 7.42 12.79
N ALA A 70 6.38 6.09 12.77
CA ALA A 70 5.31 5.06 12.75
C ALA A 70 5.87 3.67 13.14
N ASN A 71 5.03 2.62 13.00
CA ASN A 71 5.48 1.21 13.03
C ASN A 71 6.34 0.91 11.77
N GLY A 72 5.80 1.34 10.61
CA GLY A 72 6.45 1.15 9.32
C GLY A 72 5.74 1.93 8.22
N SER A 73 6.48 2.82 7.54
CA SER A 73 6.00 3.54 6.34
C SER A 73 6.31 2.71 5.07
N PHE A 74 5.61 2.98 3.95
CA PHE A 74 5.73 2.17 2.70
C PHE A 74 5.64 3.07 1.45
N LYS A 75 6.58 2.90 0.49
CA LYS A 75 6.61 3.70 -0.77
C LYS A 75 6.88 2.82 -1.99
N LEU A 76 6.68 3.39 -3.19
CA LEU A 76 6.86 2.69 -4.48
C LEU A 76 8.36 2.49 -4.80
N ASN A 77 8.80 1.22 -4.96
CA ASN A 77 10.23 0.87 -5.16
C ASN A 77 10.67 1.09 -6.64
N ARG A 78 11.89 1.63 -6.79
CA ARG A 78 12.47 2.04 -8.09
C ARG A 78 13.19 0.87 -8.78
N LYS A 79 12.90 0.67 -10.09
CA LYS A 79 13.68 -0.21 -11.00
C LYS A 79 13.79 -1.68 -10.50
N LYS A 80 12.75 -2.14 -9.76
CA LYS A 80 12.64 -3.55 -9.30
C LYS A 80 12.35 -4.56 -10.46
N LEU A 81 12.36 -4.04 -11.70
CA LEU A 81 12.45 -4.84 -12.93
C LEU A 81 13.77 -5.66 -12.98
N GLU A 82 14.89 -5.02 -12.58
CA GLU A 82 16.25 -5.62 -12.55
C GLU A 82 16.79 -5.98 -13.97
N GLY A 83 16.28 -5.29 -15.00
CA GLY A 83 16.74 -5.48 -16.39
C GLY A 83 16.16 -6.72 -17.06
#